data_7A02
#
_entry.id   7A02
#
_cell.length_a   1.00
_cell.length_b   1.00
_cell.length_c   1.00
_cell.angle_alpha   90.00
_cell.angle_beta   90.00
_cell.angle_gamma   90.00
#
_symmetry.space_group_name_H-M   'P 1'
#
_entity_poly.entity_id   1
_entity_poly.type   'polypeptide(L)'
_entity_poly.pdbx_seq_one_letter_code
;MGNCSTNLSCCANGQKTIVQDKVCIDWTAAATAAIIYADNISQDIYASGYLKVDTGTGPVTIVFYSGGVTGTAVETIVVA
TGSSASFTVRRFDTVTILGTAAAETGEFCMTIRYTLS
;
_entity_poly.pdbx_strand_id   A,B,C,D,E,F,G,H,I,J,K,L,M,N,O,P,Q,R,S,T,U,V,W
#
# COMPACT_ATOMS: atom_id res chain seq x y z
N THR A 6 -1.76 -8.45 8.26
CA THR A 6 -1.33 -9.53 7.37
C THR A 6 0.11 -9.92 7.65
N ASN A 7 0.57 -9.66 8.88
CA ASN A 7 1.90 -10.02 9.32
C ASN A 7 1.81 -11.14 10.34
N LEU A 8 2.59 -12.19 10.13
CA LEU A 8 2.53 -13.34 11.02
C LEU A 8 3.01 -12.97 12.41
N SER A 9 2.28 -13.45 13.42
CA SER A 9 2.60 -13.16 14.81
C SER A 9 2.22 -14.37 15.64
N CYS A 10 3.10 -14.76 16.55
CA CYS A 10 2.89 -15.94 17.37
C CYS A 10 2.40 -15.46 18.73
N CYS A 11 1.13 -15.05 18.78
CA CYS A 11 0.52 -14.43 19.95
C CYS A 11 -0.59 -15.34 20.45
N ALA A 12 -0.38 -15.96 21.61
CA ALA A 12 -1.32 -16.96 22.11
C ALA A 12 -2.58 -16.31 22.67
N ASN A 13 -2.44 -15.45 23.68
CA ASN A 13 -3.58 -14.74 24.22
C ASN A 13 -4.03 -13.68 23.22
N GLY A 14 -4.49 -14.12 22.06
CA GLY A 14 -4.75 -13.22 20.94
C GLY A 14 -6.16 -12.70 20.91
N GLN A 15 -6.91 -13.06 19.88
CA GLN A 15 -8.27 -12.59 19.74
C GLN A 15 -9.13 -13.10 20.88
N LYS A 16 -10.00 -12.23 21.39
CA LYS A 16 -10.89 -12.56 22.49
C LYS A 16 -12.34 -12.36 22.05
N THR A 17 -13.16 -13.35 22.34
CA THR A 17 -14.57 -13.29 21.99
C THR A 17 -15.40 -12.96 23.21
N ILE A 18 -16.59 -12.43 22.96
CA ILE A 18 -17.53 -12.04 24.00
C ILE A 18 -18.64 -13.07 24.04
N VAL A 19 -18.97 -13.54 25.25
CA VAL A 19 -19.98 -14.56 25.41
C VAL A 19 -21.01 -14.09 26.43
N GLN A 20 -22.20 -14.70 26.35
CA GLN A 20 -23.35 -14.30 27.14
C GLN A 20 -24.02 -15.53 27.76
N ASP A 21 -24.44 -15.37 29.01
CA ASP A 21 -25.11 -16.41 29.77
C ASP A 21 -26.39 -15.82 30.37
N LYS A 22 -27.25 -16.67 30.92
CA LYS A 22 -28.51 -16.22 31.48
C LYS A 22 -28.87 -17.08 32.68
N VAL A 23 -29.47 -16.46 33.70
CA VAL A 23 -29.92 -17.18 34.89
C VAL A 23 -31.26 -16.62 35.34
N CYS A 24 -32.08 -17.50 35.92
CA CYS A 24 -33.41 -17.19 36.38
C CYS A 24 -33.59 -17.91 37.71
N ILE A 25 -34.08 -17.22 38.74
CA ILE A 25 -34.39 -17.88 40.00
C ILE A 25 -35.62 -17.27 40.63
N ASP A 26 -36.17 -18.00 41.60
CA ASP A 26 -37.22 -17.51 42.48
C ASP A 26 -36.67 -17.42 43.89
N TRP A 27 -36.95 -16.32 44.57
CA TRP A 27 -36.34 -16.03 45.85
C TRP A 27 -37.40 -15.73 46.90
N THR A 28 -37.04 -16.05 48.15
CA THR A 28 -37.80 -15.69 49.35
C THR A 28 -36.90 -14.92 50.28
N ALA A 29 -37.36 -13.78 50.77
CA ALA A 29 -36.54 -12.85 51.51
C ALA A 29 -36.87 -12.88 52.99
N ALA A 30 -35.85 -13.05 53.83
CA ALA A 30 -36.00 -12.93 55.27
C ALA A 30 -35.64 -11.52 55.71
N ALA A 31 -35.64 -11.29 57.02
CA ALA A 31 -35.25 -9.98 57.55
C ALA A 31 -33.77 -9.91 57.86
N THR A 32 -32.94 -10.38 56.94
CA THR A 32 -31.49 -10.24 56.98
C THR A 32 -31.01 -10.24 55.54
N ALA A 33 -29.82 -9.68 55.32
CA ALA A 33 -29.26 -9.68 53.98
C ALA A 33 -29.00 -11.11 53.53
N ALA A 34 -29.48 -11.45 52.34
CA ALA A 34 -29.31 -12.80 51.81
C ALA A 34 -28.61 -12.72 50.47
N ILE A 35 -27.59 -13.56 50.28
CA ILE A 35 -26.84 -13.59 49.03
C ILE A 35 -27.69 -14.24 47.96
N ILE A 36 -27.85 -13.55 46.83
CA ILE A 36 -28.68 -14.02 45.73
C ILE A 36 -27.85 -14.31 44.49
N TYR A 37 -26.60 -13.85 44.43
CA TYR A 37 -25.74 -14.06 43.28
C TYR A 37 -24.30 -13.77 43.70
N ALA A 38 -23.36 -14.52 43.15
CA ALA A 38 -21.96 -14.34 43.48
C ALA A 38 -21.09 -14.86 42.35
N ASP A 39 -19.93 -14.23 42.16
CA ASP A 39 -19.01 -14.64 41.12
C ASP A 39 -17.58 -14.38 41.59
N ASN A 40 -16.62 -14.68 40.72
CA ASN A 40 -15.24 -14.31 40.94
C ASN A 40 -14.61 -13.65 39.74
N ILE A 41 -15.36 -13.40 38.67
CA ILE A 41 -14.86 -12.65 37.54
C ILE A 41 -15.29 -11.20 37.70
N SER A 42 -14.73 -10.50 38.68
CA SER A 42 -15.24 -9.19 39.02
C SER A 42 -14.78 -8.10 38.07
N GLN A 43 -13.63 -8.28 37.41
CA GLN A 43 -13.04 -7.20 36.64
C GLN A 43 -13.74 -6.97 35.31
N ASP A 44 -14.21 -8.02 34.66
CA ASP A 44 -14.87 -7.88 33.36
C ASP A 44 -16.20 -8.62 33.41
N ILE A 45 -17.25 -7.91 33.83
CA ILE A 45 -18.58 -8.50 33.84
C ILE A 45 -19.58 -7.38 33.63
N TYR A 46 -20.56 -7.64 32.78
CA TYR A 46 -21.64 -6.70 32.51
C TYR A 46 -22.94 -7.47 32.62
N ALA A 47 -23.86 -7.01 33.44
CA ALA A 47 -25.08 -7.75 33.70
C ALA A 47 -26.28 -6.84 33.58
N SER A 48 -27.32 -7.33 32.88
CA SER A 48 -28.58 -6.65 32.75
C SER A 48 -29.70 -7.57 33.23
N GLY A 49 -30.76 -6.98 33.76
CA GLY A 49 -31.87 -7.79 34.20
C GLY A 49 -32.92 -7.01 34.94
N TYR A 50 -33.80 -7.73 35.64
CA TYR A 50 -34.86 -7.12 36.41
C TYR A 50 -35.07 -7.90 37.71
N LEU A 51 -35.72 -7.24 38.65
CA LEU A 51 -36.19 -7.85 39.88
C LEU A 51 -37.67 -7.54 40.03
N LYS A 52 -38.47 -8.58 40.30
CA LYS A 52 -39.91 -8.45 40.47
C LYS A 52 -40.27 -8.95 41.85
N VAL A 53 -40.98 -8.12 42.61
CA VAL A 53 -41.46 -8.48 43.94
C VAL A 53 -42.90 -8.92 43.79
N ASP A 54 -43.14 -10.21 44.01
CA ASP A 54 -44.44 -10.79 43.70
C ASP A 54 -45.40 -10.68 44.88
N THR A 55 -45.05 -11.27 46.02
CA THR A 55 -45.94 -11.25 47.17
C THR A 55 -45.19 -10.86 48.42
N GLY A 56 -45.94 -10.36 49.39
CA GLY A 56 -45.43 -9.92 50.67
C GLY A 56 -45.86 -8.49 50.94
N THR A 57 -45.22 -7.89 51.93
CA THR A 57 -45.46 -6.49 52.25
C THR A 57 -44.14 -5.80 52.48
N GLY A 58 -44.14 -4.48 52.33
CA GLY A 58 -42.95 -3.70 52.57
C GLY A 58 -41.96 -3.83 51.44
N PRO A 59 -41.16 -2.80 51.23
CA PRO A 59 -40.23 -2.81 50.10
C PRO A 59 -39.10 -3.80 50.30
N VAL A 60 -38.55 -4.24 49.17
CA VAL A 60 -37.39 -5.13 49.16
C VAL A 60 -36.22 -4.36 48.58
N THR A 61 -35.06 -4.45 49.23
CA THR A 61 -33.88 -3.69 48.84
C THR A 61 -32.84 -4.62 48.25
N ILE A 62 -32.38 -4.31 47.05
CA ILE A 62 -31.34 -5.07 46.35
C ILE A 62 -30.07 -4.22 46.31
N VAL A 63 -28.94 -4.83 46.65
CA VAL A 63 -27.67 -4.13 46.72
C VAL A 63 -26.62 -4.93 45.97
N PHE A 64 -25.86 -4.25 45.10
CA PHE A 64 -24.72 -4.84 44.40
C PHE A 64 -23.44 -4.42 45.12
N TYR A 65 -22.58 -5.39 45.40
CA TYR A 65 -21.36 -5.16 46.16
C TYR A 65 -20.15 -5.51 45.32
N SER A 66 -19.16 -4.63 45.35
CA SER A 66 -17.86 -4.85 44.73
C SER A 66 -16.83 -4.97 45.84
N GLY A 67 -16.30 -6.18 46.03
CA GLY A 67 -15.34 -6.39 47.08
C GLY A 67 -15.97 -7.01 48.32
N GLY A 68 -16.83 -7.99 48.13
CA GLY A 68 -17.48 -8.65 49.24
C GLY A 68 -18.64 -7.85 49.79
N VAL A 69 -19.35 -8.47 50.73
CA VAL A 69 -20.52 -7.83 51.32
C VAL A 69 -20.11 -6.59 52.10
N THR A 70 -18.94 -6.63 52.73
CA THR A 70 -18.38 -5.47 53.41
C THR A 70 -17.47 -4.72 52.46
N GLY A 71 -18.01 -4.41 51.29
CA GLY A 71 -17.26 -3.72 50.27
C GLY A 71 -17.82 -2.36 49.96
N THR A 72 -18.18 -2.12 48.71
CA THR A 72 -18.70 -0.83 48.29
C THR A 72 -20.01 -1.05 47.54
N ALA A 73 -21.07 -0.39 47.99
CA ALA A 73 -22.37 -0.55 47.36
C ALA A 73 -22.41 0.22 46.05
N VAL A 74 -22.00 -0.42 44.96
CA VAL A 74 -21.99 0.26 43.67
C VAL A 74 -23.39 0.58 43.18
N GLU A 75 -24.41 -0.14 43.66
CA GLU A 75 -25.78 0.09 43.24
C GLU A 75 -26.73 -0.40 44.32
N THR A 76 -27.85 0.32 44.48
CA THR A 76 -28.87 -0.03 45.46
C THR A 76 -30.23 0.41 44.94
N ILE A 77 -31.20 -0.50 44.93
CA ILE A 77 -32.55 -0.21 44.45
C ILE A 77 -33.56 -0.71 45.47
N VAL A 78 -34.63 0.06 45.67
CA VAL A 78 -35.72 -0.30 46.58
C VAL A 78 -36.98 -0.48 45.75
N VAL A 79 -37.59 -1.66 45.85
CA VAL A 79 -38.72 -2.04 45.00
C VAL A 79 -39.93 -2.31 45.89
N ALA A 80 -41.07 -1.71 45.53
CA ALA A 80 -42.31 -1.95 46.24
C ALA A 80 -42.96 -3.25 45.78
N THR A 81 -43.93 -3.71 46.55
CA THR A 81 -44.61 -4.96 46.25
C THR A 81 -45.57 -4.77 45.09
N GLY A 82 -45.57 -5.70 44.15
CA GLY A 82 -46.41 -5.62 42.99
C GLY A 82 -45.83 -4.86 41.83
N SER A 83 -44.57 -4.44 41.91
CA SER A 83 -43.90 -3.71 40.85
C SER A 83 -42.53 -4.34 40.59
N SER A 84 -41.81 -3.80 39.62
CA SER A 84 -40.54 -4.36 39.18
C SER A 84 -39.53 -3.24 38.99
N ALA A 85 -38.27 -3.62 38.82
CA ALA A 85 -37.23 -2.64 38.52
C ALA A 85 -36.09 -3.31 37.78
N SER A 86 -35.57 -2.67 36.75
CA SER A 86 -34.54 -3.23 35.90
C SER A 86 -33.21 -2.50 36.13
N PHE A 87 -32.14 -3.08 35.56
CA PHE A 87 -30.81 -2.54 35.81
C PHE A 87 -29.82 -3.09 34.80
N THR A 88 -28.67 -2.41 34.71
CA THR A 88 -27.45 -2.94 34.11
C THR A 88 -26.26 -2.39 34.88
N VAL A 89 -25.30 -3.26 35.21
CA VAL A 89 -24.22 -2.95 36.15
C VAL A 89 -22.96 -3.66 35.69
N ARG A 90 -21.80 -3.05 35.99
CA ARG A 90 -20.52 -3.67 35.75
C ARG A 90 -19.67 -3.62 37.02
N ARG A 91 -18.63 -4.44 37.04
CA ARG A 91 -17.73 -4.58 38.19
C ARG A 91 -18.49 -4.66 39.51
N PHE A 92 -19.14 -5.80 39.71
CA PHE A 92 -19.72 -6.14 41.01
C PHE A 92 -19.33 -7.57 41.36
N ASP A 93 -19.35 -7.86 42.65
CA ASP A 93 -18.88 -9.13 43.15
C ASP A 93 -20.00 -9.98 43.73
N THR A 94 -20.92 -9.40 44.48
CA THR A 94 -22.05 -10.14 45.03
C THR A 94 -23.31 -9.29 44.91
N VAL A 95 -24.45 -9.94 45.07
CA VAL A 95 -25.75 -9.26 45.14
C VAL A 95 -26.49 -9.77 46.35
N THR A 96 -27.10 -8.86 47.11
CA THR A 96 -27.86 -9.26 48.29
C THR A 96 -29.24 -8.63 48.26
N ILE A 97 -30.21 -9.34 48.82
CA ILE A 97 -31.57 -8.87 48.96
C ILE A 97 -31.94 -8.82 50.44
N LEU A 98 -32.71 -7.79 50.79
CA LEU A 98 -33.16 -7.55 52.15
C LEU A 98 -34.65 -7.27 52.13
N GLY A 99 -35.40 -7.94 53.00
CA GLY A 99 -36.83 -7.77 53.08
C GLY A 99 -37.32 -7.75 54.52
N THR A 100 -38.57 -7.35 54.67
CA THR A 100 -39.22 -7.36 55.97
C THR A 100 -39.38 -8.79 56.44
N ALA A 101 -39.63 -8.98 57.75
CA ALA A 101 -39.83 -10.32 58.29
C ALA A 101 -41.25 -10.81 58.02
N ALA A 102 -41.65 -10.70 56.75
CA ALA A 102 -42.92 -11.22 56.28
C ALA A 102 -42.74 -12.20 55.14
N ALA A 103 -41.49 -12.54 54.79
CA ALA A 103 -41.17 -13.53 53.77
C ALA A 103 -41.80 -13.17 52.43
N GLU A 104 -41.40 -12.01 51.91
CA GLU A 104 -41.76 -11.67 50.54
C GLU A 104 -41.10 -12.64 49.58
N THR A 105 -41.71 -12.83 48.42
CA THR A 105 -41.12 -13.70 47.42
C THR A 105 -41.33 -13.10 46.04
N GLY A 106 -40.44 -13.50 45.14
CA GLY A 106 -40.45 -12.96 43.80
C GLY A 106 -39.47 -13.66 42.89
N GLU A 107 -39.16 -13.02 41.77
CA GLU A 107 -38.30 -13.58 40.74
C GLU A 107 -37.04 -12.76 40.57
N PHE A 108 -36.09 -13.30 39.81
CA PHE A 108 -34.84 -12.60 39.54
C PHE A 108 -34.22 -13.16 38.27
N CYS A 109 -34.09 -12.34 37.25
CA CYS A 109 -33.54 -12.73 35.95
C CYS A 109 -32.35 -11.87 35.62
N MET A 110 -31.31 -12.47 35.03
CA MET A 110 -30.11 -11.72 34.72
C MET A 110 -29.35 -12.35 33.56
N THR A 111 -28.95 -11.53 32.59
CA THR A 111 -28.06 -11.94 31.52
C THR A 111 -26.68 -11.33 31.74
N ILE A 112 -25.65 -12.14 31.50
CA ILE A 112 -24.29 -11.83 31.90
C ILE A 112 -23.39 -11.89 30.68
N ARG A 113 -22.58 -10.85 30.48
CA ARG A 113 -21.62 -10.79 29.39
C ARG A 113 -20.20 -10.84 29.95
N TYR A 114 -19.35 -11.68 29.37
CA TYR A 114 -17.95 -11.61 29.71
C TYR A 114 -17.12 -11.93 28.48
N THR A 115 -16.04 -11.17 28.31
CA THR A 115 -15.19 -11.23 27.13
C THR A 115 -13.98 -12.12 27.33
N LEU A 116 -14.18 -13.35 27.81
CA LEU A 116 -13.05 -14.24 28.00
C LEU A 116 -13.13 -15.47 27.11
N SER A 117 -14.18 -16.26 27.22
CA SER A 117 -14.31 -17.48 26.45
C SER A 117 -15.73 -18.01 26.53
N THR B 6 -0.96 -2.03 9.39
CA THR B 6 -0.18 -3.25 9.23
C THR B 6 1.14 -3.16 9.99
N ASN B 7 1.16 -2.33 11.03
CA ASN B 7 2.32 -2.16 11.89
C ASN B 7 2.02 -2.76 13.25
N LEU B 8 2.92 -3.59 13.75
CA LEU B 8 2.70 -4.25 15.02
C LEU B 8 2.68 -3.25 16.16
N SER B 9 1.72 -3.43 17.06
CA SER B 9 1.55 -2.53 18.20
C SER B 9 1.05 -3.34 19.37
N CYS B 10 1.63 -3.12 20.54
CA CYS B 10 1.29 -3.88 21.74
C CYS B 10 0.36 -3.01 22.56
N CYS B 11 -0.89 -2.91 22.12
CA CYS B 11 -1.91 -2.03 22.69
C CYS B 11 -3.01 -2.88 23.27
N ALA B 12 -3.13 -2.91 24.59
CA ALA B 12 -4.08 -3.80 25.26
C ALA B 12 -5.50 -3.29 25.14
N ASN B 13 -5.77 -2.09 25.64
CA ASN B 13 -7.09 -1.49 25.51
C ASN B 13 -7.30 -1.06 24.06
N GLY B 14 -7.32 -2.04 23.15
CA GLY B 14 -7.31 -1.75 21.73
C GLY B 14 -8.68 -1.62 21.13
N GLN B 15 -9.03 -2.54 20.23
CA GLN B 15 -10.32 -2.49 19.57
C GLN B 15 -11.45 -2.67 20.58
N LYS B 16 -12.51 -1.90 20.41
CA LYS B 16 -13.66 -1.93 21.28
C LYS B 16 -14.90 -2.27 20.47
N THR B 17 -15.68 -3.20 20.98
CA THR B 17 -16.91 -3.63 20.32
C THR B 17 -18.12 -3.02 21.01
N ILE B 18 -19.20 -2.92 20.27
CA ILE B 18 -20.45 -2.37 20.76
C ILE B 18 -21.42 -3.51 21.01
N VAL B 19 -22.06 -3.52 22.17
CA VAL B 19 -22.97 -4.58 22.54
C VAL B 19 -24.31 -4.00 22.95
N GLN B 20 -25.34 -4.82 22.88
CA GLN B 20 -26.71 -4.41 23.10
C GLN B 20 -27.42 -5.39 24.03
N ASP B 21 -28.22 -4.84 24.93
CA ASP B 21 -29.01 -5.59 25.90
C ASP B 21 -30.45 -5.12 25.83
N LYS B 22 -31.35 -5.85 26.49
CA LYS B 22 -32.76 -5.51 26.47
C LYS B 22 -33.40 -5.85 27.80
N VAL B 23 -34.35 -5.03 28.25
CA VAL B 23 -35.08 -5.29 29.49
C VAL B 23 -36.54 -4.91 29.30
N CYS B 24 -37.41 -5.64 30.00
CA CYS B 24 -38.85 -5.48 29.93
C CYS B 24 -39.36 -5.61 31.36
N ILE B 25 -40.21 -4.69 31.81
CA ILE B 25 -40.84 -4.84 33.12
C ILE B 25 -42.26 -4.32 33.09
N ASP B 26 -43.01 -4.69 34.13
CA ASP B 26 -44.33 -4.15 34.41
C ASP B 26 -44.25 -3.36 35.70
N TRP B 27 -44.84 -2.17 35.71
CA TRP B 27 -44.70 -1.26 36.83
C TRP B 27 -46.06 -0.79 37.35
N THR B 28 -46.09 -0.48 38.64
CA THR B 28 -47.21 0.14 39.31
C THR B 28 -46.73 1.41 39.98
N ALA B 29 -47.44 2.52 39.76
CA ALA B 29 -46.98 3.83 40.17
C ALA B 29 -47.76 4.33 41.37
N ALA B 30 -47.04 4.76 42.42
CA ALA B 30 -47.65 5.40 43.56
C ALA B 30 -47.59 6.92 43.39
N ALA B 31 -48.02 7.66 44.41
CA ALA B 31 -47.94 9.12 44.34
C ALA B 31 -46.65 9.65 44.93
N THR B 32 -45.53 9.04 44.56
CA THR B 32 -44.18 9.51 44.87
C THR B 32 -43.28 9.04 43.75
N ALA B 33 -42.15 9.70 43.59
CA ALA B 33 -41.20 9.29 42.57
C ALA B 33 -40.66 7.90 42.90
N ALA B 34 -40.71 7.01 41.94
CA ALA B 34 -40.26 5.63 42.12
C ALA B 34 -39.17 5.32 41.10
N ILE B 35 -38.08 4.73 41.58
CA ILE B 35 -36.97 4.36 40.70
C ILE B 35 -37.38 3.15 39.87
N ILE B 36 -37.24 3.28 38.55
CA ILE B 36 -37.63 2.21 37.63
C ILE B 36 -36.42 1.64 36.90
N TYR B 37 -35.27 2.31 36.94
CA TYR B 37 -34.07 1.85 36.25
C TYR B 37 -32.88 2.61 36.82
N ALA B 38 -31.74 1.93 36.90
CA ALA B 38 -30.54 2.54 37.45
C ALA B 38 -29.32 1.82 36.92
N ASP B 39 -28.23 2.57 36.76
CA ASP B 39 -26.98 1.99 36.27
C ASP B 39 -25.81 2.74 36.90
N ASN B 40 -24.60 2.33 36.50
CA ASN B 40 -23.40 3.07 36.87
C ASN B 40 -22.50 3.30 35.68
N ILE B 41 -22.89 2.91 34.47
CA ILE B 41 -22.13 3.23 33.28
C ILE B 41 -22.73 4.48 32.65
N SER B 42 -22.57 5.62 33.30
CA SER B 42 -23.29 6.81 32.87
C SER B 42 -22.67 7.49 31.68
N GLN B 43 -21.37 7.31 31.46
CA GLN B 43 -20.67 8.10 30.45
C GLN B 43 -20.93 7.60 29.05
N ASP B 44 -21.06 6.29 28.84
CA ASP B 44 -21.29 5.73 27.51
C ASP B 44 -22.50 4.80 27.58
N ILE B 45 -23.68 5.35 27.36
CA ILE B 45 -24.89 4.54 27.32
C ILE B 45 -25.88 5.22 26.39
N TYR B 46 -26.51 4.42 25.55
CA TYR B 46 -27.54 4.89 24.63
C TYR B 46 -28.72 3.95 24.77
N ALA B 47 -29.89 4.50 25.04
CA ALA B 47 -31.06 3.67 25.32
C ALA B 47 -32.25 4.14 24.51
N SER B 48 -32.95 3.19 23.89
CA SER B 48 -34.17 3.46 23.16
C SER B 48 -35.28 2.59 23.72
N GLY B 49 -36.50 3.08 23.65
CA GLY B 49 -37.62 2.29 24.15
C GLY B 49 -38.92 3.05 24.16
N TYR B 50 -39.89 2.50 24.88
CA TYR B 50 -41.20 3.11 25.01
C TYR B 50 -41.73 2.90 26.43
N LEU B 51 -42.71 3.72 26.78
CA LEU B 51 -43.48 3.58 28.00
C LEU B 51 -44.95 3.57 27.63
N LYS B 52 -45.68 2.58 28.15
CA LYS B 52 -47.11 2.43 27.91
C LYS B 52 -47.85 2.48 29.22
N VAL B 53 -48.83 3.36 29.33
CA VAL B 53 -49.67 3.48 30.51
C VAL B 53 -50.94 2.70 30.24
N ASP B 54 -51.11 1.59 30.96
CA ASP B 54 -52.19 0.66 30.66
C ASP B 54 -53.48 1.02 31.39
N THR B 55 -53.45 1.05 32.72
CA THR B 55 -54.65 1.32 33.48
C THR B 55 -54.37 2.36 34.56
N GLY B 56 -55.43 3.02 34.98
CA GLY B 56 -55.39 4.06 35.99
C GLY B 56 -56.02 5.32 35.47
N THR B 57 -55.79 6.40 36.19
CA THR B 57 -56.26 7.71 35.78
C THR B 57 -55.14 8.72 35.97
N GLY B 58 -55.23 9.83 35.23
CA GLY B 58 -54.27 10.88 35.36
C GLY B 58 -52.96 10.53 34.71
N PRO B 59 -52.24 11.55 34.23
CA PRO B 59 -51.01 11.28 33.48
C PRO B 59 -49.91 10.74 34.39
N VAL B 60 -48.99 10.03 33.76
CA VAL B 60 -47.80 9.49 34.43
C VAL B 60 -46.59 10.21 33.86
N THR B 61 -45.69 10.65 34.72
CA THR B 61 -44.52 11.43 34.33
C THR B 61 -43.26 10.62 34.50
N ILE B 62 -42.48 10.50 33.44
CA ILE B 62 -41.20 9.79 33.44
C ILE B 62 -40.08 10.80 33.31
N VAL B 63 -39.07 10.66 34.15
CA VAL B 63 -37.95 11.59 34.19
C VAL B 63 -36.64 10.81 34.17
N PHE B 64 -35.73 11.24 33.30
CA PHE B 64 -34.37 10.69 33.24
C PHE B 64 -33.43 11.64 33.96
N TYR B 65 -32.60 11.10 34.86
CA TYR B 65 -31.72 11.89 35.69
C TYR B 65 -30.27 11.52 35.43
N SER B 66 -29.43 12.54 35.27
CA SER B 66 -27.99 12.37 35.16
C SER B 66 -27.36 12.95 36.41
N GLY B 67 -26.80 12.09 37.25
CA GLY B 67 -26.20 12.54 38.49
C GLY B 67 -27.12 12.37 39.67
N GLY B 68 -27.79 11.23 39.75
CA GLY B 68 -28.68 10.95 40.85
C GLY B 68 -30.03 11.61 40.67
N VAL B 69 -30.93 11.29 41.60
CA VAL B 69 -32.28 11.84 41.53
C VAL B 69 -32.26 13.34 41.73
N THR B 70 -31.35 13.83 42.57
CA THR B 70 -31.16 15.26 42.75
C THR B 70 -30.06 15.74 41.82
N GLY B 71 -30.24 15.41 40.54
CA GLY B 71 -29.28 15.77 39.53
C GLY B 71 -29.84 16.73 38.51
N THR B 72 -29.81 16.35 37.24
CA THR B 72 -30.30 17.19 36.17
C THR B 72 -31.28 16.40 35.32
N ALA B 73 -32.49 16.91 35.15
CA ALA B 73 -33.50 16.23 34.37
C ALA B 73 -33.21 16.36 32.89
N VAL B 74 -32.40 15.44 32.34
CA VAL B 74 -32.06 15.52 30.93
C VAL B 74 -33.26 15.29 30.03
N GLU B 75 -34.30 14.61 30.53
CA GLU B 75 -35.48 14.33 29.74
C GLU B 75 -36.68 14.13 30.65
N THR B 76 -37.85 14.58 30.19
CA THR B 76 -39.08 14.43 30.95
C THR B 76 -40.25 14.29 29.98
N ILE B 77 -41.08 13.27 30.17
CA ILE B 77 -42.23 13.03 29.29
C ILE B 77 -43.45 12.77 30.16
N VAL B 78 -44.59 13.29 29.72
CA VAL B 78 -45.87 13.09 30.40
C VAL B 78 -46.79 12.30 29.48
N VAL B 79 -47.29 11.16 29.95
CA VAL B 79 -48.04 10.22 29.13
C VAL B 79 -49.44 10.08 29.72
N ALA B 80 -50.45 10.19 28.87
CA ALA B 80 -51.83 10.00 29.30
C ALA B 80 -52.18 8.51 29.34
N THR B 81 -53.29 8.20 29.99
CA THR B 81 -53.72 6.81 30.14
C THR B 81 -54.28 6.29 28.83
N GLY B 82 -53.89 5.08 28.45
CA GLY B 82 -54.33 4.49 27.21
C GLY B 82 -53.48 4.82 26.01
N SER B 83 -52.36 5.52 26.19
CA SER B 83 -51.46 5.87 25.11
C SER B 83 -50.03 5.52 25.50
N SER B 84 -49.10 5.77 24.59
CA SER B 84 -47.71 5.39 24.77
C SER B 84 -46.81 6.53 24.34
N ALA B 85 -45.52 6.41 24.67
CA ALA B 85 -44.54 7.39 24.22
C ALA B 85 -43.17 6.74 24.16
N SER B 86 -42.42 7.02 23.10
CA SER B 86 -41.11 6.41 22.87
C SER B 86 -40.01 7.44 23.05
N PHE B 87 -38.77 6.95 23.09
CA PHE B 87 -37.63 7.82 23.37
C PHE B 87 -36.32 7.15 23.00
N THR B 88 -35.28 7.98 22.88
CA THR B 88 -33.89 7.55 22.90
C THR B 88 -33.06 8.62 23.60
N VAL B 89 -32.18 8.20 24.50
CA VAL B 89 -31.49 9.10 25.42
C VAL B 89 -30.08 8.58 25.65
N ARG B 90 -29.14 9.50 25.90
CA ARG B 90 -27.78 9.14 26.29
C ARG B 90 -27.39 9.90 27.55
N ARG B 91 -26.33 9.42 28.20
CA ARG B 91 -25.84 9.97 29.46
C ARG B 91 -26.96 10.27 30.45
N PHE B 92 -27.54 9.20 30.99
CA PHE B 92 -28.46 9.29 32.11
C PHE B 92 -28.06 8.27 33.16
N ASP B 93 -28.46 8.53 34.39
CA ASP B 93 -28.04 7.72 35.52
C ASP B 93 -29.20 6.94 36.13
N THR B 94 -30.36 7.56 36.30
CA THR B 94 -31.53 6.87 36.83
C THR B 94 -32.75 7.28 36.05
N VAL B 95 -33.83 6.52 36.20
CA VAL B 95 -35.13 6.86 35.64
C VAL B 95 -36.18 6.73 36.74
N THR B 96 -37.07 7.70 36.84
CA THR B 96 -38.12 7.66 37.84
C THR B 96 -39.48 7.89 37.19
N ILE B 97 -40.50 7.26 37.78
CA ILE B 97 -41.87 7.44 37.35
C ILE B 97 -42.70 8.00 38.50
N LEU B 98 -43.63 8.87 38.15
CA LEU B 98 -44.51 9.53 39.11
C LEU B 98 -45.94 9.43 38.60
N GLY B 99 -46.86 9.02 39.47
CA GLY B 99 -48.25 8.89 39.12
C GLY B 99 -49.15 9.38 40.23
N THR B 100 -50.44 9.51 39.88
CA THR B 100 -51.46 9.90 40.85
C THR B 100 -51.61 8.78 41.88
N ALA B 101 -52.24 9.09 43.01
CA ALA B 101 -52.48 8.09 44.04
C ALA B 101 -53.67 7.21 43.69
N ALA B 102 -53.67 6.70 42.46
CA ALA B 102 -54.66 5.76 41.99
C ALA B 102 -54.04 4.47 41.50
N ALA B 103 -52.72 4.31 41.66
CA ALA B 103 -52.01 3.09 41.32
C ALA B 103 -52.21 2.72 39.85
N GLU B 104 -51.77 3.62 38.97
CA GLU B 104 -51.72 3.29 37.55
C GLU B 104 -50.69 2.18 37.34
N THR B 105 -50.90 1.41 36.29
CA THR B 105 -49.95 0.36 35.97
C THR B 105 -49.76 0.27 34.47
N GLY B 106 -48.59 -0.25 34.08
CA GLY B 106 -48.24 -0.32 32.68
C GLY B 106 -46.96 -1.09 32.47
N GLU B 107 -46.37 -0.90 31.28
CA GLU B 107 -45.19 -1.62 30.86
C GLU B 107 -44.02 -0.67 30.64
N PHE B 108 -42.83 -1.25 30.46
CA PHE B 108 -41.63 -0.45 30.21
C PHE B 108 -40.59 -1.34 29.53
N CYS B 109 -40.23 -0.99 28.29
CA CYS B 109 -39.27 -1.74 27.50
C CYS B 109 -38.11 -0.84 27.10
N MET B 110 -36.89 -1.38 27.12
CA MET B 110 -35.73 -0.57 26.79
C MET B 110 -34.59 -1.43 26.27
N THR B 111 -33.98 -1.00 25.17
CA THR B 111 -32.77 -1.60 24.64
C THR B 111 -31.59 -0.67 24.88
N ILE B 112 -30.47 -1.24 25.30
CA ILE B 112 -29.33 -0.50 25.82
C ILE B 112 -28.09 -0.84 25.02
N ARG B 113 -27.38 0.18 24.57
CA ARG B 113 -26.13 0.00 23.84
C ARG B 113 -24.97 0.51 24.67
N TYR B 114 -23.90 -0.27 24.76
CA TYR B 114 -22.69 0.25 25.36
C TYR B 114 -21.48 -0.34 24.65
N THR B 115 -20.49 0.50 24.42
CA THR B 115 -19.31 0.16 23.63
C THR B 115 -18.14 -0.26 24.50
N LEU B 116 -18.35 -1.21 25.41
CA LEU B 116 -17.27 -1.67 26.27
C LEU B 116 -16.94 -3.13 26.05
N SER B 117 -17.90 -4.02 26.24
CA SER B 117 -17.65 -5.44 26.11
C SER B 117 -18.96 -6.19 26.09
N THR C 6 -1.17 3.82 7.77
CA THR C 6 -0.27 2.83 8.35
C THR C 6 0.73 3.49 9.29
N ASN C 7 0.35 4.65 9.82
CA ASN C 7 1.18 5.39 10.78
C ASN C 7 0.51 5.33 12.14
N LEU C 8 1.28 4.98 13.16
CA LEU C 8 0.72 4.83 14.50
C LEU C 8 0.26 6.18 15.03
N SER C 9 -0.91 6.19 15.65
CA SER C 9 -1.49 7.40 16.19
C SER C 9 -2.27 7.04 17.44
N CYS C 10 -2.10 7.82 18.50
CA CYS C 10 -2.73 7.55 19.78
C CYS C 10 -3.96 8.47 19.88
N CYS C 11 -5.00 8.12 19.13
CA CYS C 11 -6.21 8.94 19.00
C CYS C 11 -7.37 8.16 19.59
N ALA C 12 -7.89 8.64 20.72
CA ALA C 12 -8.92 7.92 21.45
C ALA C 12 -10.28 8.03 20.77
N ASN C 13 -10.78 9.25 20.61
CA ASN C 13 -12.03 9.46 19.90
C ASN C 13 -11.82 9.22 18.42
N GLY C 14 -11.48 7.99 18.06
CA GLY C 14 -11.05 7.67 16.71
C GLY C 14 -12.17 7.26 15.79
N GLN C 15 -12.14 6.02 15.33
CA GLN C 15 -13.17 5.53 14.42
C GLN C 15 -14.53 5.55 15.10
N LYS C 16 -15.54 5.94 14.34
CA LYS C 16 -16.91 6.03 14.83
C LYS C 16 -17.80 5.14 13.97
N THR C 17 -18.63 4.34 14.63
CA THR C 17 -19.54 3.45 13.94
C THR C 17 -20.95 4.03 13.98
N ILE C 18 -21.76 3.59 13.02
CA ILE C 18 -23.13 4.02 12.89
C ILE C 18 -24.03 2.90 13.36
N VAL C 19 -25.01 3.23 14.21
CA VAL C 19 -25.90 2.23 14.78
C VAL C 19 -27.34 2.65 14.55
N GLN C 20 -28.23 1.66 14.59
CA GLN C 20 -29.63 1.83 14.27
C GLN C 20 -30.51 1.18 15.33
N ASP C 21 -31.60 1.86 15.66
CA ASP C 21 -32.58 1.41 16.63
C ASP C 21 -33.97 1.51 16.00
N LYS C 22 -34.96 0.94 16.68
CA LYS C 22 -36.33 0.94 16.16
C LYS C 22 -37.31 1.03 17.31
N VAL C 23 -38.41 1.75 17.09
CA VAL C 23 -39.47 1.85 18.09
C VAL C 23 -40.82 1.82 17.40
N CYS C 24 -41.81 1.27 18.11
CA CYS C 24 -43.17 1.09 17.64
C CYS C 24 -44.09 1.44 18.79
N ILE C 25 -45.11 2.25 18.57
CA ILE C 25 -46.10 2.52 19.60
C ILE C 25 -47.48 2.68 19.00
N ASP C 26 -48.48 2.60 19.86
CA ASP C 26 -49.86 2.93 19.55
C ASP C 26 -50.25 4.16 20.33
N TRP C 27 -50.91 5.11 19.68
CA TRP C 27 -51.20 6.40 20.28
C TRP C 27 -52.68 6.73 20.17
N THR C 28 -53.13 7.52 21.14
CA THR C 28 -54.46 8.11 21.17
C THR C 28 -54.31 9.62 21.31
N ALA C 29 -55.00 10.37 20.46
CA ALA C 29 -54.80 11.81 20.34
C ALA C 29 -55.96 12.57 20.98
N ALA C 30 -55.64 13.51 21.85
CA ALA C 30 -56.62 14.41 22.41
C ALA C 30 -56.63 15.71 21.60
N ALA C 31 -57.41 16.69 22.05
CA ALA C 31 -57.44 17.98 21.38
C ALA C 31 -56.44 18.97 21.96
N THR C 32 -55.22 18.51 22.18
CA THR C 32 -54.08 19.33 22.58
C THR C 32 -52.83 18.64 22.05
N ALA C 33 -51.77 19.41 21.90
CA ALA C 33 -50.52 18.84 21.43
C ALA C 33 -50.01 17.83 22.46
N ALA C 34 -49.67 16.63 22.02
CA ALA C 34 -49.19 15.58 22.90
C ALA C 34 -47.82 15.12 22.42
N ILE C 35 -46.89 15.00 23.36
CA ILE C 35 -45.54 14.56 23.04
C ILE C 35 -45.57 13.06 22.76
N ILE C 36 -45.03 12.68 21.60
CA ILE C 36 -45.03 11.29 21.18
C ILE C 36 -43.62 10.72 21.10
N TYR C 37 -42.60 11.58 21.12
CA TYR C 37 -41.20 11.15 21.02
C TYR C 37 -40.31 12.29 21.47
N ALA C 38 -39.20 11.96 22.13
CA ALA C 38 -38.28 12.97 22.63
C ALA C 38 -36.91 12.36 22.80
N ASP C 39 -35.88 13.19 22.60
CA ASP C 39 -34.51 12.74 22.73
C ASP C 39 -33.65 13.89 23.24
N ASN C 40 -32.35 13.63 23.38
CA ASN C 40 -31.40 14.68 23.66
C ASN C 40 -30.17 14.60 22.75
N ILE C 41 -30.14 13.68 21.80
CA ILE C 41 -29.08 13.66 20.80
C ILE C 41 -29.56 14.40 19.56
N SER C 42 -29.69 15.71 19.67
CA SER C 42 -30.34 16.45 18.59
C SER C 42 -29.43 16.72 17.40
N GLN C 43 -28.11 16.75 17.63
CA GLN C 43 -27.20 17.19 16.58
C GLN C 43 -26.97 16.13 15.52
N ASP C 44 -26.93 14.85 15.89
CA ASP C 44 -26.69 13.78 14.94
C ASP C 44 -27.77 12.72 15.11
N ILE C 45 -28.88 12.88 14.38
CA ILE C 45 -29.93 11.89 14.41
C ILE C 45 -30.64 11.93 13.07
N TYR C 46 -30.91 10.74 12.52
CA TYR C 46 -31.63 10.58 11.28
C TYR C 46 -32.72 9.56 11.52
N ALA C 47 -33.96 9.91 11.23
CA ALA C 47 -35.08 9.04 11.54
C ALA C 47 -35.99 8.90 10.33
N SER C 48 -36.39 7.66 10.05
CA SER C 48 -37.34 7.35 9.00
C SER C 48 -38.50 6.57 9.59
N GLY C 49 -39.67 6.73 9.01
CA GLY C 49 -40.82 5.98 9.51
C GLY C 49 -42.11 6.40 8.88
N TYR C 50 -43.22 5.99 9.50
CA TYR C 50 -44.55 6.32 9.02
C TYR C 50 -45.47 6.59 10.20
N LEU C 51 -46.57 7.26 9.90
CA LEU C 51 -47.68 7.46 10.83
C LEU C 51 -48.95 7.00 10.15
N LYS C 52 -49.73 6.17 10.84
CA LYS C 52 -50.98 5.64 10.34
C LYS C 52 -52.10 6.06 11.28
N VAL C 53 -53.13 6.68 10.74
CA VAL C 53 -54.30 7.09 11.51
C VAL C 53 -55.36 6.02 11.30
N ASP C 54 -55.67 5.29 12.36
CA ASP C 54 -56.51 4.10 12.25
C ASP C 54 -57.99 4.46 12.40
N THR C 55 -58.37 5.01 13.55
CA THR C 55 -59.77 5.31 13.78
C THR C 55 -59.92 6.73 14.32
N GLY C 56 -61.12 7.27 14.13
CA GLY C 56 -61.48 8.61 14.56
C GLY C 56 -62.01 9.40 13.40
N THR C 57 -62.11 10.70 13.60
CA THR C 57 -62.53 11.62 12.55
C THR C 57 -61.61 12.82 12.53
N GLY C 58 -61.55 13.49 11.40
CA GLY C 58 -60.77 14.69 11.28
C GLY C 58 -59.29 14.38 11.19
N PRO C 59 -58.55 15.24 10.52
CA PRO C 59 -57.12 14.97 10.29
C PRO C 59 -56.33 15.08 11.58
N VAL C 60 -55.20 14.37 11.58
CA VAL C 60 -54.24 14.42 12.68
C VAL C 60 -52.97 15.07 12.18
N THR C 61 -52.43 16.00 12.95
CA THR C 61 -51.26 16.78 12.56
C THR C 61 -50.06 16.38 13.38
N ILE C 62 -48.98 16.01 12.71
CA ILE C 62 -47.72 15.63 13.34
C ILE C 62 -46.70 16.73 13.05
N VAL C 63 -45.98 17.14 14.10
CA VAL C 63 -45.01 18.23 14.00
C VAL C 63 -43.70 17.80 14.64
N PHE C 64 -42.59 18.01 13.94
CA PHE C 64 -41.25 17.78 14.46
C PHE C 64 -40.65 19.11 14.90
N TYR C 65 -40.12 19.16 16.10
CA TYR C 65 -39.60 20.37 16.69
C TYR C 65 -38.12 20.24 17.00
N SER C 66 -37.36 21.26 16.62
CA SER C 66 -35.95 21.37 16.94
C SER C 66 -35.78 22.52 17.93
N GLY C 67 -35.45 22.19 19.17
CA GLY C 67 -35.30 23.21 20.18
C GLY C 67 -36.54 23.34 21.05
N GLY C 68 -37.09 22.20 21.46
CA GLY C 68 -38.26 22.21 22.32
C GLY C 68 -39.53 22.46 21.53
N VAL C 69 -40.65 22.35 22.25
CA VAL C 69 -41.95 22.53 21.62
C VAL C 69 -42.12 23.97 21.14
N THR C 70 -41.57 24.92 21.87
CA THR C 70 -41.55 26.32 21.44
C THR C 70 -40.26 26.60 20.69
N GLY C 71 -40.01 25.76 19.69
CA GLY C 71 -38.79 25.89 18.90
C GLY C 71 -39.10 26.21 17.46
N THR C 72 -38.63 25.37 16.54
CA THR C 72 -38.83 25.60 15.11
C THR C 72 -39.43 24.35 14.49
N ALA C 73 -40.57 24.50 13.83
CA ALA C 73 -41.22 23.36 13.21
C ALA C 73 -40.49 22.95 11.94
N VAL C 74 -39.49 22.08 12.07
CA VAL C 74 -38.73 21.66 10.91
C VAL C 74 -39.56 20.85 9.94
N GLU C 75 -40.65 20.23 10.41
CA GLU C 75 -41.50 19.41 9.55
C GLU C 75 -42.91 19.35 10.13
N THR C 76 -43.90 19.32 9.26
CA THR C 76 -45.30 19.24 9.66
C THR C 76 -46.09 18.49 8.59
N ILE C 77 -46.84 17.49 9.01
CA ILE C 77 -47.63 16.67 8.09
C ILE C 77 -49.05 16.54 8.64
N VAL C 78 -50.04 16.59 7.74
CA VAL C 78 -51.44 16.43 8.11
C VAL C 78 -51.96 15.17 7.43
N VAL C 79 -52.50 14.23 8.21
CA VAL C 79 -52.88 12.91 7.73
C VAL C 79 -54.37 12.72 7.97
N ALA C 80 -55.08 12.27 6.93
CA ALA C 80 -56.49 11.99 7.05
C ALA C 80 -56.72 10.60 7.65
N THR C 81 -57.95 10.35 8.08
CA THR C 81 -58.28 9.09 8.70
C THR C 81 -58.37 7.98 7.66
N GLY C 82 -57.79 6.83 7.97
CA GLY C 82 -57.77 5.72 7.05
C GLY C 82 -56.61 5.71 6.07
N SER C 83 -55.67 6.63 6.21
CA SER C 83 -54.50 6.71 5.34
C SER C 83 -53.25 6.85 6.18
N SER C 84 -52.09 6.90 5.52
CA SER C 84 -50.81 6.92 6.20
C SER C 84 -49.91 7.95 5.54
N ALA C 85 -48.79 8.23 6.19
CA ALA C 85 -47.80 9.13 5.62
C ALA C 85 -46.43 8.82 6.19
N SER C 86 -45.41 8.80 5.33
CA SER C 86 -44.06 8.44 5.74
C SER C 86 -43.15 9.66 5.71
N PHE C 87 -41.95 9.49 6.26
CA PHE C 87 -41.03 10.62 6.40
C PHE C 87 -39.62 10.14 6.70
N THR C 88 -38.66 11.05 6.49
CA THR C 88 -37.31 10.96 7.04
C THR C 88 -36.83 12.37 7.37
N VAL C 89 -36.25 12.53 8.56
CA VAL C 89 -35.95 13.85 9.11
C VAL C 89 -34.65 13.77 9.91
N ARG C 90 -33.92 14.88 9.95
CA ARG C 90 -32.72 15.00 10.76
C ARG C 90 -32.81 16.25 11.62
N ARG C 91 -31.98 16.30 12.66
CA ARG C 91 -31.94 17.40 13.61
C ARG C 91 -33.33 17.83 14.07
N PHE C 92 -33.95 16.97 14.86
CA PHE C 92 -35.18 17.30 15.56
C PHE C 92 -35.06 16.89 17.01
N ASP C 93 -35.84 17.54 17.87
CA ASP C 93 -35.73 17.34 19.30
C ASP C 93 -36.96 16.65 19.89
N THR C 94 -38.16 17.03 19.46
CA THR C 94 -39.38 16.39 19.94
C THR C 94 -40.33 16.19 18.78
N VAL C 95 -41.34 15.35 18.99
CA VAL C 95 -42.42 15.16 18.02
C VAL C 95 -43.73 15.26 18.78
N THR C 96 -44.69 15.98 18.22
CA THR C 96 -46.00 16.12 18.83
C THR C 96 -47.10 15.79 17.84
N ILE C 97 -48.19 15.26 18.37
CA ILE C 97 -49.38 14.95 17.58
C ILE C 97 -50.56 15.75 18.12
N LEU C 98 -51.41 16.19 17.20
CA LEU C 98 -52.59 16.99 17.51
C LEU C 98 -53.78 16.41 16.78
N GLY C 99 -54.88 16.19 17.48
CA GLY C 99 -56.08 15.65 16.89
C GLY C 99 -57.32 16.34 17.41
N THR C 100 -58.43 16.05 16.74
CA THR C 100 -59.74 16.56 17.15
C THR C 100 -60.12 15.94 18.48
N ALA C 101 -61.09 16.54 19.17
CA ALA C 101 -61.55 16.00 20.44
C ALA C 101 -62.51 14.85 20.23
N ALA C 102 -62.08 13.89 19.40
CA ALA C 102 -62.80 12.66 19.16
C ALA C 102 -61.95 11.45 19.47
N ALA C 103 -60.75 11.64 20.00
CA ALA C 103 -59.86 10.56 20.42
C ALA C 103 -59.56 9.60 19.26
N GLU C 104 -58.95 10.14 18.22
CA GLU C 104 -58.43 9.30 17.16
C GLU C 104 -57.31 8.44 17.71
N THR C 105 -57.10 7.28 17.09
CA THR C 105 -56.01 6.41 17.51
C THR C 105 -55.36 5.78 16.30
N GLY C 106 -54.11 5.41 16.49
CA GLY C 106 -53.32 4.85 15.40
C GLY C 106 -51.98 4.35 15.87
N GLU C 107 -51.08 4.16 14.91
CA GLU C 107 -49.76 3.59 15.16
C GLU C 107 -48.66 4.59 14.83
N PHE C 108 -47.44 4.26 15.23
CA PHE C 108 -46.29 5.11 14.96
C PHE C 108 -45.03 4.27 15.02
N CYS C 109 -44.32 4.17 13.90
CA CYS C 109 -43.10 3.37 13.78
C CYS C 109 -41.95 4.25 13.32
N MET C 110 -40.77 4.03 13.88
CA MET C 110 -39.63 4.87 13.53
C MET C 110 -38.32 4.13 13.74
N THR C 111 -37.43 4.20 12.75
CA THR C 111 -36.06 3.70 12.85
C THR C 111 -35.10 4.88 12.95
N ILE C 112 -34.12 4.77 13.83
CA ILE C 112 -33.27 5.88 14.24
C ILE C 112 -31.82 5.51 13.99
N ARG C 113 -31.08 6.39 13.34
CA ARG C 113 -29.67 6.19 13.10
C ARG C 113 -28.86 7.22 13.87
N TYR C 114 -27.82 6.77 14.56
CA TYR C 114 -26.89 7.73 15.16
C TYR C 114 -25.48 7.16 15.10
N THR C 115 -24.55 8.03 14.77
CA THR C 115 -23.15 7.66 14.54
C THR C 115 -22.28 7.87 15.77
N LEU C 116 -22.69 7.35 16.92
CA LEU C 116 -21.90 7.51 18.12
C LEU C 116 -21.40 6.17 18.65
N SER C 117 -22.29 5.25 18.98
CA SER C 117 -21.91 3.98 19.56
C SER C 117 -23.08 3.03 19.55
N THR D 6 -1.33 8.30 3.07
CA THR D 6 -0.57 7.86 4.24
C THR D 6 0.02 9.04 4.99
N ASN D 7 -0.59 10.21 4.82
CA ASN D 7 -0.18 11.42 5.51
C ASN D 7 -1.22 11.78 6.55
N LEU D 8 -0.77 12.05 7.78
CA LEU D 8 -1.70 12.34 8.86
C LEU D 8 -2.41 13.65 8.60
N SER D 9 -3.71 13.66 8.86
CA SER D 9 -4.54 14.83 8.64
C SER D 9 -5.63 14.84 9.70
N CYS D 10 -5.86 16.01 10.30
CA CYS D 10 -6.83 16.15 11.38
C CYS D 10 -8.10 16.73 10.76
N CYS D 11 -8.83 15.89 10.03
CA CYS D 11 -10.01 16.30 9.26
C CYS D 11 -11.23 15.61 9.85
N ALA D 12 -12.11 16.38 10.49
CA ALA D 12 -13.24 15.81 11.20
C ALA D 12 -14.33 15.34 10.25
N ASN D 13 -14.87 16.25 9.44
CA ASN D 13 -15.86 15.87 8.45
C ASN D 13 -15.18 15.10 7.32
N GLY D 14 -14.63 13.94 7.64
CA GLY D 14 -13.79 13.20 6.74
C GLY D 14 -14.54 12.22 5.86
N GLN D 15 -14.25 10.94 6.04
CA GLN D 15 -14.90 9.91 5.24
C GLN D 15 -16.39 9.91 5.49
N LYS D 16 -17.16 9.72 4.42
CA LYS D 16 -18.61 9.70 4.49
C LYS D 16 -19.11 8.38 3.95
N THR D 17 -20.02 7.75 4.67
CA THR D 17 -20.60 6.49 4.28
C THR D 17 -21.99 6.70 3.71
N ILE D 18 -22.44 5.75 2.90
CA ILE D 18 -23.74 5.78 2.28
C ILE D 18 -24.63 4.79 2.98
N VAL D 19 -25.84 5.21 3.34
CA VAL D 19 -26.76 4.35 4.07
C VAL D 19 -28.10 4.33 3.34
N GLN D 20 -28.86 3.27 3.62
CA GLN D 20 -30.11 2.98 2.93
C GLN D 20 -31.21 2.64 3.94
N ASP D 21 -32.40 3.16 3.66
CA ASP D 21 -33.59 2.94 4.47
C ASP D 21 -34.72 2.46 3.57
N LYS D 22 -35.82 2.02 4.17
CA LYS D 22 -36.94 1.51 3.41
C LYS D 22 -38.25 1.84 4.12
N VAL D 23 -39.29 2.15 3.35
CA VAL D 23 -40.61 2.43 3.92
C VAL D 23 -41.68 1.81 3.03
N CYS D 24 -42.78 1.40 3.66
CA CYS D 24 -43.90 0.76 3.00
C CYS D 24 -45.16 1.33 3.63
N ILE D 25 -46.13 1.75 2.82
CA ILE D 25 -47.41 2.19 3.38
C ILE D 25 -48.55 1.78 2.46
N ASP D 26 -49.75 1.85 3.00
CA ASP D 26 -51.00 1.71 2.27
C ASP D 26 -51.72 3.05 2.29
N TRP D 27 -52.24 3.46 1.14
CA TRP D 27 -52.81 4.79 1.01
C TRP D 27 -54.21 4.73 0.43
N THR D 28 -55.02 5.72 0.81
CA THR D 28 -56.33 5.98 0.24
C THR D 28 -56.37 7.39 -0.28
N ALA D 29 -56.83 7.56 -1.51
CA ALA D 29 -56.75 8.84 -2.21
C ALA D 29 -58.10 9.51 -2.29
N ALA D 30 -58.15 10.79 -1.88
CA ALA D 30 -59.34 11.60 -2.03
C ALA D 30 -59.23 12.42 -3.32
N ALA D 31 -60.19 13.30 -3.56
CA ALA D 31 -60.13 14.17 -4.74
C ALA D 31 -59.45 15.49 -4.44
N THR D 32 -58.32 15.44 -3.74
CA THR D 32 -57.44 16.58 -3.52
C THR D 32 -56.03 16.03 -3.37
N ALA D 33 -55.05 16.88 -3.60
CA ALA D 33 -53.66 16.45 -3.45
C ALA D 33 -53.41 16.09 -1.99
N ALA D 34 -52.84 14.92 -1.76
CA ALA D 34 -52.55 14.45 -0.41
C ALA D 34 -51.08 14.14 -0.29
N ILE D 35 -50.45 14.63 0.79
CA ILE D 35 -49.04 14.39 1.03
C ILE D 35 -48.84 12.94 1.45
N ILE D 36 -47.95 12.24 0.75
CA ILE D 36 -47.68 10.84 1.02
C ILE D 36 -46.27 10.62 1.53
N TYR D 37 -45.39 11.60 1.40
CA TYR D 37 -44.00 11.48 1.85
C TYR D 37 -43.40 12.87 1.93
N ALA D 38 -42.52 13.09 2.90
CA ALA D 38 -41.90 14.39 3.08
C ALA D 38 -40.58 14.22 3.83
N ASP D 39 -39.63 15.09 3.52
CA ASP D 39 -38.32 15.05 4.16
C ASP D 39 -37.77 16.46 4.27
N ASN D 40 -36.57 16.56 4.82
CA ASN D 40 -35.84 17.82 4.81
C ASN D 40 -34.40 17.65 4.35
N ILE D 41 -33.99 16.46 3.94
CA ILE D 41 -32.68 16.26 3.35
C ILE D 41 -32.82 16.31 1.84
N SER D 42 -33.10 17.49 1.30
CA SER D 42 -33.46 17.56 -0.12
C SER D 42 -32.25 17.52 -1.04
N GLN D 43 -31.08 17.92 -0.55
CA GLN D 43 -29.93 18.08 -1.44
C GLN D 43 -29.30 16.75 -1.83
N ASP D 44 -29.25 15.79 -0.92
CA ASP D 44 -28.63 14.50 -1.21
C ASP D 44 -29.61 13.40 -0.83
N ILE D 45 -30.45 13.01 -1.78
CA ILE D 45 -31.37 11.90 -1.56
C ILE D 45 -31.63 11.24 -2.90
N TYR D 46 -31.61 9.91 -2.89
CA TYR D 46 -31.90 9.11 -4.07
C TYR D 46 -32.91 8.05 -3.65
N ALA D 47 -34.03 7.98 -4.35
CA ALA D 47 -35.10 7.09 -3.95
C ALA D 47 -35.59 6.27 -5.13
N SER D 48 -35.76 4.98 -4.90
CA SER D 48 -36.31 4.07 -5.89
C SER D 48 -37.52 3.36 -5.30
N GLY D 49 -38.48 3.01 -6.14
CA GLY D 49 -39.65 2.31 -5.64
C GLY D 49 -40.72 2.13 -6.69
N TYR D 50 -41.92 1.79 -6.23
CA TYR D 50 -43.06 1.59 -7.09
C TYR D 50 -44.32 2.11 -6.42
N LEU D 51 -45.34 2.35 -7.24
CA LEU D 51 -46.69 2.66 -6.78
C LEU D 51 -47.65 1.71 -7.46
N LYS D 52 -48.52 1.08 -6.67
CA LYS D 52 -49.51 0.13 -7.15
C LYS D 52 -50.89 0.64 -6.79
N VAL D 53 -51.76 0.75 -7.78
CA VAL D 53 -53.14 1.16 -7.58
C VAL D 53 -53.98 -0.09 -7.52
N ASP D 54 -54.53 -0.38 -6.35
CA ASP D 54 -55.19 -1.66 -6.11
C ASP D 54 -56.67 -1.61 -6.48
N THR D 55 -57.43 -0.73 -5.83
CA THR D 55 -58.86 -0.67 -6.09
C THR D 55 -59.29 0.77 -6.31
N GLY D 56 -60.42 0.92 -6.99
CA GLY D 56 -61.02 2.19 -7.31
C GLY D 56 -61.24 2.31 -8.79
N THR D 57 -61.51 3.53 -9.24
CA THR D 57 -61.67 3.81 -10.64
C THR D 57 -60.91 5.09 -10.98
N GLY D 58 -60.57 5.24 -12.25
CA GLY D 58 -59.90 6.42 -12.71
C GLY D 58 -58.45 6.43 -12.31
N PRO D 59 -57.61 7.08 -13.10
CA PRO D 59 -56.17 7.06 -12.84
C PRO D 59 -55.81 7.84 -11.59
N VAL D 60 -54.68 7.48 -11.01
CA VAL D 60 -54.12 8.16 -9.86
C VAL D 60 -52.81 8.82 -10.29
N THR D 61 -52.63 10.08 -9.92
CA THR D 61 -51.48 10.86 -10.34
C THR D 61 -50.54 11.10 -9.16
N ILE D 62 -49.27 10.73 -9.33
CA ILE D 62 -48.24 10.93 -8.32
C ILE D 62 -47.29 12.00 -8.82
N VAL D 63 -46.97 12.96 -7.95
CA VAL D 63 -46.12 14.09 -8.30
C VAL D 63 -45.03 14.25 -7.24
N PHE D 64 -43.79 14.39 -7.69
CA PHE D 64 -42.65 14.69 -6.83
C PHE D 64 -42.36 16.18 -6.91
N TYR D 65 -42.21 16.83 -5.75
CA TYR D 65 -42.02 18.27 -5.68
C TYR D 65 -40.69 18.59 -5.01
N SER D 66 -39.95 19.51 -5.62
CA SER D 66 -38.72 20.04 -5.06
C SER D 66 -38.97 21.49 -4.70
N GLY D 67 -39.00 21.79 -3.40
CA GLY D 67 -39.27 23.14 -2.95
C GLY D 67 -40.71 23.33 -2.54
N GLY D 68 -41.26 22.37 -1.81
CA GLY D 68 -42.63 22.47 -1.36
C GLY D 68 -43.62 22.09 -2.43
N VAL D 69 -44.89 22.04 -2.03
CA VAL D 69 -45.95 21.67 -2.96
C VAL D 69 -46.09 22.70 -4.06
N THR D 70 -45.88 23.98 -3.73
CA THR D 70 -45.86 25.04 -4.72
C THR D 70 -44.43 25.26 -5.20
N GLY D 71 -43.81 24.18 -5.63
CA GLY D 71 -42.43 24.23 -6.08
C GLY D 71 -42.31 23.87 -7.53
N THR D 72 -41.51 22.84 -7.84
CA THR D 72 -41.29 22.42 -9.22
C THR D 72 -41.55 20.94 -9.33
N ALA D 73 -42.43 20.55 -10.24
CA ALA D 73 -42.76 19.14 -10.41
C ALA D 73 -41.65 18.42 -11.15
N VAL D 74 -40.65 17.92 -10.41
CA VAL D 74 -39.54 17.25 -11.04
C VAL D 74 -39.95 15.94 -11.70
N GLU D 75 -41.07 15.34 -11.27
CA GLU D 75 -41.55 14.09 -11.84
C GLU D 75 -43.05 13.97 -11.64
N THR D 76 -43.73 13.38 -12.61
CA THR D 76 -45.16 13.16 -12.55
C THR D 76 -45.52 11.89 -13.32
N ILE D 77 -46.27 11.00 -12.68
CA ILE D 77 -46.67 9.73 -13.30
C ILE D 77 -48.15 9.52 -13.09
N VAL D 78 -48.83 9.00 -14.12
CA VAL D 78 -50.26 8.69 -14.05
C VAL D 78 -50.43 7.18 -14.19
N VAL D 79 -51.08 6.56 -13.21
CA VAL D 79 -51.18 5.11 -13.12
C VAL D 79 -52.64 4.71 -13.18
N ALA D 80 -52.96 3.74 -14.04
CA ALA D 80 -54.31 3.23 -14.14
C ALA D 80 -54.57 2.20 -13.05
N THR D 81 -55.85 1.88 -12.86
CA THR D 81 -56.24 0.93 -11.82
C THR D 81 -55.90 -0.49 -12.24
N GLY D 82 -55.34 -1.26 -11.32
CA GLY D 82 -54.94 -2.61 -11.61
C GLY D 82 -53.55 -2.76 -12.17
N SER D 83 -52.77 -1.69 -12.25
CA SER D 83 -51.41 -1.72 -12.76
C SER D 83 -50.49 -0.98 -11.81
N SER D 84 -49.21 -0.95 -12.13
CA SER D 84 -48.20 -0.38 -11.26
C SER D 84 -47.23 0.46 -12.08
N ALA D 85 -46.40 1.23 -11.39
CA ALA D 85 -45.37 2.00 -12.06
C ALA D 85 -44.21 2.26 -11.10
N SER D 86 -42.99 2.11 -11.59
CA SER D 86 -41.79 2.25 -10.77
C SER D 86 -41.04 3.52 -11.13
N PHE D 87 -40.05 3.85 -10.30
CA PHE D 87 -39.33 5.12 -10.47
C PHE D 87 -38.04 5.12 -9.67
N THR D 88 -37.15 6.04 -10.04
CA THR D 88 -36.03 6.48 -9.20
C THR D 88 -35.81 7.97 -9.45
N VAL D 89 -35.63 8.72 -8.36
CA VAL D 89 -35.64 10.18 -8.40
C VAL D 89 -34.63 10.71 -7.38
N ARG D 90 -34.06 11.88 -7.68
CA ARG D 90 -33.19 12.58 -6.75
C ARG D 90 -33.65 14.02 -6.61
N ARG D 91 -33.17 14.67 -5.54
CA ARG D 91 -33.54 16.04 -5.20
C ARG D 91 -35.04 16.30 -5.33
N PHE D 92 -35.79 15.72 -4.40
CA PHE D 92 -37.20 16.04 -4.24
C PHE D 92 -37.49 16.29 -2.77
N ASP D 93 -38.55 17.03 -2.50
CA ASP D 93 -38.87 17.47 -1.16
C ASP D 93 -40.14 16.83 -0.63
N THR D 94 -41.19 16.74 -1.45
CA THR D 94 -42.43 16.10 -1.03
C THR D 94 -42.95 15.23 -2.17
N VAL D 95 -43.90 14.35 -1.83
CA VAL D 95 -44.61 13.56 -2.83
C VAL D 95 -46.10 13.68 -2.54
N THR D 96 -46.90 13.88 -3.58
CA THR D 96 -48.34 13.97 -3.41
C THR D 96 -49.04 13.03 -4.38
N ILE D 97 -50.20 12.53 -3.93
CA ILE D 97 -51.06 11.69 -4.75
C ILE D 97 -52.41 12.36 -4.92
N LEU D 98 -52.97 12.19 -6.11
CA LEU D 98 -54.26 12.77 -6.47
C LEU D 98 -55.10 11.69 -7.13
N GLY D 99 -56.36 11.55 -6.68
CA GLY D 99 -57.26 10.56 -7.22
C GLY D 99 -58.66 11.12 -7.37
N THR D 100 -59.49 10.35 -8.08
CA THR D 100 -60.88 10.69 -8.26
C THR D 100 -61.61 10.60 -6.92
N ALA D 101 -62.78 11.20 -6.83
CA ALA D 101 -63.56 11.14 -5.60
C ALA D 101 -64.30 9.81 -5.49
N ALA D 102 -63.55 8.73 -5.66
CA ALA D 102 -64.04 7.38 -5.48
C ALA D 102 -63.23 6.60 -4.47
N ALA D 103 -62.26 7.25 -3.83
CA ALA D 103 -61.44 6.67 -2.77
C ALA D 103 -60.73 5.41 -3.26
N GLU D 104 -59.87 5.60 -4.27
CA GLU D 104 -58.98 4.53 -4.67
C GLU D 104 -58.00 4.23 -3.55
N THR D 105 -57.52 3.00 -3.51
CA THR D 105 -56.54 2.64 -2.50
C THR D 105 -55.49 1.72 -3.10
N GLY D 106 -54.32 1.73 -2.48
CA GLY D 106 -53.19 0.98 -2.98
C GLY D 106 -52.01 1.01 -2.04
N GLU D 107 -50.85 0.66 -2.57
CA GLU D 107 -49.63 0.54 -1.79
C GLU D 107 -48.58 1.53 -2.27
N PHE D 108 -47.51 1.66 -1.49
CA PHE D 108 -46.42 2.56 -1.84
C PHE D 108 -45.16 2.11 -1.11
N CYS D 109 -44.14 1.71 -1.87
CA CYS D 109 -42.87 1.23 -1.33
C CYS D 109 -41.73 2.08 -1.85
N MET D 110 -40.75 2.37 -1.00
CA MET D 110 -39.64 3.21 -1.41
C MET D 110 -38.40 2.93 -0.58
N THR D 111 -37.27 2.77 -1.27
CA THR D 111 -35.96 2.67 -0.63
C THR D 111 -35.18 3.97 -0.86
N ILE D 112 -34.51 4.44 0.19
CA ILE D 112 -33.93 5.77 0.23
C ILE D 112 -32.45 5.65 0.53
N ARG D 113 -31.63 6.34 -0.27
CA ARG D 113 -30.19 6.37 -0.05
C ARG D 113 -29.76 7.78 0.33
N TYR D 114 -28.94 7.89 1.38
CA TYR D 114 -28.33 9.18 1.67
C TYR D 114 -26.93 8.95 2.20
N THR D 115 -26.02 9.80 1.76
CA THR D 115 -24.59 9.67 2.04
C THR D 115 -24.16 10.54 3.22
N LEU D 116 -24.86 10.46 4.34
CA LEU D 116 -24.48 11.27 5.50
C LEU D 116 -24.04 10.41 6.67
N SER D 117 -24.91 9.54 7.16
CA SER D 117 -24.61 8.72 8.32
C SER D 117 -25.63 7.62 8.47
N THR E 6 -0.72 10.82 -2.51
CA THR E 6 -0.33 11.07 -1.13
C THR E 6 -0.11 12.55 -0.88
N ASN E 7 -0.76 13.38 -1.69
CA ASN E 7 -0.70 14.83 -1.56
C ASN E 7 -2.05 15.34 -1.07
N LEU E 8 -2.03 16.17 -0.03
CA LEU E 8 -3.27 16.66 0.54
C LEU E 8 -3.99 17.56 -0.44
N SER E 9 -5.31 17.37 -0.54
CA SER E 9 -6.13 18.15 -1.46
C SER E 9 -7.49 18.34 -0.81
N CYS E 10 -8.01 19.55 -0.89
CA CYS E 10 -9.27 19.90 -0.26
C CYS E 10 -10.34 19.89 -1.35
N CYS E 11 -10.73 18.69 -1.77
CA CYS E 11 -11.63 18.47 -2.89
C CYS E 11 -12.90 17.82 -2.37
N ALA E 12 -14.01 18.57 -2.38
CA ALA E 12 -15.25 18.10 -1.78
C ALA E 12 -15.93 17.05 -2.65
N ASN E 13 -16.27 17.40 -3.88
CA ASN E 13 -16.86 16.44 -4.80
C ASN E 13 -15.79 15.47 -5.26
N GLY E 14 -15.27 14.68 -4.32
CA GLY E 14 -14.10 13.86 -4.57
C GLY E 14 -14.45 12.47 -5.06
N GLN E 15 -14.11 11.46 -4.26
CA GLN E 15 -14.37 10.08 -4.64
C GLN E 15 -15.86 9.84 -4.77
N LYS E 16 -16.23 9.08 -5.79
CA LYS E 16 -17.63 8.76 -6.07
C LYS E 16 -17.80 7.25 -6.06
N THR E 17 -18.82 6.80 -5.36
CA THR E 17 -19.13 5.38 -5.28
C THR E 17 -20.30 5.03 -6.19
N ILE E 18 -20.35 3.76 -6.56
CA ILE E 18 -21.40 3.24 -7.43
C ILE E 18 -22.37 2.44 -6.58
N VAL E 19 -23.67 2.69 -6.76
CA VAL E 19 -24.68 2.02 -5.97
C VAL E 19 -25.71 1.40 -6.90
N GLN E 20 -26.42 0.40 -6.36
CA GLN E 20 -27.36 -0.41 -7.12
C GLN E 20 -28.67 -0.54 -6.37
N ASP E 21 -29.77 -0.48 -7.13
CA ASP E 21 -31.12 -0.62 -6.62
C ASP E 21 -31.86 -1.65 -7.45
N LYS E 22 -33.05 -2.05 -6.99
CA LYS E 22 -33.82 -3.05 -7.69
C LYS E 22 -35.30 -2.76 -7.53
N VAL E 23 -36.07 -3.03 -8.59
CA VAL E 23 -37.53 -2.86 -8.54
C VAL E 23 -38.20 -4.00 -9.29
N CYS E 24 -39.40 -4.36 -8.81
CA CYS E 24 -40.19 -5.45 -9.35
C CYS E 24 -41.63 -4.96 -9.38
N ILE E 25 -42.33 -5.15 -10.49
CA ILE E 25 -43.76 -4.82 -10.53
C ILE E 25 -44.50 -5.80 -11.40
N ASP E 26 -45.83 -5.78 -11.25
CA ASP E 26 -46.75 -6.49 -12.12
C ASP E 26 -47.58 -5.47 -12.88
N TRP E 27 -47.74 -5.67 -14.18
CA TRP E 27 -48.37 -4.68 -15.03
C TRP E 27 -49.50 -5.29 -15.84
N THR E 28 -50.47 -4.42 -16.16
CA THR E 28 -51.57 -4.72 -17.06
C THR E 28 -51.58 -3.69 -18.18
N ALA E 29 -51.65 -4.14 -19.42
CA ALA E 29 -51.46 -3.27 -20.57
C ALA E 29 -52.79 -3.00 -21.27
N ALA E 30 -53.08 -1.73 -21.50
CA ALA E 30 -54.23 -1.34 -22.30
C ALA E 30 -53.79 -1.10 -23.74
N ALA E 31 -54.72 -0.64 -24.58
CA ALA E 31 -54.37 -0.33 -25.97
C ALA E 31 -53.96 1.11 -26.15
N THR E 32 -53.10 1.60 -25.26
CA THR E 32 -52.45 2.90 -25.36
C THR E 32 -51.11 2.78 -24.65
N ALA E 33 -50.19 3.68 -25.00
CA ALA E 33 -48.90 3.67 -24.34
C ALA E 33 -49.07 3.99 -22.86
N ALA E 34 -48.50 3.18 -22.00
CA ALA E 34 -48.60 3.36 -20.56
C ALA E 34 -47.21 3.48 -19.96
N ILE E 35 -47.02 4.48 -19.11
CA ILE E 35 -45.73 4.69 -18.45
C ILE E 35 -45.53 3.62 -17.39
N ILE E 36 -44.41 2.92 -17.46
CA ILE E 36 -44.11 1.85 -16.53
C ILE E 36 -42.91 2.17 -15.65
N TYR E 37 -42.13 3.18 -16.00
CA TYR E 37 -40.95 3.57 -15.24
C TYR E 37 -40.54 4.98 -15.66
N ALA E 38 -40.03 5.76 -14.70
CA ALA E 38 -39.63 7.12 -14.98
C ALA E 38 -38.61 7.57 -13.96
N ASP E 39 -37.69 8.43 -14.38
CA ASP E 39 -36.66 8.94 -13.50
C ASP E 39 -36.30 10.37 -13.91
N ASN E 40 -35.34 10.95 -13.20
CA ASN E 40 -34.78 12.21 -13.60
C ASN E 40 -33.25 12.21 -13.57
N ILE E 41 -32.62 11.07 -13.28
CA ILE E 41 -31.17 10.95 -13.39
C ILE E 41 -30.85 10.36 -14.75
N SER E 42 -31.06 11.12 -15.81
CA SER E 42 -30.96 10.54 -17.14
C SER E 42 -29.52 10.40 -17.63
N GLN E 43 -28.61 11.21 -17.11
CA GLN E 43 -27.26 11.25 -17.68
C GLN E 43 -26.41 10.07 -17.26
N ASP E 44 -26.56 9.58 -16.02
CA ASP E 44 -25.76 8.46 -15.53
C ASP E 44 -26.70 7.41 -14.95
N ILE E 45 -27.16 6.50 -15.79
CA ILE E 45 -27.99 5.40 -15.32
C ILE E 45 -27.75 4.20 -16.23
N TYR E 46 -27.61 3.04 -15.61
CA TYR E 46 -27.44 1.79 -16.33
C TYR E 46 -28.42 0.80 -15.74
N ALA E 47 -29.25 0.19 -16.58
CA ALA E 47 -30.31 -0.67 -16.09
C ALA E 47 -30.31 -1.98 -16.85
N SER E 48 -30.43 -3.08 -16.11
CA SER E 48 -30.55 -4.41 -16.68
C SER E 48 -31.81 -5.07 -16.14
N GLY E 49 -32.42 -5.93 -16.94
CA GLY E 49 -33.60 -6.61 -16.47
C GLY E 49 -34.27 -7.43 -17.54
N TYR E 50 -35.52 -7.81 -17.28
CA TYR E 50 -36.31 -8.60 -18.21
C TYR E 50 -37.75 -8.15 -18.17
N LEU E 51 -38.49 -8.50 -19.22
CA LEU E 51 -39.93 -8.34 -19.29
C LEU E 51 -40.53 -9.69 -19.67
N LYS E 52 -41.54 -10.10 -18.91
CA LYS E 52 -42.24 -11.36 -19.14
C LYS E 52 -43.71 -11.08 -19.39
N VAL E 53 -44.23 -11.58 -20.51
CA VAL E 53 -45.63 -11.44 -20.85
C VAL E 53 -46.33 -12.72 -20.43
N ASP E 54 -47.18 -12.62 -19.42
CA ASP E 54 -47.76 -13.81 -18.79
C ASP E 54 -49.04 -14.24 -19.49
N THR E 55 -50.05 -13.38 -19.51
CA THR E 55 -51.32 -13.75 -20.11
C THR E 55 -51.81 -12.65 -21.04
N GLY E 56 -52.67 -13.05 -21.97
CA GLY E 56 -53.26 -12.19 -22.96
C GLY E 56 -53.01 -12.73 -24.35
N THR E 57 -53.25 -11.89 -25.34
CA THR E 57 -52.98 -12.25 -26.73
C THR E 57 -52.28 -11.08 -27.41
N GLY E 58 -51.58 -11.40 -28.48
CA GLY E 58 -50.91 -10.37 -29.26
C GLY E 58 -49.66 -9.87 -28.56
N PRO E 59 -48.68 -9.44 -29.33
CA PRO E 59 -47.40 -9.02 -28.76
C PRO E 59 -47.54 -7.74 -27.96
N VAL E 60 -46.61 -7.58 -27.02
CA VAL E 60 -46.51 -6.38 -26.20
C VAL E 60 -45.20 -5.68 -26.56
N THR E 61 -45.27 -4.37 -26.77
CA THR E 61 -44.12 -3.58 -27.21
C THR E 61 -43.63 -2.69 -26.09
N ILE E 62 -42.34 -2.80 -25.76
CA ILE E 62 -41.70 -1.99 -24.73
C ILE E 62 -40.76 -1.01 -25.41
N VAL E 63 -40.81 0.25 -25.01
CA VAL E 63 -40.01 1.30 -25.63
C VAL E 63 -39.34 2.12 -24.53
N PHE E 64 -38.04 2.34 -24.68
CA PHE E 64 -37.26 3.21 -23.80
C PHE E 64 -37.09 4.57 -24.48
N TYR E 65 -37.38 5.64 -23.75
CA TYR E 65 -37.36 6.98 -24.29
C TYR E 65 -36.35 7.83 -23.55
N SER E 66 -35.55 8.58 -24.31
CA SER E 66 -34.62 9.55 -23.77
C SER E 66 -35.10 10.93 -24.18
N GLY E 67 -35.56 11.70 -23.20
CA GLY E 67 -36.08 13.02 -23.49
C GLY E 67 -37.60 13.04 -23.57
N GLY E 68 -38.26 12.36 -22.65
CA GLY E 68 -39.70 12.33 -22.62
C GLY E 68 -40.26 11.33 -23.61
N VAL E 69 -41.59 11.17 -23.56
CA VAL E 69 -42.25 10.22 -24.43
C VAL E 69 -42.14 10.66 -25.88
N THR E 70 -42.16 11.97 -26.12
CA THR E 70 -41.94 12.52 -27.46
C THR E 70 -40.46 12.84 -27.62
N GLY E 71 -39.64 11.85 -27.34
CA GLY E 71 -38.20 12.01 -27.43
C GLY E 71 -37.59 11.13 -28.49
N THR E 72 -36.64 10.28 -28.09
CA THR E 72 -35.96 9.40 -29.04
C THR E 72 -36.03 7.98 -28.51
N ALA E 73 -36.54 7.07 -29.34
CA ALA E 73 -36.66 5.68 -28.93
C ALA E 73 -35.31 5.00 -28.97
N VAL E 74 -34.55 5.07 -27.87
CA VAL E 74 -33.24 4.47 -27.84
C VAL E 74 -33.31 2.95 -27.91
N GLU E 75 -34.43 2.34 -27.54
CA GLU E 75 -34.59 0.90 -27.58
C GLU E 75 -36.05 0.54 -27.71
N THR E 76 -36.33 -0.54 -28.44
CA THR E 76 -37.69 -1.03 -28.64
C THR E 76 -37.66 -2.54 -28.80
N ILE E 77 -38.49 -3.25 -28.03
CA ILE E 77 -38.54 -4.71 -28.08
C ILE E 77 -40.00 -5.14 -28.17
N VAL E 78 -40.27 -6.17 -28.96
CA VAL E 78 -41.60 -6.74 -29.12
C VAL E 78 -41.57 -8.17 -28.59
N VAL E 79 -42.43 -8.47 -27.63
CA VAL E 79 -42.41 -9.75 -26.92
C VAL E 79 -43.74 -10.45 -27.14
N ALA E 80 -43.68 -11.73 -27.52
CA ALA E 80 -44.88 -12.53 -27.70
C ALA E 80 -45.37 -13.06 -26.35
N THR E 81 -46.60 -13.55 -26.35
CA THR E 81 -47.21 -14.05 -25.13
C THR E 81 -46.62 -15.41 -24.76
N GLY E 82 -46.31 -15.59 -23.48
CA GLY E 82 -45.71 -16.82 -23.02
C GLY E 82 -44.21 -16.87 -23.11
N SER E 83 -43.55 -15.78 -23.48
CA SER E 83 -42.09 -15.71 -23.58
C SER E 83 -41.60 -14.45 -22.87
N SER E 84 -40.28 -14.28 -22.86
CA SER E 84 -39.66 -13.19 -22.13
C SER E 84 -38.57 -12.56 -22.98
N ALA E 85 -38.08 -11.41 -22.53
CA ALA E 85 -36.96 -10.76 -23.21
C ALA E 85 -36.20 -9.89 -22.23
N SER E 86 -34.87 -9.95 -22.29
CA SER E 86 -34.02 -9.22 -21.36
C SER E 86 -33.31 -8.07 -22.06
N PHE E 87 -32.67 -7.22 -21.26
CA PHE E 87 -32.06 -6.01 -21.81
C PHE E 87 -31.09 -5.40 -20.82
N THR E 88 -30.22 -4.52 -21.33
CA THR E 88 -29.48 -3.55 -20.55
C THR E 88 -29.33 -2.27 -21.37
N VAL E 89 -29.57 -1.13 -20.74
CA VAL E 89 -29.71 0.15 -21.44
C VAL E 89 -29.13 1.26 -20.57
N ARG E 90 -28.61 2.30 -21.22
CA ARG E 90 -28.14 3.49 -20.52
C ARG E 90 -28.76 4.72 -21.16
N ARG E 91 -28.71 5.83 -20.42
CA ARG E 91 -29.29 7.10 -20.84
C ARG E 91 -30.69 6.95 -21.42
N PHE E 92 -31.64 6.65 -20.55
CA PHE E 92 -33.05 6.67 -20.88
C PHE E 92 -33.81 7.43 -19.81
N ASP E 93 -34.97 7.96 -20.18
CA ASP E 93 -35.73 8.82 -19.29
C ASP E 93 -37.04 8.17 -18.85
N THR E 94 -37.76 7.53 -19.76
CA THR E 94 -39.00 6.85 -19.41
C THR E 94 -39.06 5.50 -20.13
N VAL E 95 -39.97 4.65 -19.66
CA VAL E 95 -40.26 3.39 -20.34
C VAL E 95 -41.77 3.27 -20.49
N THR E 96 -42.21 2.85 -21.67
CA THR E 96 -43.64 2.68 -21.91
C THR E 96 -43.91 1.30 -22.48
N ILE E 97 -45.09 0.78 -22.15
CA ILE E 97 -45.56 -0.49 -22.68
C ILE E 97 -46.86 -0.27 -23.45
N LEU E 98 -47.00 -1.03 -24.53
CA LEU E 98 -48.16 -0.95 -25.42
C LEU E 98 -48.64 -2.36 -25.69
N GLY E 99 -49.95 -2.59 -25.55
CA GLY E 99 -50.54 -3.89 -25.78
C GLY E 99 -51.86 -3.77 -26.50
N THR E 100 -52.34 -4.93 -26.96
CA THR E 100 -53.64 -5.02 -27.60
C THR E 100 -54.74 -4.71 -26.58
N ALA E 101 -55.94 -4.40 -27.05
CA ALA E 101 -57.06 -4.14 -26.16
C ALA E 101 -57.66 -5.43 -25.63
N ALA E 102 -56.79 -6.30 -25.12
CA ALA E 102 -57.19 -7.53 -24.47
C ALA E 102 -56.66 -7.63 -23.05
N ALA E 103 -56.00 -6.57 -22.56
CA ALA E 103 -55.52 -6.49 -21.19
C ALA E 103 -54.56 -7.63 -20.87
N GLU E 104 -53.46 -7.68 -21.62
CA GLU E 104 -52.39 -8.59 -21.27
C GLU E 104 -51.79 -8.19 -19.94
N THR E 105 -51.22 -9.15 -19.23
CA THR E 105 -50.58 -8.84 -17.96
C THR E 105 -49.31 -9.66 -17.81
N GLY E 106 -48.40 -9.14 -17.01
CA GLY E 106 -47.11 -9.76 -16.83
C GLY E 106 -46.30 -9.08 -15.75
N GLU E 107 -44.99 -9.35 -15.77
CA GLU E 107 -44.07 -8.87 -14.74
C GLU E 107 -43.02 -7.94 -15.36
N PHE E 108 -42.27 -7.27 -14.49
CA PHE E 108 -41.22 -6.36 -14.94
C PHE E 108 -40.21 -6.20 -13.81
N CYS E 109 -38.98 -6.62 -14.03
CA CYS E 109 -37.91 -6.54 -13.04
C CYS E 109 -36.74 -5.75 -13.61
N MET E 110 -36.11 -4.94 -12.77
CA MET E 110 -35.02 -4.10 -13.24
C MET E 110 -34.07 -3.74 -12.10
N THR E 111 -32.77 -3.90 -12.35
CA THR E 111 -31.72 -3.44 -11.45
C THR E 111 -31.04 -2.21 -12.03
N ILE E 112 -30.79 -1.22 -11.19
CA ILE E 112 -30.38 0.11 -11.62
C ILE E 112 -29.07 0.47 -10.95
N ARG E 113 -28.10 0.94 -11.75
CA ARG E 113 -26.81 1.38 -11.24
C ARG E 113 -26.67 2.87 -11.43
N TYR E 114 -26.23 3.58 -10.40
CA TYR E 114 -25.88 4.97 -10.59
C TYR E 114 -24.70 5.30 -9.69
N THR E 115 -23.77 6.07 -10.24
CA THR E 115 -22.50 6.41 -9.59
C THR E 115 -22.55 7.75 -8.88
N LEU E 116 -23.55 7.97 -8.04
CA LEU E 116 -23.64 9.24 -7.32
C LEU E 116 -23.51 9.05 -5.82
N SER E 117 -24.40 8.28 -5.21
CA SER E 117 -24.40 8.09 -3.78
C SER E 117 -25.30 6.95 -3.39
N THR F 6 1.97 10.29 -8.61
CA THR F 6 1.90 11.16 -7.45
C THR F 6 1.90 12.62 -7.86
N ASN F 7 1.46 12.89 -9.09
CA ASN F 7 1.36 14.23 -9.62
C ASN F 7 -0.11 14.60 -9.76
N LEU F 8 -0.48 15.77 -9.25
CA LEU F 8 -1.88 16.18 -9.27
C LEU F 8 -2.34 16.41 -10.70
N SER F 9 -3.54 15.93 -11.00
CA SER F 9 -4.11 16.05 -12.34
C SER F 9 -5.61 16.20 -12.19
N CYS F 10 -6.18 17.14 -12.93
CA CYS F 10 -7.60 17.44 -12.86
C CYS F 10 -8.27 16.74 -14.04
N CYS F 11 -8.41 15.43 -13.94
CA CYS F 11 -8.91 14.58 -15.02
C CYS F 11 -10.21 13.94 -14.57
N ALA F 12 -11.32 14.36 -15.19
CA ALA F 12 -12.65 13.93 -14.75
C ALA F 12 -12.93 12.50 -15.17
N ASN F 13 -12.91 12.23 -16.47
CA ASN F 13 -13.10 10.88 -16.96
C ASN F 13 -11.87 10.05 -16.64
N GLY F 14 -11.59 9.85 -15.36
CA GLY F 14 -10.35 9.27 -14.92
C GLY F 14 -10.41 7.77 -14.78
N GLN F 15 -10.24 7.28 -13.56
CA GLN F 15 -10.25 5.84 -13.32
C GLN F 15 -11.62 5.26 -13.68
N LYS F 16 -11.59 4.08 -14.29
CA LYS F 16 -12.79 3.39 -14.71
C LYS F 16 -12.84 2.02 -14.06
N THR F 17 -13.98 1.68 -13.49
CA THR F 17 -14.18 0.40 -12.84
C THR F 17 -14.97 -0.54 -13.73
N ILE F 18 -14.80 -1.83 -13.49
CA ILE F 18 -15.48 -2.87 -14.24
C ILE F 18 -16.59 -3.43 -13.38
N VAL F 19 -17.79 -3.56 -13.95
CA VAL F 19 -18.94 -4.03 -13.21
C VAL F 19 -19.57 -5.19 -13.96
N GLN F 20 -20.32 -6.01 -13.21
CA GLN F 20 -20.92 -7.23 -13.72
C GLN F 20 -22.39 -7.32 -13.32
N ASP F 21 -23.19 -7.81 -14.26
CA ASP F 21 -24.63 -8.00 -14.07
C ASP F 21 -24.98 -9.42 -14.50
N LYS F 22 -26.21 -9.85 -14.19
CA LYS F 22 -26.64 -11.19 -14.51
C LYS F 22 -28.12 -11.18 -14.87
N VAL F 23 -28.51 -12.02 -15.83
CA VAL F 23 -29.91 -12.16 -16.22
C VAL F 23 -30.22 -13.62 -16.49
N CYS F 24 -31.47 -13.99 -16.20
CA CYS F 24 -31.97 -15.35 -16.36
C CYS F 24 -33.37 -15.25 -16.94
N ILE F 25 -33.68 -16.01 -17.98
CA ILE F 25 -35.05 -16.04 -18.49
C ILE F 25 -35.40 -17.44 -18.97
N ASP F 26 -36.70 -17.64 -19.16
CA ASP F 26 -37.25 -18.82 -19.80
C ASP F 26 -37.89 -18.40 -21.11
N TRP F 27 -37.62 -19.15 -22.17
CA TRP F 27 -38.04 -18.76 -23.50
C TRP F 27 -38.83 -19.87 -24.19
N THR F 28 -39.72 -19.46 -25.08
CA THR F 28 -40.45 -20.33 -25.98
C THR F 28 -40.20 -19.87 -27.41
N ALA F 29 -39.85 -20.80 -28.28
CA ALA F 29 -39.40 -20.47 -29.62
C ALA F 29 -40.46 -20.81 -30.66
N ALA F 30 -40.78 -19.83 -31.52
CA ALA F 30 -41.66 -20.06 -32.64
C ALA F 30 -40.82 -20.36 -33.89
N ALA F 31 -41.48 -20.49 -35.04
CA ALA F 31 -40.76 -20.72 -36.28
C ALA F 31 -40.43 -19.43 -37.00
N THR F 32 -39.92 -18.44 -36.26
CA THR F 32 -39.40 -17.20 -36.80
C THR F 32 -38.33 -16.72 -35.82
N ALA F 33 -37.42 -15.88 -36.30
CA ALA F 33 -36.40 -15.34 -35.43
C ALA F 33 -37.05 -14.48 -34.36
N ALA F 34 -36.70 -14.72 -33.10
CA ALA F 34 -37.25 -13.99 -31.98
C ALA F 34 -36.13 -13.34 -31.19
N ILE F 35 -36.29 -12.06 -30.87
CA ILE F 35 -35.29 -11.33 -30.10
C ILE F 35 -35.34 -11.80 -28.65
N ILE F 36 -34.19 -12.20 -28.13
CA ILE F 36 -34.10 -12.71 -26.77
C ILE F 36 -33.27 -11.80 -25.87
N TYR F 37 -32.51 -10.87 -26.45
CA TYR F 37 -31.65 -9.97 -25.70
C TYR F 37 -31.26 -8.81 -26.60
N ALA F 38 -31.14 -7.62 -26.02
CA ALA F 38 -30.78 -6.44 -26.79
C ALA F 38 -30.16 -5.40 -25.88
N ASP F 39 -29.24 -4.62 -26.42
CA ASP F 39 -28.57 -3.58 -25.66
C ASP F 39 -28.23 -2.42 -26.58
N ASN F 40 -27.59 -1.40 -26.00
CA ASN F 40 -27.03 -0.32 -26.80
C ASN F 40 -25.60 0.00 -26.41
N ILE F 41 -25.00 -0.74 -25.49
CA ILE F 41 -23.58 -0.59 -25.19
C ILE F 41 -22.80 -1.60 -26.00
N SER F 42 -22.73 -1.42 -27.31
CA SER F 42 -22.19 -2.46 -28.16
C SER F 42 -20.67 -2.48 -28.17
N GLN F 43 -20.02 -1.35 -27.89
CA GLN F 43 -18.58 -1.26 -28.07
C GLN F 43 -17.80 -1.95 -26.96
N ASP F 44 -18.28 -1.90 -25.73
CA ASP F 44 -17.58 -2.52 -24.60
C ASP F 44 -18.55 -3.41 -23.85
N ILE F 45 -18.65 -4.67 -24.26
CA ILE F 45 -19.49 -5.62 -23.55
C ILE F 45 -18.89 -7.00 -23.73
N TYR F 46 -18.85 -7.75 -22.63
CA TYR F 46 -18.35 -9.12 -22.63
C TYR F 46 -19.38 -9.96 -21.91
N ALA F 47 -19.86 -11.02 -22.55
CA ALA F 47 -20.94 -11.81 -21.98
C ALA F 47 -20.60 -13.29 -22.03
N SER F 48 -20.84 -13.98 -20.93
CA SER F 48 -20.67 -15.42 -20.83
C SER F 48 -21.98 -16.03 -20.36
N GLY F 49 -22.24 -17.26 -20.80
CA GLY F 49 -23.45 -17.93 -20.37
C GLY F 49 -23.68 -19.24 -21.07
N TYR F 50 -24.91 -19.74 -20.95
CA TYR F 50 -25.31 -20.98 -21.59
C TYR F 50 -26.73 -20.88 -22.09
N LEU F 51 -27.07 -21.78 -23.01
CA LEU F 51 -28.43 -21.97 -23.48
C LEU F 51 -28.77 -23.44 -23.34
N LYS F 52 -29.92 -23.71 -22.74
CA LYS F 52 -30.41 -25.07 -22.52
C LYS F 52 -31.75 -25.24 -23.21
N VAL F 53 -31.85 -26.25 -24.06
CA VAL F 53 -33.10 -26.57 -24.75
C VAL F 53 -33.77 -27.68 -23.97
N ASP F 54 -34.91 -27.36 -23.35
CA ASP F 54 -35.54 -28.27 -22.41
C ASP F 54 -36.51 -29.22 -23.11
N THR F 55 -37.52 -28.68 -23.77
CA THR F 55 -38.52 -29.53 -24.40
C THR F 55 -38.79 -29.05 -25.82
N GLY F 56 -39.29 -29.96 -26.63
CA GLY F 56 -39.61 -29.74 -28.02
C GLY F 56 -38.91 -30.74 -28.89
N THR F 57 -38.90 -30.45 -30.19
CA THR F 57 -38.20 -31.28 -31.15
C THR F 57 -37.42 -30.39 -32.10
N GLY F 58 -36.39 -30.95 -32.73
CA GLY F 58 -35.61 -30.23 -33.69
C GLY F 58 -34.68 -29.24 -33.03
N PRO F 59 -33.56 -28.96 -33.67
CA PRO F 59 -32.55 -28.09 -33.06
C PRO F 59 -33.04 -26.65 -32.98
N VAL F 60 -32.47 -25.91 -32.04
CA VAL F 60 -32.72 -24.49 -31.87
C VAL F 60 -31.43 -23.75 -32.18
N THR F 61 -31.54 -22.68 -32.97
CA THR F 61 -30.38 -21.94 -33.44
C THR F 61 -30.34 -20.57 -32.77
N ILE F 62 -29.21 -20.26 -32.14
CA ILE F 62 -28.99 -18.98 -31.47
C ILE F 62 -27.96 -18.21 -32.28
N VAL F 63 -28.25 -16.92 -32.54
CA VAL F 63 -27.39 -16.07 -33.35
C VAL F 63 -27.15 -14.76 -32.64
N PHE F 64 -25.89 -14.34 -32.55
CA PHE F 64 -25.50 -13.05 -32.01
C PHE F 64 -25.25 -12.09 -33.17
N TYR F 65 -25.84 -10.90 -33.11
CA TYR F 65 -25.76 -9.93 -34.18
C TYR F 65 -25.10 -8.65 -33.69
N SER F 66 -24.18 -8.14 -34.49
CA SER F 66 -23.54 -6.86 -34.26
C SER F 66 -23.99 -5.90 -35.35
N GLY F 67 -24.80 -4.92 -34.98
CA GLY F 67 -25.31 -3.98 -35.95
C GLY F 67 -26.72 -4.33 -36.39
N GLY F 68 -27.57 -4.68 -35.45
CA GLY F 68 -28.95 -5.02 -35.75
C GLY F 68 -29.09 -6.41 -36.28
N VAL F 69 -30.35 -6.81 -36.46
CA VAL F 69 -30.63 -8.17 -36.94
C VAL F 69 -30.12 -8.36 -38.36
N THR F 70 -30.18 -7.30 -39.17
CA THR F 70 -29.61 -7.32 -40.51
C THR F 70 -28.18 -6.78 -40.45
N GLY F 71 -27.40 -7.37 -39.56
CA GLY F 71 -26.02 -6.95 -39.37
C GLY F 71 -25.05 -8.05 -39.73
N THR F 72 -24.19 -8.43 -38.78
CA THR F 72 -23.18 -9.45 -39.03
C THR F 72 -23.29 -10.51 -37.94
N ALA F 73 -23.45 -11.77 -38.35
CA ALA F 73 -23.57 -12.85 -37.40
C ALA F 73 -22.21 -13.18 -36.80
N VAL F 74 -21.85 -12.50 -35.71
CA VAL F 74 -20.55 -12.75 -35.09
C VAL F 74 -20.47 -14.13 -34.48
N GLU F 75 -21.60 -14.76 -34.15
CA GLU F 75 -21.60 -16.09 -33.56
C GLU F 75 -22.93 -16.77 -33.85
N THR F 76 -22.88 -18.08 -34.04
CA THR F 76 -24.07 -18.89 -34.31
C THR F 76 -23.86 -20.29 -33.76
N ILE F 77 -24.81 -20.77 -32.97
CA ILE F 77 -24.73 -22.10 -32.36
C ILE F 77 -26.05 -22.83 -32.58
N VAL F 78 -25.96 -24.13 -32.85
CA VAL F 78 -27.14 -24.97 -33.04
C VAL F 78 -27.14 -26.01 -31.94
N VAL F 79 -28.23 -26.07 -31.17
CA VAL F 79 -28.33 -26.90 -29.97
C VAL F 79 -29.45 -27.90 -30.16
N ALA F 80 -29.18 -29.17 -29.88
CA ALA F 80 -30.19 -30.21 -29.94
C ALA F 80 -31.02 -30.22 -28.67
N THR F 81 -32.14 -30.93 -28.73
CA THR F 81 -33.06 -30.99 -27.60
C THR F 81 -32.50 -31.91 -26.52
N GLY F 82 -32.57 -31.48 -25.28
CA GLY F 82 -32.05 -32.25 -24.18
C GLY F 82 -30.58 -32.01 -23.87
N SER F 83 -29.94 -31.06 -24.53
CA SER F 83 -28.54 -30.73 -24.30
C SER F 83 -28.40 -29.22 -24.16
N SER F 84 -27.17 -28.78 -23.91
CA SER F 84 -26.89 -27.38 -23.63
C SER F 84 -25.65 -26.94 -24.40
N ALA F 85 -25.42 -25.63 -24.42
CA ALA F 85 -24.21 -25.11 -25.04
C ALA F 85 -23.87 -23.76 -24.42
N SER F 86 -22.59 -23.55 -24.13
CA SER F 86 -22.12 -22.35 -23.46
C SER F 86 -21.33 -21.46 -24.42
N PHE F 87 -21.04 -20.25 -23.98
CA PHE F 87 -20.40 -19.27 -24.85
C PHE F 87 -19.83 -18.11 -24.05
N THR F 88 -18.93 -17.37 -24.69
CA THR F 88 -18.54 -16.02 -24.29
C THR F 88 -18.26 -15.20 -25.54
N VAL F 89 -18.78 -13.98 -25.59
CA VAL F 89 -18.80 -13.17 -26.80
C VAL F 89 -18.61 -11.71 -26.42
N ARG F 90 -18.01 -10.93 -27.32
CA ARG F 90 -17.88 -9.49 -27.17
C ARG F 90 -18.37 -8.79 -28.42
N ARG F 91 -18.65 -7.50 -28.29
CA ARG F 91 -19.18 -6.67 -29.37
C ARG F 91 -20.32 -7.35 -30.13
N PHE F 92 -21.46 -7.47 -29.47
CA PHE F 92 -22.69 -7.87 -30.10
C PHE F 92 -23.81 -6.92 -29.70
N ASP F 93 -24.83 -6.85 -30.54
CA ASP F 93 -25.90 -5.89 -30.35
C ASP F 93 -27.23 -6.56 -29.99
N THR F 94 -27.58 -7.66 -30.64
CA THR F 94 -28.80 -8.38 -30.32
C THR F 94 -28.53 -9.87 -30.33
N VAL F 95 -29.45 -10.64 -29.76
CA VAL F 95 -29.42 -12.09 -29.82
C VAL F 95 -30.78 -12.58 -30.26
N THR F 96 -30.82 -13.54 -31.18
CA THR F 96 -32.08 -14.09 -31.65
C THR F 96 -32.05 -15.61 -31.57
N ILE F 97 -33.22 -16.18 -31.33
CA ILE F 97 -33.39 -17.63 -31.31
C ILE F 97 -34.41 -18.03 -32.38
N LEU F 98 -34.14 -19.17 -33.00
CA LEU F 98 -34.98 -19.72 -34.06
C LEU F 98 -35.24 -21.18 -33.77
N GLY F 99 -36.50 -21.60 -33.85
CA GLY F 99 -36.87 -22.97 -33.60
C GLY F 99 -37.92 -23.45 -34.58
N THR F 100 -38.14 -24.77 -34.56
CA THR F 100 -39.16 -25.39 -35.37
C THR F 100 -40.54 -24.93 -34.89
N ALA F 101 -41.55 -25.11 -35.73
CA ALA F 101 -42.91 -24.74 -35.34
C ALA F 101 -43.54 -25.80 -34.44
N ALA F 102 -42.79 -26.17 -33.40
CA ALA F 102 -43.27 -27.08 -32.37
C ALA F 102 -43.20 -26.46 -30.99
N ALA F 103 -42.82 -25.18 -30.90
CA ALA F 103 -42.78 -24.43 -29.65
C ALA F 103 -41.88 -25.12 -28.62
N GLU F 104 -40.61 -25.23 -28.98
CA GLU F 104 -39.61 -25.67 -28.01
C GLU F 104 -39.48 -24.63 -26.91
N THR F 105 -39.09 -25.07 -25.73
CA THR F 105 -38.88 -24.13 -24.63
C THR F 105 -37.66 -24.53 -23.83
N GLY F 106 -37.10 -23.53 -23.17
CA GLY F 106 -35.87 -23.74 -22.43
C GLY F 106 -35.49 -22.52 -21.62
N GLU F 107 -34.22 -22.48 -21.20
CA GLU F 107 -33.70 -21.44 -20.33
C GLU F 107 -32.61 -20.65 -21.03
N PHE F 108 -32.22 -19.54 -20.42
CA PHE F 108 -31.15 -18.69 -20.96
C PHE F 108 -30.56 -17.86 -19.84
N CYS F 109 -29.28 -18.07 -19.54
CA CYS F 109 -28.58 -17.38 -18.48
C CYS F 109 -27.37 -16.65 -19.05
N MET F 110 -27.10 -15.44 -18.55
CA MET F 110 -25.99 -14.66 -19.08
C MET F 110 -25.47 -13.68 -18.05
N THR F 111 -24.15 -13.64 -17.88
CA THR F 111 -23.48 -12.63 -17.07
C THR F 111 -22.76 -11.65 -17.98
N ILE F 112 -22.85 -10.37 -17.65
CA ILE F 112 -22.45 -9.28 -18.53
C ILE F 112 -21.43 -8.41 -17.81
N ARG F 113 -20.32 -8.12 -18.47
CA ARG F 113 -19.30 -7.24 -17.93
C ARG F 113 -19.22 -5.97 -18.75
N TYR F 114 -19.19 -4.83 -18.08
CA TYR F 114 -18.90 -3.60 -18.80
C TYR F 114 -18.09 -2.67 -17.91
N THR F 115 -17.11 -2.01 -18.51
CA THR F 115 -16.13 -1.19 -17.80
C THR F 115 -16.51 0.28 -17.82
N LEU F 116 -17.74 0.62 -17.44
CA LEU F 116 -18.14 2.01 -17.42
C LEU F 116 -18.47 2.49 -16.02
N SER F 117 -19.43 1.87 -15.35
CA SER F 117 -19.85 2.31 -14.04
C SER F 117 -20.73 1.25 -13.40
N THR G 6 5.80 8.36 -13.01
CA THR G 6 5.30 9.59 -12.42
C THR G 6 5.27 10.72 -13.43
N ASN G 7 5.19 10.36 -14.71
CA ASN G 7 5.11 11.32 -15.80
C ASN G 7 3.72 11.25 -16.41
N LEU G 8 3.09 12.41 -16.57
CA LEU G 8 1.73 12.44 -17.09
C LEU G 8 1.70 11.97 -18.53
N SER G 9 0.71 11.15 -18.85
CA SER G 9 0.56 10.60 -20.19
C SER G 9 -0.93 10.44 -20.47
N CYS G 10 -1.35 10.85 -21.66
CA CYS G 10 -2.75 10.82 -22.05
C CYS G 10 -2.95 9.58 -22.91
N CYS G 11 -2.96 8.42 -22.25
CA CYS G 11 -3.02 7.12 -22.93
C CYS G 11 -4.32 6.44 -22.54
N ALA G 12 -5.24 6.32 -23.52
CA ALA G 12 -6.58 5.80 -23.24
C ALA G 12 -6.57 4.29 -23.03
N ASN G 13 -6.13 3.54 -24.03
CA ASN G 13 -6.01 2.10 -23.89
C ASN G 13 -4.85 1.78 -22.98
N GLY G 14 -4.96 2.18 -21.71
CA GLY G 14 -3.84 2.11 -20.79
C GLY G 14 -3.77 0.83 -20.00
N GLN G 15 -3.94 0.92 -18.69
CA GLN G 15 -3.87 -0.25 -17.84
C GLN G 15 -4.98 -1.23 -18.19
N LYS G 16 -4.65 -2.52 -18.20
CA LYS G 16 -5.59 -3.57 -18.52
C LYS G 16 -5.68 -4.53 -17.34
N THR G 17 -6.91 -4.87 -16.96
CA THR G 17 -7.14 -5.79 -15.86
C THR G 17 -7.53 -7.16 -16.40
N ILE G 18 -7.30 -8.17 -15.57
CA ILE G 18 -7.61 -9.55 -15.90
C ILE G 18 -8.86 -9.96 -15.15
N VAL G 19 -9.80 -10.57 -15.86
CA VAL G 19 -11.07 -10.97 -15.26
C VAL G 19 -11.32 -12.44 -15.54
N GLN G 20 -12.17 -13.02 -14.70
CA GLN G 20 -12.44 -14.46 -14.72
C GLN G 20 -13.95 -14.71 -14.66
N ASP G 21 -14.38 -15.70 -15.43
CA ASP G 21 -15.77 -16.13 -15.52
C ASP G 21 -15.82 -17.64 -15.32
N LYS G 22 -17.03 -18.16 -15.15
CA LYS G 22 -17.20 -19.60 -14.92
C LYS G 22 -18.50 -20.07 -15.56
N VAL G 23 -18.48 -21.28 -16.10
CA VAL G 23 -19.69 -21.88 -16.68
C VAL G 23 -19.75 -23.36 -16.34
N CYS G 24 -20.97 -23.86 -16.21
CA CYS G 24 -21.24 -25.24 -15.84
C CYS G 24 -22.41 -25.70 -16.71
N ILE G 25 -22.31 -26.87 -17.33
CA ILE G 25 -23.45 -27.41 -18.07
C ILE G 25 -23.49 -28.92 -17.93
N ASP G 26 -24.64 -29.47 -18.30
CA ASP G 26 -24.84 -30.91 -18.44
C ASP G 26 -25.10 -31.20 -19.92
N TRP G 27 -24.45 -32.24 -20.44
CA TRP G 27 -24.48 -32.52 -21.86
C TRP G 27 -24.89 -33.95 -22.13
N THR G 28 -25.51 -34.15 -23.29
CA THR G 28 -25.84 -35.45 -23.84
C THR G 28 -25.23 -35.56 -25.22
N ALA G 29 -24.53 -36.65 -25.48
CA ALA G 29 -23.73 -36.80 -26.69
C ALA G 29 -24.40 -37.75 -27.68
N ALA G 30 -24.54 -37.31 -28.92
CA ALA G 30 -25.01 -38.17 -30.00
C ALA G 30 -23.81 -38.73 -30.75
N ALA G 31 -24.07 -39.46 -31.83
CA ALA G 31 -22.98 -39.99 -32.64
C ALA G 31 -22.59 -39.07 -33.78
N THR G 32 -22.45 -37.78 -33.46
CA THR G 32 -21.92 -36.76 -34.36
C THR G 32 -21.25 -35.71 -33.49
N ALA G 33 -20.33 -34.95 -34.08
CA ALA G 33 -19.69 -33.88 -33.33
C ALA G 33 -20.73 -32.84 -32.94
N ALA G 34 -20.74 -32.47 -31.67
CA ALA G 34 -21.69 -31.49 -31.15
C ALA G 34 -20.92 -30.35 -30.51
N ILE G 35 -21.32 -29.12 -30.84
CA ILE G 35 -20.68 -27.94 -30.28
C ILE G 35 -21.11 -27.79 -28.83
N ILE G 36 -20.14 -27.68 -27.94
CA ILE G 36 -20.41 -27.55 -26.51
C ILE G 36 -19.99 -26.19 -25.97
N TYR G 37 -19.19 -25.44 -26.71
CA TYR G 37 -18.71 -24.13 -26.27
C TYR G 37 -18.18 -23.38 -27.48
N ALA G 38 -18.37 -22.06 -27.49
CA ALA G 38 -17.93 -21.24 -28.60
C ALA G 38 -17.73 -19.81 -28.13
N ASP G 39 -16.78 -19.13 -28.75
CA ASP G 39 -16.48 -17.75 -28.40
C ASP G 39 -16.01 -17.00 -29.64
N ASN G 40 -15.68 -15.73 -29.46
CA ASN G 40 -15.04 -14.96 -30.51
C ASN G 40 -13.83 -14.20 -30.00
N ILE G 41 -13.45 -14.34 -28.73
CA ILE G 41 -12.23 -13.76 -28.22
C ILE G 41 -11.13 -14.82 -28.29
N SER G 42 -10.69 -15.16 -29.49
CA SER G 42 -9.81 -16.30 -29.64
C SER G 42 -8.36 -15.97 -29.30
N GLN G 43 -7.96 -14.72 -29.41
CA GLN G 43 -6.54 -14.38 -29.28
C GLN G 43 -6.06 -14.37 -27.85
N ASP G 44 -6.90 -13.94 -26.90
CA ASP G 44 -6.50 -13.87 -25.50
C ASP G 44 -7.56 -14.58 -24.67
N ILE G 45 -7.40 -15.89 -24.47
CA ILE G 45 -8.31 -16.64 -23.63
C ILE G 45 -7.52 -17.80 -23.03
N TYR G 46 -7.74 -18.02 -21.73
CA TYR G 46 -7.13 -19.12 -21.01
C TYR G 46 -8.23 -19.81 -20.23
N ALA G 47 -8.37 -21.11 -20.42
CA ALA G 47 -9.48 -21.82 -19.81
C ALA G 47 -8.99 -23.09 -19.13
N SER G 48 -9.48 -23.31 -17.91
CA SER G 48 -9.19 -24.51 -17.15
C SER G 48 -10.50 -25.18 -16.75
N GLY G 49 -10.47 -26.49 -16.64
CA GLY G 49 -11.69 -27.18 -16.23
C GLY G 49 -11.56 -28.68 -16.30
N TYR G 50 -12.70 -29.36 -16.27
CA TYR G 50 -12.75 -30.82 -16.34
C TYR G 50 -13.96 -31.24 -17.15
N LEU G 51 -13.90 -32.49 -17.61
CA LEU G 51 -15.03 -33.16 -18.24
C LEU G 51 -15.24 -34.48 -17.53
N LYS G 52 -16.49 -34.75 -17.14
CA LYS G 52 -16.86 -35.98 -16.46
C LYS G 52 -17.90 -36.72 -17.29
N VAL G 53 -17.64 -37.98 -17.59
CA VAL G 53 -18.57 -38.81 -18.32
C VAL G 53 -19.33 -39.64 -17.30
N ASP G 54 -20.63 -39.36 -17.16
CA ASP G 54 -21.41 -39.94 -16.08
C ASP G 54 -22.02 -41.29 -16.48
N THR G 55 -22.84 -41.30 -17.52
CA THR G 55 -23.50 -42.53 -17.92
C THR G 55 -23.38 -42.74 -19.42
N GLY G 56 -23.51 -44.00 -19.82
CA GLY G 56 -23.42 -44.42 -21.20
C GLY G 56 -22.39 -45.50 -21.35
N THR G 57 -22.01 -45.78 -22.59
CA THR G 57 -20.97 -46.73 -22.89
C THR G 57 -20.04 -46.14 -23.95
N GLY G 58 -18.82 -46.66 -23.99
CA GLY G 58 -17.87 -46.22 -24.98
C GLY G 58 -17.30 -44.86 -24.64
N PRO G 59 -16.07 -44.62 -25.07
CA PRO G 59 -15.40 -43.37 -24.71
C PRO G 59 -16.03 -42.17 -25.40
N VAL G 60 -15.85 -41.01 -24.78
CA VAL G 60 -16.29 -39.73 -25.32
C VAL G 60 -15.06 -38.91 -25.64
N THR G 61 -15.04 -38.31 -26.82
CA THR G 61 -13.88 -37.56 -27.30
C THR G 61 -14.19 -36.08 -27.33
N ILE G 62 -13.34 -35.28 -26.67
CA ILE G 62 -13.47 -33.84 -26.63
C ILE G 62 -12.34 -33.24 -27.44
N VAL G 63 -12.67 -32.27 -28.29
CA VAL G 63 -11.70 -31.65 -29.19
C VAL G 63 -11.83 -30.14 -29.10
N PHE G 64 -10.71 -29.45 -28.93
CA PHE G 64 -10.65 -27.99 -28.96
C PHE G 64 -10.16 -27.55 -30.34
N TYR G 65 -10.87 -26.61 -30.94
CA TYR G 65 -10.57 -26.16 -32.30
C TYR G 65 -10.23 -24.67 -32.30
N SER G 66 -9.16 -24.33 -33.01
CA SER G 66 -8.77 -22.94 -33.24
C SER G 66 -8.98 -22.65 -34.71
N GLY G 67 -9.96 -21.81 -35.02
CA GLY G 67 -10.25 -21.48 -36.40
C GLY G 67 -11.42 -22.29 -36.94
N GLY G 68 -12.47 -22.42 -36.14
CA GLY G 68 -13.64 -23.15 -36.57
C GLY G 68 -13.47 -24.65 -36.43
N VAL G 69 -14.56 -25.35 -36.69
CA VAL G 69 -14.54 -26.81 -36.56
C VAL G 69 -13.60 -27.42 -37.59
N THR G 70 -13.53 -26.82 -38.79
CA THR G 70 -12.58 -27.25 -39.80
C THR G 70 -11.31 -26.43 -39.68
N GLY G 71 -10.77 -26.41 -38.46
CA GLY G 71 -9.58 -25.65 -38.18
C GLY G 71 -8.42 -26.55 -37.78
N THR G 72 -7.86 -26.31 -36.59
CA THR G 72 -6.72 -27.08 -36.12
C THR G 72 -7.03 -27.61 -34.73
N ALA G 73 -6.93 -28.93 -34.56
CA ALA G 73 -7.22 -29.54 -33.28
C ALA G 73 -6.07 -29.29 -32.30
N VAL G 74 -6.13 -28.16 -31.58
CA VAL G 74 -5.06 -27.83 -30.65
C VAL G 74 -5.02 -28.80 -29.48
N GLU G 75 -6.11 -29.47 -29.17
CA GLU G 75 -6.16 -30.42 -28.06
C GLU G 75 -7.26 -31.45 -28.30
N THR G 76 -7.00 -32.68 -27.87
CA THR G 76 -7.96 -33.77 -28.01
C THR G 76 -7.78 -34.74 -26.86
N ILE G 77 -8.86 -35.07 -26.18
CA ILE G 77 -8.83 -35.98 -25.03
C ILE G 77 -9.94 -37.01 -25.19
N VAL G 78 -9.64 -38.27 -24.82
CA VAL G 78 -10.61 -39.36 -24.87
C VAL G 78 -10.83 -39.84 -23.45
N VAL G 79 -12.09 -39.84 -23.01
CA VAL G 79 -12.44 -40.11 -21.62
C VAL G 79 -13.35 -41.33 -21.58
N ALA G 80 -13.03 -42.28 -20.71
CA ALA G 80 -13.86 -43.46 -20.53
C ALA G 80 -15.03 -43.16 -19.60
N THR G 81 -16.01 -44.06 -19.60
CA THR G 81 -17.21 -43.87 -18.79
C THR G 81 -16.90 -44.14 -17.32
N GLY G 82 -17.39 -43.27 -16.46
CA GLY G 82 -17.14 -43.38 -15.03
C GLY G 82 -15.88 -42.71 -14.55
N SER G 83 -15.17 -41.99 -15.41
CA SER G 83 -13.95 -41.29 -15.05
C SER G 83 -14.02 -39.85 -15.56
N SER G 84 -12.99 -39.08 -15.28
CA SER G 84 -12.95 -37.67 -15.60
C SER G 84 -11.59 -37.30 -16.18
N ALA G 85 -11.50 -36.10 -16.73
CA ALA G 85 -10.23 -35.60 -17.23
C ALA G 85 -10.23 -34.08 -17.22
N SER G 86 -9.13 -33.49 -16.77
CA SER G 86 -9.02 -32.05 -16.63
C SER G 86 -8.08 -31.48 -17.68
N PHE G 87 -8.07 -30.14 -17.78
CA PHE G 87 -7.30 -29.48 -18.83
C PHE G 87 -7.13 -28.00 -18.53
N THR G 88 -6.16 -27.40 -19.22
CA THR G 88 -6.06 -25.95 -19.39
C THR G 88 -5.50 -25.67 -20.78
N VAL G 89 -6.11 -24.71 -21.48
CA VAL G 89 -5.86 -24.48 -22.89
C VAL G 89 -5.95 -22.98 -23.18
N ARG G 90 -5.19 -22.53 -24.17
CA ARG G 90 -5.27 -21.16 -24.66
C ARG G 90 -5.43 -21.15 -26.17
N ARG G 91 -5.87 -20.02 -26.70
CA ARG G 91 -6.15 -19.83 -28.12
C ARG G 91 -6.92 -21.00 -28.73
N PHE G 92 -8.18 -21.09 -28.35
CA PHE G 92 -9.12 -22.00 -29.00
C PHE G 92 -10.39 -21.25 -29.32
N ASP G 93 -11.12 -21.75 -30.32
CA ASP G 93 -12.29 -21.07 -30.82
C ASP G 93 -13.59 -21.82 -30.52
N THR G 94 -13.60 -23.14 -30.66
CA THR G 94 -14.78 -23.93 -30.34
C THR G 94 -14.36 -25.19 -29.62
N VAL G 95 -15.33 -25.85 -28.98
CA VAL G 95 -15.12 -27.16 -28.38
C VAL G 95 -16.23 -28.08 -28.84
N THR G 96 -15.87 -29.31 -29.22
CA THR G 96 -16.87 -30.28 -29.66
C THR G 96 -16.70 -31.58 -28.90
N ILE G 97 -17.82 -32.26 -28.70
CA ILE G 97 -17.84 -33.58 -28.07
C ILE G 97 -18.43 -34.59 -29.04
N LEU G 98 -17.87 -35.80 -29.01
CA LEU G 98 -18.29 -36.90 -29.87
C LEU G 98 -18.47 -38.14 -29.02
N GLY G 99 -19.59 -38.83 -29.19
CA GLY G 99 -19.88 -40.03 -28.43
C GLY G 99 -20.52 -41.09 -29.30
N THR G 100 -20.59 -42.30 -28.75
CA THR G 100 -21.25 -43.41 -29.41
C THR G 100 -22.75 -43.13 -29.51
N ALA G 101 -23.44 -43.85 -30.37
CA ALA G 101 -24.88 -43.67 -30.51
C ALA G 101 -25.63 -44.40 -29.40
N ALA G 102 -25.20 -44.14 -28.17
CA ALA G 102 -25.85 -44.65 -26.98
C ALA G 102 -26.27 -43.52 -26.04
N ALA G 103 -26.08 -42.27 -26.45
CA ALA G 103 -26.50 -41.09 -25.69
C ALA G 103 -25.88 -41.08 -24.30
N GLU G 104 -24.55 -41.04 -24.27
CA GLU G 104 -23.86 -40.81 -23.01
C GLU G 104 -24.18 -39.41 -22.50
N THR G 105 -24.12 -39.25 -21.19
CA THR G 105 -24.36 -37.94 -20.62
C THR G 105 -23.40 -37.68 -19.47
N GLY G 106 -23.17 -36.40 -19.21
CA GLY G 106 -22.20 -36.00 -18.21
C GLY G 106 -22.22 -34.52 -17.97
N GLU G 107 -21.16 -34.02 -17.33
CA GLU G 107 -21.04 -32.63 -16.94
C GLU G 107 -19.87 -31.96 -17.65
N PHE G 108 -19.81 -30.64 -17.53
CA PHE G 108 -18.72 -29.86 -18.14
C PHE G 108 -18.60 -28.54 -17.40
N CYS G 109 -17.45 -28.32 -16.77
CA CYS G 109 -17.18 -27.11 -16.00
C CYS G 109 -15.94 -26.42 -16.55
N MET G 110 -15.97 -25.09 -16.61
CA MET G 110 -14.84 -24.35 -17.16
C MET G 110 -14.76 -22.95 -16.59
N THR G 111 -13.56 -22.55 -16.17
CA THR G 111 -13.28 -21.17 -15.77
C THR G 111 -12.43 -20.50 -16.83
N ILE G 112 -12.75 -19.25 -17.14
CA ILE G 112 -12.23 -18.55 -18.30
C ILE G 112 -11.57 -17.26 -17.84
N ARG G 113 -10.35 -17.01 -18.29
CA ARG G 113 -9.64 -15.78 -17.99
C ARG G 113 -9.46 -14.97 -19.26
N TYR G 114 -9.74 -13.68 -19.18
CA TYR G 114 -9.40 -12.80 -20.29
C TYR G 114 -8.99 -11.44 -19.75
N THR G 115 -7.95 -10.88 -20.34
CA THR G 115 -7.33 -9.64 -19.89
C THR G 115 -7.84 -8.42 -20.65
N LEU G 116 -9.16 -8.26 -20.74
CA LEU G 116 -9.70 -7.10 -21.44
C LEU G 116 -10.49 -6.19 -20.52
N SER G 117 -11.52 -6.69 -19.88
CA SER G 117 -12.37 -5.88 -19.03
C SER G 117 -13.28 -6.76 -18.21
N THR H 6 11.35 5.45 -14.90
CA THR H 6 10.57 6.66 -15.07
C THR H 6 10.77 7.24 -16.47
N ASN H 7 11.13 6.38 -17.41
CA ASN H 7 11.32 6.77 -18.80
C ASN H 7 10.19 6.15 -19.63
N LEU H 8 9.55 6.97 -20.46
CA LEU H 8 8.42 6.49 -21.24
C LEU H 8 8.89 5.48 -22.27
N SER H 9 8.13 4.40 -22.41
CA SER H 9 8.45 3.33 -23.34
C SER H 9 7.15 2.76 -23.86
N CYS H 10 7.10 2.53 -25.17
CA CYS H 10 5.89 2.05 -25.82
C CYS H 10 6.09 0.54 -26.05
N CYS H 11 5.96 -0.22 -24.96
CA CYS H 11 6.24 -1.66 -24.96
C CYS H 11 4.94 -2.38 -24.64
N ALA H 12 4.40 -3.09 -25.63
CA ALA H 12 3.09 -3.73 -25.49
C ALA H 12 3.17 -4.98 -24.62
N ASN H 13 3.97 -5.96 -25.03
CA ASN H 13 4.15 -7.15 -24.21
C ASN H 13 4.99 -6.81 -23.00
N GLY H 14 4.46 -5.96 -22.13
CA GLY H 14 5.23 -5.39 -21.05
C GLY H 14 5.15 -6.19 -19.77
N GLN H 15 4.57 -5.60 -18.73
CA GLN H 15 4.48 -6.28 -17.44
C GLN H 15 3.62 -7.53 -17.57
N LYS H 16 4.05 -8.59 -16.90
CA LYS H 16 3.36 -9.87 -16.92
C LYS H 16 2.98 -10.25 -15.50
N THR H 17 1.74 -10.67 -15.32
CA THR H 17 1.24 -11.09 -14.02
C THR H 17 1.17 -12.60 -13.94
N ILE H 18 1.21 -13.10 -12.72
CA ILE H 18 1.15 -14.53 -12.45
C ILE H 18 -0.24 -14.86 -11.93
N VAL H 19 -0.85 -15.90 -12.48
CA VAL H 19 -2.20 -16.28 -12.10
C VAL H 19 -2.22 -17.75 -11.72
N GLN H 20 -3.23 -18.11 -10.94
CA GLN H 20 -3.37 -19.45 -10.36
C GLN H 20 -4.77 -19.97 -10.56
N ASP H 21 -4.86 -21.27 -10.88
CA ASP H 21 -6.11 -21.98 -11.09
C ASP H 21 -6.09 -23.25 -10.24
N LYS H 22 -7.24 -23.91 -10.15
CA LYS H 22 -7.35 -25.12 -9.34
C LYS H 22 -8.33 -26.08 -9.99
N VAL H 23 -8.04 -27.38 -9.90
CA VAL H 23 -8.95 -28.41 -10.41
C VAL H 23 -8.97 -29.59 -9.45
N CYS H 24 -10.13 -30.24 -9.41
CA CYS H 24 -10.39 -31.38 -8.53
C CYS H 24 -11.18 -32.39 -9.35
N ILE H 25 -10.78 -33.66 -9.32
CA ILE H 25 -11.57 -34.69 -9.98
C ILE H 25 -11.53 -35.99 -9.18
N ASP H 26 -12.45 -36.88 -9.52
CA ASP H 26 -12.46 -38.25 -9.05
C ASP H 26 -12.22 -39.16 -10.23
N TRP H 27 -11.35 -40.15 -10.04
CA TRP H 27 -10.91 -40.99 -11.14
C TRP H 27 -11.09 -42.47 -10.81
N THR H 28 -11.29 -43.25 -11.87
CA THR H 28 -11.32 -44.71 -11.83
C THR H 28 -10.30 -45.23 -12.82
N ALA H 29 -9.45 -46.16 -12.37
CA ALA H 29 -8.30 -46.61 -13.14
C ALA H 29 -8.54 -48.00 -13.71
N ALA H 30 -8.32 -48.15 -15.01
CA ALA H 30 -8.35 -49.45 -15.66
C ALA H 30 -6.94 -50.01 -15.75
N ALA H 31 -6.78 -51.14 -16.41
CA ALA H 31 -5.44 -51.72 -16.59
C ALA H 31 -4.80 -51.27 -17.89
N THR H 32 -4.87 -49.98 -18.18
CA THR H 32 -4.19 -49.33 -19.28
C THR H 32 -3.92 -47.89 -18.85
N ALA H 33 -2.94 -47.26 -19.48
CA ALA H 33 -2.65 -45.87 -19.17
C ALA H 33 -3.84 -45.02 -19.57
N ALA H 34 -4.30 -44.17 -18.64
CA ALA H 34 -5.43 -43.30 -18.88
C ALA H 34 -5.02 -41.85 -18.67
N ILE H 35 -5.39 -40.99 -19.62
CA ILE H 35 -5.07 -39.57 -19.51
C ILE H 35 -5.95 -38.93 -18.46
N ILE H 36 -5.32 -38.25 -17.50
CA ILE H 36 -6.04 -37.62 -16.41
C ILE H 36 -5.93 -36.11 -16.45
N TYR H 37 -5.01 -35.56 -17.24
CA TYR H 37 -4.80 -34.12 -17.34
C TYR H 37 -3.99 -33.84 -18.60
N ALA H 38 -4.28 -32.72 -19.25
CA ALA H 38 -3.59 -32.35 -20.47
C ALA H 38 -3.67 -30.85 -20.68
N ASP H 39 -2.63 -30.29 -21.28
CA ASP H 39 -2.59 -28.86 -21.55
C ASP H 39 -1.82 -28.61 -22.83
N ASN H 40 -1.67 -27.34 -23.19
CA ASN H 40 -0.81 -26.94 -24.27
C ASN H 40 0.12 -25.79 -23.90
N ILE H 41 0.09 -25.33 -22.65
CA ILE H 41 1.03 -24.33 -22.18
C ILE H 41 2.19 -25.05 -21.49
N SER H 42 3.00 -25.75 -22.26
CA SER H 42 3.99 -26.62 -21.65
C SER H 42 5.22 -25.88 -21.15
N GLN H 43 5.53 -24.72 -21.73
CA GLN H 43 6.79 -24.07 -21.43
C GLN H 43 6.79 -23.36 -20.09
N ASP H 44 5.67 -22.78 -19.68
CA ASP H 44 5.59 -22.06 -18.41
C ASP H 44 4.39 -22.58 -17.63
N ILE H 45 4.60 -23.61 -16.83
CA ILE H 45 3.54 -24.13 -15.99
C ILE H 45 4.19 -24.73 -14.75
N TYR H 46 3.61 -24.45 -13.60
CA TYR H 46 4.05 -24.99 -12.32
C TYR H 46 2.82 -25.53 -11.61
N ALA H 47 2.85 -26.78 -11.22
CA ALA H 47 1.69 -27.41 -10.64
C ALA H 47 2.05 -28.13 -9.36
N SER H 48 1.22 -27.95 -8.33
CA SER H 48 1.35 -28.63 -7.05
C SER H 48 0.05 -29.35 -6.74
N GLY H 49 0.15 -30.46 -6.03
CA GLY H 49 -1.06 -31.17 -5.66
C GLY H 49 -0.78 -32.51 -5.01
N TYR H 50 -1.82 -33.33 -4.94
CA TYR H 50 -1.71 -34.66 -4.35
C TYR H 50 -2.56 -35.63 -5.14
N LEU H 51 -2.25 -36.91 -4.96
CA LEU H 51 -3.07 -38.02 -5.46
C LEU H 51 -3.37 -38.94 -4.29
N LYS H 52 -4.64 -39.30 -4.15
CA LYS H 52 -5.11 -40.18 -3.08
C LYS H 52 -5.77 -41.39 -3.72
N VAL H 53 -5.32 -42.58 -3.33
CA VAL H 53 -5.89 -43.83 -3.81
C VAL H 53 -6.86 -44.31 -2.74
N ASP H 54 -8.15 -44.28 -3.06
CA ASP H 54 -9.18 -44.53 -2.06
C ASP H 54 -9.51 -46.01 -1.94
N THR H 55 -9.96 -46.64 -3.01
CA THR H 55 -10.35 -48.03 -2.96
C THR H 55 -9.75 -48.80 -4.11
N GLY H 56 -9.62 -50.11 -3.92
CA GLY H 56 -9.08 -51.03 -4.88
C GLY H 56 -7.96 -51.82 -4.26
N THR H 57 -7.19 -52.49 -5.11
CA THR H 57 -6.02 -53.23 -4.68
C THR H 57 -4.87 -52.94 -5.62
N GLY H 58 -3.66 -53.15 -5.13
CA GLY H 58 -2.48 -52.96 -5.94
C GLY H 58 -2.17 -51.49 -6.15
N PRO H 59 -0.89 -51.18 -6.32
CA PRO H 59 -0.48 -49.78 -6.42
C PRO H 59 -0.96 -49.15 -7.71
N VAL H 60 -1.09 -47.83 -7.66
CA VAL H 60 -1.46 -47.01 -8.82
C VAL H 60 -0.25 -46.15 -9.18
N THR H 61 0.08 -46.09 -10.45
CA THR H 61 1.26 -45.38 -10.93
C THR H 61 0.84 -44.14 -11.70
N ILE H 62 1.37 -42.99 -11.29
CA ILE H 62 1.11 -41.71 -11.95
C ILE H 62 2.38 -41.26 -12.64
N VAL H 63 2.25 -40.84 -13.89
CA VAL H 63 3.41 -40.44 -14.71
C VAL H 63 3.11 -39.10 -15.36
N PHE H 64 4.07 -38.17 -15.26
CA PHE H 64 4.01 -36.89 -15.94
C PHE H 64 4.86 -36.95 -17.19
N TYR H 65 4.31 -36.51 -18.32
CA TYR H 65 4.96 -36.61 -19.60
C TYR H 65 5.15 -35.22 -20.20
N SER H 66 6.35 -34.98 -20.70
CA SER H 66 6.69 -33.76 -21.44
C SER H 66 6.93 -34.15 -22.89
N GLY H 67 6.03 -33.74 -23.77
CA GLY H 67 6.15 -34.10 -25.17
C GLY H 67 5.29 -35.28 -25.55
N GLY H 68 4.06 -35.30 -25.07
CA GLY H 68 3.14 -36.38 -25.38
C GLY H 68 3.39 -37.60 -24.54
N VAL H 69 2.51 -38.58 -24.70
CA VAL H 69 2.61 -39.81 -23.93
C VAL H 69 3.87 -40.57 -24.30
N THR H 70 4.26 -40.52 -25.56
CA THR H 70 5.53 -41.10 -26.02
C THR H 70 6.61 -40.04 -25.98
N GLY H 71 6.74 -39.42 -24.81
CA GLY H 71 7.71 -38.36 -24.62
C GLY H 71 8.76 -38.73 -23.60
N THR H 72 8.89 -37.93 -22.56
CA THR H 72 9.89 -38.16 -21.52
C THR H 72 9.20 -38.12 -20.17
N ALA H 73 9.36 -39.19 -19.40
CA ALA H 73 8.74 -39.27 -18.09
C ALA H 73 9.49 -38.40 -17.08
N VAL H 74 9.11 -37.12 -17.01
CA VAL H 74 9.80 -36.21 -16.10
C VAL H 74 9.56 -36.57 -14.64
N GLU H 75 8.48 -37.29 -14.33
CA GLU H 75 8.17 -37.68 -12.96
C GLU H 75 7.30 -38.93 -12.97
N THR H 76 7.52 -39.79 -11.97
CA THR H 76 6.75 -41.01 -11.83
C THR H 76 6.64 -41.36 -10.35
N ILE H 77 5.43 -41.62 -9.88
CA ILE H 77 5.19 -41.95 -8.47
C ILE H 77 4.28 -43.16 -8.40
N VAL H 78 4.55 -44.05 -7.46
CA VAL H 78 3.75 -45.25 -7.22
C VAL H 78 3.13 -45.15 -5.84
N VAL H 79 1.80 -45.24 -5.77
CA VAL H 79 1.05 -44.99 -4.55
C VAL H 79 0.29 -46.25 -4.18
N ALA H 80 0.39 -46.66 -2.92
CA ALA H 80 -0.33 -47.81 -2.43
C ALA H 80 -1.76 -47.42 -2.06
N THR H 81 -2.60 -48.43 -1.88
CA THR H 81 -4.01 -48.20 -1.56
C THR H 81 -4.16 -47.76 -0.11
N GLY H 82 -4.97 -46.74 0.12
CA GLY H 82 -5.17 -46.21 1.45
C GLY H 82 -4.19 -45.15 1.85
N SER H 83 -3.32 -44.71 0.96
CA SER H 83 -2.34 -43.67 1.25
C SER H 83 -2.37 -42.62 0.14
N SER H 84 -1.54 -41.59 0.29
CA SER H 84 -1.54 -40.46 -0.63
C SER H 84 -0.10 -40.08 -0.97
N ALA H 85 0.06 -39.22 -1.97
CA ALA H 85 1.37 -38.71 -2.32
C ALA H 85 1.24 -37.35 -2.99
N SER H 86 2.08 -36.41 -2.62
CA SER H 86 2.01 -35.05 -3.14
C SER H 86 3.18 -34.77 -4.07
N PHE H 87 3.11 -33.63 -4.76
CA PHE H 87 4.10 -33.31 -5.77
C PHE H 87 4.04 -31.83 -6.15
N THR H 88 5.12 -31.37 -6.77
CA THR H 88 5.14 -30.13 -7.55
C THR H 88 6.08 -30.33 -8.74
N VAL H 89 5.64 -29.91 -9.92
CA VAL H 89 6.31 -30.23 -11.18
C VAL H 89 6.19 -29.05 -12.13
N ARG H 90 7.18 -28.89 -13.01
CA ARG H 90 7.13 -27.89 -14.06
C ARG H 90 7.45 -28.54 -15.40
N ARG H 91 7.11 -27.84 -16.48
CA ARG H 91 7.28 -28.33 -17.84
C ARG H 91 6.84 -29.78 -18.02
N PHE H 92 5.54 -29.99 -17.97
CA PHE H 92 4.94 -31.26 -18.33
C PHE H 92 3.76 -31.01 -19.27
N ASP H 93 3.43 -32.02 -20.05
CA ASP H 93 2.42 -31.88 -21.09
C ASP H 93 1.17 -32.70 -20.80
N THR H 94 1.32 -33.93 -20.32
CA THR H 94 0.17 -34.76 -19.97
C THR H 94 0.45 -35.49 -18.67
N VAL H 95 -0.60 -36.02 -18.07
CA VAL H 95 -0.47 -36.88 -16.90
C VAL H 95 -1.30 -38.13 -17.14
N THR H 96 -0.74 -39.30 -16.82
CA THR H 96 -1.45 -40.55 -17.00
C THR H 96 -1.42 -41.36 -15.71
N ILE H 97 -2.49 -42.13 -15.50
CA ILE H 97 -2.58 -43.04 -14.37
C ILE H 97 -2.75 -44.46 -14.87
N LEU H 98 -2.13 -45.39 -14.15
CA LEU H 98 -2.15 -46.81 -14.49
C LEU H 98 -2.48 -47.60 -13.24
N GLY H 99 -3.43 -48.52 -13.34
CA GLY H 99 -3.83 -49.34 -12.22
C GLY H 99 -4.08 -50.78 -12.63
N THR H 100 -4.21 -51.63 -11.62
CA THR H 100 -4.53 -53.03 -11.84
C THR H 100 -5.94 -53.14 -12.42
N ALA H 101 -6.25 -54.30 -13.00
CA ALA H 101 -7.59 -54.52 -13.54
C ALA H 101 -8.58 -54.86 -12.45
N ALA H 102 -8.59 -54.03 -11.40
CA ALA H 102 -9.54 -54.14 -10.32
C ALA H 102 -10.32 -52.85 -10.13
N ALA H 103 -10.12 -51.86 -11.01
CA ALA H 103 -10.86 -50.61 -11.00
C ALA H 103 -10.71 -49.89 -9.66
N GLU H 104 -9.48 -49.54 -9.33
CA GLU H 104 -9.24 -48.68 -8.19
C GLU H 104 -9.83 -47.30 -8.47
N THR H 105 -10.19 -46.60 -7.41
CA THR H 105 -10.72 -45.25 -7.58
C THR H 105 -10.20 -44.35 -6.47
N GLY H 106 -10.16 -43.06 -6.79
CA GLY H 106 -9.61 -42.09 -5.87
C GLY H 106 -9.83 -40.67 -6.36
N GLU H 107 -9.06 -39.75 -5.77
CA GLU H 107 -9.20 -38.32 -6.04
C GLU H 107 -7.93 -37.77 -6.68
N PHE H 108 -8.02 -36.53 -7.16
CA PHE H 108 -6.88 -35.86 -7.78
C PHE H 108 -7.10 -34.36 -7.73
N CYS H 109 -6.24 -33.66 -7.01
CA CYS H 109 -6.32 -32.20 -6.84
C CYS H 109 -5.04 -31.55 -7.32
N MET H 110 -5.17 -30.40 -7.98
CA MET H 110 -3.98 -29.74 -8.50
C MET H 110 -4.22 -28.24 -8.64
N THR H 111 -3.26 -27.44 -8.18
CA THR H 111 -3.24 -26.00 -8.39
C THR H 111 -2.15 -25.66 -9.41
N ILE H 112 -2.48 -24.75 -10.33
CA ILE H 112 -1.67 -24.50 -11.51
C ILE H 112 -1.32 -23.02 -11.55
N ARG H 113 -0.04 -22.72 -11.75
CA ARG H 113 0.44 -21.35 -11.88
C ARG H 113 0.93 -21.10 -13.29
N TYR H 114 0.52 -20.00 -13.88
CA TYR H 114 1.12 -19.60 -15.15
C TYR H 114 1.22 -18.09 -15.21
N THR H 115 2.34 -17.61 -15.72
CA THR H 115 2.68 -16.19 -15.74
C THR H 115 2.32 -15.53 -17.07
N LEU H 116 1.09 -15.71 -17.55
CA LEU H 116 0.71 -15.10 -18.81
C LEU H 116 -0.41 -14.08 -18.63
N SER H 117 -1.55 -14.50 -18.10
CA SER H 117 -2.68 -13.61 -17.96
C SER H 117 -3.73 -14.24 -17.07
N THR I 6 17.22 3.31 -13.76
CA THR I 6 16.44 4.14 -14.65
C THR I 6 17.01 4.13 -16.06
N ASN I 7 17.74 3.06 -16.38
CA ASN I 7 18.32 2.86 -17.71
C ASN I 7 17.59 1.73 -18.41
N LEU I 8 17.17 1.98 -19.65
CA LEU I 8 16.41 0.98 -20.38
C LEU I 8 17.27 -0.24 -20.67
N SER I 9 16.68 -1.41 -20.48
CA SER I 9 17.38 -2.67 -20.70
C SER I 9 16.39 -3.69 -21.21
N CYS I 10 16.77 -4.44 -22.23
CA CYS I 10 15.89 -5.41 -22.87
C CYS I 10 16.26 -6.78 -22.32
N CYS I 11 15.87 -7.04 -21.07
CA CYS I 11 16.26 -8.24 -20.34
C CYS I 11 15.00 -9.04 -20.05
N ALA I 12 14.87 -10.20 -20.71
CA ALA I 12 13.65 -10.99 -20.62
C ALA I 12 13.55 -11.72 -19.29
N ASN I 13 14.52 -12.58 -18.98
CA ASN I 13 14.54 -13.26 -17.69
C ASN I 13 14.91 -12.26 -16.61
N GLY I 14 14.05 -11.28 -16.40
CA GLY I 14 14.38 -10.16 -15.53
C GLY I 14 13.97 -10.36 -14.10
N GLN I 15 13.04 -9.53 -13.62
CA GLN I 15 12.60 -9.64 -12.24
C GLN I 15 11.94 -10.98 -11.98
N LYS I 16 12.22 -11.55 -10.82
CA LYS I 16 11.69 -12.84 -10.42
C LYS I 16 10.93 -12.68 -9.12
N THR I 17 9.72 -13.25 -9.09
CA THR I 17 8.89 -13.19 -7.91
C THR I 17 8.92 -14.51 -7.16
N ILE I 18 8.60 -14.45 -5.88
CA ILE I 18 8.59 -15.61 -5.01
C ILE I 18 7.14 -16.00 -4.76
N VAL I 19 6.83 -17.28 -4.90
CA VAL I 19 5.47 -17.75 -4.73
C VAL I 19 5.46 -18.91 -3.74
N GLN I 20 4.29 -19.13 -3.16
CA GLN I 20 4.10 -20.10 -2.09
C GLN I 20 2.88 -20.97 -2.36
N ASP I 21 3.02 -22.26 -2.06
CA ASP I 21 1.96 -23.26 -2.22
C ASP I 21 1.83 -24.02 -0.91
N LYS I 22 0.77 -24.83 -0.81
CA LYS I 22 0.51 -25.59 0.40
C LYS I 22 -0.11 -26.92 0.05
N VAL I 23 0.24 -27.98 0.80
CA VAL I 23 -0.35 -29.29 0.61
C VAL I 23 -0.58 -29.95 1.96
N CYS I 24 -1.63 -30.77 2.02
CA CYS I 24 -2.05 -31.47 3.21
C CYS I 24 -2.44 -32.87 2.79
N ILE I 25 -1.97 -33.89 3.50
CA ILE I 25 -2.40 -35.26 3.21
C ILE I 25 -2.51 -36.06 4.50
N ASP I 26 -3.19 -37.20 4.39
CA ASP I 26 -3.24 -38.22 5.42
C ASP I 26 -2.54 -39.46 4.90
N TRP I 27 -1.70 -40.07 5.72
CA TRP I 27 -0.85 -41.16 5.28
C TRP I 27 -1.00 -42.37 6.19
N THR I 28 -0.78 -43.54 5.60
CA THR I 28 -0.69 -44.81 6.30
C THR I 28 0.64 -45.45 5.95
N ALA I 29 1.37 -45.91 6.96
CA ALA I 29 2.74 -46.36 6.79
C ALA I 29 2.83 -47.87 6.89
N ALA I 30 3.47 -48.49 5.90
CA ALA I 30 3.76 -49.92 5.94
C ALA I 30 5.18 -50.13 6.46
N ALA I 31 5.63 -51.37 6.47
CA ALA I 31 7.00 -51.66 6.90
C ALA I 31 7.98 -51.65 5.74
N THR I 32 7.89 -50.64 4.89
CA THR I 32 8.85 -50.36 3.82
C THR I 32 8.82 -48.86 3.59
N ALA I 33 9.90 -48.35 3.00
CA ALA I 33 9.95 -46.93 2.70
C ALA I 33 8.87 -46.60 1.68
N ALA I 34 8.07 -45.57 1.96
CA ALA I 34 7.00 -45.15 1.08
C ALA I 34 7.20 -43.70 0.70
N ILE I 35 7.07 -43.41 -0.59
CA ILE I 35 7.21 -42.04 -1.08
C ILE I 35 5.99 -41.24 -0.69
N ILE I 36 6.21 -40.10 -0.03
CA ILE I 36 5.14 -39.25 0.44
C ILE I 36 5.11 -37.90 -0.26
N TYR I 37 6.19 -37.55 -0.96
CA TYR I 37 6.29 -36.27 -1.66
C TYR I 37 7.43 -36.35 -2.66
N ALA I 38 7.26 -35.70 -3.81
CA ALA I 38 8.28 -35.72 -4.84
C ALA I 38 8.13 -34.49 -5.73
N ASP I 39 9.26 -34.01 -6.25
CA ASP I 39 9.25 -32.86 -7.13
C ASP I 39 10.37 -32.99 -8.14
N ASN I 40 10.51 -31.97 -8.98
CA ASN I 40 11.64 -31.88 -9.88
C ASN I 40 12.28 -30.51 -9.86
N ILE I 41 11.82 -29.59 -9.02
CA ILE I 41 12.47 -28.31 -8.85
C ILE I 41 13.40 -28.40 -7.64
N SER I 42 14.48 -29.15 -7.77
CA SER I 42 15.29 -29.45 -6.60
C SER I 42 16.22 -28.32 -6.22
N GLN I 43 16.60 -27.47 -7.16
CA GLN I 43 17.64 -26.48 -6.90
C GLN I 43 17.15 -25.30 -6.08
N ASP I 44 15.90 -24.86 -6.28
CA ASP I 44 15.36 -23.73 -5.54
C ASP I 44 14.02 -24.13 -4.94
N ILE I 45 14.06 -24.67 -3.73
CA ILE I 45 12.83 -25.02 -3.03
C ILE I 45 13.09 -24.90 -1.54
N TYR I 46 12.16 -24.29 -0.83
CA TYR I 46 12.22 -24.16 0.62
C TYR I 46 10.88 -24.61 1.16
N ALA I 47 10.89 -25.56 2.09
CA ALA I 47 9.66 -26.14 2.58
C ALA I 47 9.65 -26.17 4.10
N SER I 48 8.52 -25.76 4.68
CA SER I 48 8.31 -25.81 6.12
C SER I 48 7.04 -26.60 6.40
N GLY I 49 7.00 -27.27 7.54
CA GLY I 49 5.80 -28.02 7.87
C GLY I 49 5.98 -28.86 9.12
N TYR I 50 5.05 -29.80 9.29
CA TYR I 50 5.08 -30.72 10.44
C TYR I 50 4.62 -32.09 10.00
N LEU I 51 4.97 -33.08 10.82
CA LEU I 51 4.46 -34.44 10.70
C LEU I 51 3.88 -34.85 12.04
N LYS I 52 2.66 -35.39 12.01
CA LYS I 52 1.97 -35.84 13.21
C LYS I 52 1.66 -37.31 13.07
N VAL I 53 2.05 -38.10 14.05
CA VAL I 53 1.78 -39.52 14.07
C VAL I 53 0.57 -39.72 14.97
N ASP I 54 -0.55 -40.13 14.37
CA ASP I 54 -1.83 -40.17 15.07
C ASP I 54 -2.04 -41.50 15.78
N THR I 55 -2.07 -42.59 15.03
CA THR I 55 -2.33 -43.89 15.63
C THR I 55 -1.32 -44.91 15.15
N GLY I 56 -1.15 -45.96 15.95
CA GLY I 56 -0.24 -47.05 15.68
C GLY I 56 0.69 -47.24 16.85
N THR I 57 1.74 -48.01 16.62
CA THR I 57 2.77 -48.22 17.62
C THR I 57 4.14 -48.09 16.96
N GLY I 58 5.14 -47.81 17.78
CA GLY I 58 6.49 -47.72 17.29
C GLY I 58 6.72 -46.44 16.53
N PRO I 59 7.95 -45.95 16.55
CA PRO I 59 8.25 -44.66 15.92
C PRO I 59 8.15 -44.73 14.40
N VAL I 60 7.90 -43.58 13.81
CA VAL I 60 7.86 -43.41 12.36
C VAL I 60 9.02 -42.53 11.96
N THR I 61 9.75 -42.93 10.92
CA THR I 61 10.94 -42.23 10.49
C THR I 61 10.69 -41.54 9.15
N ILE I 62 10.95 -40.24 9.10
CA ILE I 62 10.80 -39.45 7.89
C ILE I 62 12.19 -39.04 7.40
N VAL I 63 12.43 -39.22 6.11
CA VAL I 63 13.74 -38.94 5.52
C VAL I 63 13.56 -38.09 4.27
N PHE I 64 14.33 -37.01 4.17
CA PHE I 64 14.39 -36.17 2.98
C PHE I 64 15.60 -36.55 2.16
N TYR I 65 15.40 -36.75 0.86
CA TYR I 65 16.44 -37.22 -0.04
C TYR I 65 16.69 -36.20 -1.13
N SER I 66 17.97 -35.92 -1.38
CA SER I 66 18.40 -35.08 -2.49
C SER I 66 19.13 -35.96 -3.49
N GLY I 67 18.53 -36.16 -4.64
CA GLY I 67 19.12 -37.02 -5.65
C GLY I 67 18.54 -38.41 -5.64
N GLY I 68 17.22 -38.51 -5.53
CA GLY I 68 16.55 -39.80 -5.52
C GLY I 68 16.63 -40.47 -4.18
N VAL I 69 15.93 -41.61 -4.09
CA VAL I 69 15.90 -42.35 -2.84
C VAL I 69 17.27 -42.90 -2.49
N THR I 70 18.05 -43.28 -3.50
CA THR I 70 19.42 -43.71 -3.31
C THR I 70 20.35 -42.50 -3.48
N GLY I 71 20.03 -41.45 -2.75
CA GLY I 71 20.80 -40.23 -2.84
C GLY I 71 21.48 -39.89 -1.53
N THR I 72 21.21 -38.72 -0.98
CA THR I 72 21.84 -38.29 0.25
C THR I 72 20.76 -37.85 1.23
N ALA I 73 20.76 -38.44 2.42
CA ALA I 73 19.75 -38.10 3.42
C ALA I 73 20.06 -36.76 4.05
N VAL I 74 19.57 -35.67 3.45
CA VAL I 74 19.84 -34.34 3.97
C VAL I 74 19.18 -34.12 5.33
N GLU I 75 18.13 -34.87 5.65
CA GLU I 75 17.43 -34.71 6.92
C GLU I 75 16.73 -36.02 7.27
N THR I 76 16.68 -36.32 8.57
CA THR I 76 16.02 -37.53 9.07
C THR I 76 15.48 -37.24 10.46
N ILE I 77 14.20 -37.54 10.68
CA ILE I 77 13.55 -37.31 11.97
C ILE I 77 12.78 -38.57 12.37
N VAL I 78 12.82 -38.90 13.65
CA VAL I 78 12.10 -40.04 14.20
C VAL I 78 11.05 -39.52 15.18
N VAL I 79 9.79 -39.86 14.95
CA VAL I 79 8.67 -39.31 15.69
C VAL I 79 7.94 -40.44 16.40
N ALA I 80 7.68 -40.27 17.70
CA ALA I 80 6.92 -41.25 18.46
C ALA I 80 5.43 -41.06 18.24
N THR I 81 4.67 -42.07 18.64
CA THR I 81 3.22 -42.05 18.46
C THR I 81 2.58 -41.09 19.47
N GLY I 82 1.64 -40.28 18.98
CA GLY I 82 0.99 -39.32 19.82
C GLY I 82 1.68 -37.98 19.93
N SER I 83 2.76 -37.76 19.19
CA SER I 83 3.49 -36.51 19.19
C SER I 83 3.73 -36.05 17.76
N SER I 84 4.37 -34.90 17.62
CA SER I 84 4.58 -34.28 16.32
C SER I 84 5.99 -33.76 16.21
N ALA I 85 6.38 -33.38 15.00
CA ALA I 85 7.69 -32.77 14.80
C ALA I 85 7.66 -31.88 13.55
N SER I 86 8.25 -30.70 13.65
CA SER I 86 8.24 -29.72 12.57
C SER I 86 9.62 -29.60 11.94
N PHE I 87 9.67 -28.90 10.80
CA PHE I 87 10.90 -28.80 10.04
C PHE I 87 10.83 -27.68 9.03
N THR I 88 12.01 -27.28 8.54
CA THR I 88 12.18 -26.50 7.31
C THR I 88 13.46 -26.95 6.63
N VAL I 89 13.39 -27.17 5.32
CA VAL I 89 14.44 -27.82 4.56
C VAL I 89 14.52 -27.20 3.17
N ARG I 90 15.73 -27.18 2.60
CA ARG I 90 15.93 -26.75 1.23
C ARG I 90 16.73 -27.80 0.47
N ARG I 91 16.68 -27.71 -0.86
CA ARG I 91 17.33 -28.66 -1.77
C ARG I 91 17.10 -30.11 -1.35
N PHE I 92 15.87 -30.57 -1.54
CA PHE I 92 15.54 -31.97 -1.41
C PHE I 92 14.71 -32.39 -2.62
N ASP I 93 14.73 -33.69 -2.91
CA ASP I 93 14.10 -34.22 -4.09
C ASP I 93 12.90 -35.10 -3.78
N THR I 94 13.00 -35.96 -2.77
CA THR I 94 11.88 -36.80 -2.38
C THR I 94 11.79 -36.85 -0.86
N VAL I 95 10.65 -37.30 -0.36
CA VAL I 95 10.46 -37.57 1.06
C VAL I 95 9.88 -38.95 1.21
N THR I 96 10.40 -39.72 2.16
CA THR I 96 9.89 -41.06 2.41
C THR I 96 9.59 -41.24 3.89
N ILE I 97 8.59 -42.07 4.16
CA ILE I 97 8.22 -42.43 5.53
C ILE I 97 8.35 -43.94 5.70
N LEU I 98 8.78 -44.33 6.89
CA LEU I 98 9.00 -45.72 7.26
C LEU I 98 8.35 -45.98 8.60
N GLY I 99 7.58 -47.05 8.71
CA GLY I 99 6.91 -47.40 9.94
C GLY I 99 6.94 -48.89 10.19
N THR I 100 6.56 -49.27 11.41
CA THR I 100 6.46 -50.66 11.78
C THR I 100 5.33 -51.31 10.99
N ALA I 101 5.32 -52.63 10.95
CA ALA I 101 4.25 -53.36 10.26
C ALA I 101 2.99 -53.43 11.11
N ALA I 102 2.57 -52.28 11.61
CA ALA I 102 1.34 -52.12 12.36
C ALA I 102 0.43 -51.09 11.73
N ALA I 103 0.81 -50.54 10.58
CA ALA I 103 -0.01 -49.58 9.82
C ALA I 103 -0.36 -48.36 10.67
N GLU I 104 0.68 -47.65 11.10
CA GLU I 104 0.46 -46.36 11.74
C GLU I 104 -0.13 -45.39 10.72
N THR I 105 -0.87 -44.42 11.21
CA THR I 105 -1.43 -43.42 10.32
C THR I 105 -1.38 -42.05 10.98
N GLY I 106 -1.36 -41.03 10.13
CA GLY I 106 -1.22 -39.66 10.60
C GLY I 106 -1.40 -38.66 9.48
N GLU I 107 -0.94 -37.44 9.74
CA GLU I 107 -1.11 -36.31 8.82
C GLU I 107 0.24 -35.80 8.35
N PHE I 108 0.19 -34.93 7.33
CA PHE I 108 1.42 -34.34 6.79
C PHE I 108 1.05 -33.04 6.09
N CYS I 109 1.58 -31.92 6.59
CA CYS I 109 1.30 -30.60 6.05
C CYS I 109 2.62 -29.93 5.65
N MET I 110 2.60 -29.21 4.53
CA MET I 110 3.83 -28.57 4.07
C MET I 110 3.52 -27.36 3.20
N THR I 111 4.21 -26.26 3.47
CA THR I 111 4.17 -25.06 2.64
C THR I 111 5.48 -24.94 1.89
N ILE I 112 5.39 -24.58 0.60
CA ILE I 112 6.51 -24.66 -0.33
C ILE I 112 6.73 -23.29 -0.95
N ARG I 113 7.97 -22.83 -0.94
CA ARG I 113 8.34 -21.56 -1.57
C ARG I 113 9.24 -21.82 -2.77
N TYR I 114 8.95 -21.17 -3.88
CA TYR I 114 9.88 -21.21 -4.99
C TYR I 114 9.86 -19.88 -5.72
N THR I 115 11.03 -19.41 -6.10
CA THR I 115 11.23 -18.09 -6.69
C THR I 115 11.26 -18.14 -8.21
N LEU I 116 10.29 -18.77 -8.84
CA LEU I 116 10.27 -18.83 -10.28
C LEU I 116 9.06 -18.11 -10.88
N SER I 117 7.86 -18.51 -10.52
CA SER I 117 6.66 -17.92 -11.08
C SER I 117 5.45 -18.35 -10.30
N THR J 6 22.43 3.34 -10.40
CA THR J 6 21.89 3.53 -11.74
C THR J 6 22.88 3.06 -12.80
N ASN J 7 23.77 2.16 -12.42
CA ASN J 7 24.76 1.58 -13.32
C ASN J 7 24.40 0.13 -13.58
N LEU J 8 24.37 -0.26 -14.85
CA LEU J 8 23.97 -1.61 -15.21
C LEU J 8 25.00 -2.61 -14.71
N SER J 9 24.50 -3.71 -14.15
CA SER J 9 25.36 -4.76 -13.59
C SER J 9 24.66 -6.08 -13.81
N CYS J 10 25.43 -7.08 -14.25
CA CYS J 10 24.88 -8.39 -14.56
C CYS J 10 25.21 -9.30 -13.38
N CYS J 11 24.47 -9.11 -12.29
CA CYS J 11 24.72 -9.79 -11.02
C CYS J 11 23.52 -10.67 -10.70
N ALA J 12 23.72 -11.99 -10.77
CA ALA J 12 22.61 -12.92 -10.63
C ALA J 12 22.17 -13.05 -9.17
N ASN J 13 23.07 -13.46 -8.29
CA ASN J 13 22.76 -13.54 -6.87
C ASN J 13 22.67 -12.13 -6.31
N GLY J 14 21.69 -11.37 -6.77
CA GLY J 14 21.63 -9.95 -6.47
C GLY J 14 20.80 -9.64 -5.25
N GLN J 15 19.69 -8.94 -5.44
CA GLN J 15 18.85 -8.56 -4.31
C GLN J 15 18.28 -9.79 -3.63
N LYS J 16 18.24 -9.76 -2.31
CA LYS J 16 17.74 -10.85 -1.50
C LYS J 16 16.58 -10.36 -0.65
N THR J 17 15.49 -11.12 -0.64
CA THR J 17 14.32 -10.79 0.14
C THR J 17 14.26 -11.65 1.39
N ILE J 18 13.55 -11.13 2.38
CA ILE J 18 13.37 -11.81 3.66
C ILE J 18 11.97 -12.38 3.71
N VAL J 19 11.85 -13.65 4.09
CA VAL J 19 10.56 -14.30 4.12
C VAL J 19 10.34 -14.92 5.50
N GLN J 20 9.07 -15.15 5.83
CA GLN J 20 8.65 -15.62 7.13
C GLN J 20 7.68 -16.78 7.00
N ASP J 21 7.84 -17.75 7.89
CA ASP J 21 6.99 -18.94 7.95
C ASP J 21 6.52 -19.12 9.39
N LYS J 22 5.57 -20.03 9.58
CA LYS J 22 5.02 -20.27 10.92
C LYS J 22 4.66 -21.74 11.07
N VAL J 23 4.87 -22.27 12.28
CA VAL J 23 4.50 -23.66 12.57
C VAL J 23 3.92 -23.74 13.97
N CYS J 24 2.99 -24.68 14.15
CA CYS J 24 2.29 -24.90 15.40
C CYS J 24 2.18 -26.41 15.58
N ILE J 25 2.51 -26.92 16.76
CA ILE J 25 2.31 -28.35 17.03
C ILE J 25 1.90 -28.56 18.47
N ASP J 26 1.40 -29.76 18.73
CA ASP J 26 1.12 -30.25 20.08
C ASP J 26 2.07 -31.40 20.36
N TRP J 27 2.66 -31.41 21.54
CA TRP J 27 3.71 -32.37 21.87
C TRP J 27 3.40 -33.10 23.16
N THR J 28 3.91 -34.33 23.24
CA THR J 28 3.89 -35.15 24.44
C THR J 28 5.33 -35.56 24.75
N ALA J 29 5.74 -35.38 26.00
CA ALA J 29 7.13 -35.54 26.39
C ALA J 29 7.33 -36.82 27.19
N ALA J 30 8.30 -37.63 26.77
CA ALA J 30 8.71 -38.80 27.53
C ALA J 30 9.90 -38.45 28.41
N ALA J 31 10.45 -39.45 29.09
CA ALA J 31 11.64 -39.22 29.91
C ALA J 31 12.93 -39.47 29.16
N THR J 32 13.00 -38.93 27.94
CA THR J 32 14.22 -38.91 27.12
C THR J 32 14.12 -37.67 26.24
N ALA J 33 15.27 -37.22 25.76
CA ALA J 33 15.28 -36.08 24.86
C ALA J 33 14.56 -36.44 23.57
N ALA J 34 13.61 -35.60 23.16
CA ALA J 34 12.83 -35.84 21.96
C ALA J 34 12.99 -34.66 21.02
N ILE J 35 13.26 -34.95 19.74
CA ILE J 35 13.41 -33.90 18.74
C ILE J 35 12.05 -33.32 18.42
N ILE J 36 11.95 -31.99 18.52
CA ILE J 36 10.70 -31.29 18.28
C ILE J 36 10.77 -30.39 17.06
N TYR J 37 11.98 -30.12 16.54
CA TYR J 37 12.16 -29.25 15.40
C TYR J 37 13.56 -29.47 14.84
N ALA J 38 13.69 -29.39 13.52
CA ALA J 38 14.98 -29.60 12.89
C ALA J 38 15.01 -28.92 11.53
N ASP J 39 16.19 -28.45 11.14
CA ASP J 39 16.35 -27.77 9.85
C ASP J 39 17.73 -28.05 9.31
N ASN J 40 18.03 -27.48 8.16
CA ASN J 40 19.37 -27.49 7.62
C ASN J 40 19.84 -26.12 7.16
N ILE J 41 19.04 -25.07 7.36
CA ILE J 41 19.49 -23.72 7.07
C ILE J 41 19.99 -23.10 8.37
N SER J 42 21.12 -23.57 8.86
CA SER J 42 21.55 -23.18 10.20
C SER J 42 22.20 -21.81 10.23
N GLN J 43 22.77 -21.36 9.12
CA GLN J 43 23.57 -20.14 9.15
C GLN J 43 22.74 -18.88 9.20
N ASP J 44 21.58 -18.86 8.53
CA ASP J 44 20.73 -17.67 8.51
C ASP J 44 19.31 -18.09 8.89
N ILE J 45 19.02 -18.07 10.19
CA ILE J 45 17.67 -18.36 10.65
C ILE J 45 17.45 -17.59 11.95
N TYR J 46 16.27 -16.99 12.05
CA TYR J 46 15.86 -16.26 13.24
C TYR J 46 14.46 -16.74 13.60
N ALA J 47 14.28 -17.20 14.83
CA ALA J 47 13.01 -17.79 15.22
C ALA J 47 12.54 -17.21 16.53
N SER J 48 11.25 -16.86 16.57
CA SER J 48 10.60 -16.38 17.78
C SER J 48 9.39 -17.25 18.07
N GLY J 49 9.07 -17.39 19.35
CA GLY J 49 7.90 -18.18 19.70
C GLY J 49 7.75 -18.38 21.19
N TYR J 50 6.92 -19.35 21.54
CA TYR J 50 6.67 -19.68 22.93
C TYR J 50 6.51 -21.19 23.08
N LEU J 51 6.67 -21.64 24.32
CA LEU J 51 6.36 -23.02 24.72
C LEU J 51 5.44 -22.96 25.91
N LYS J 52 4.34 -23.72 25.84
CA LYS J 52 3.36 -23.79 26.91
C LYS J 52 3.25 -25.23 27.39
N VAL J 53 3.39 -25.44 28.69
CA VAL J 53 3.26 -26.75 29.30
C VAL J 53 1.86 -26.84 29.86
N ASP J 54 1.03 -27.69 29.25
CA ASP J 54 -0.39 -27.73 29.58
C ASP J 54 -0.69 -28.66 30.74
N THR J 55 -0.36 -29.94 30.59
CA THR J 55 -0.67 -30.91 31.64
C THR J 55 0.53 -31.78 31.92
N GLY J 56 0.54 -32.35 33.12
CA GLY J 56 1.59 -33.21 33.62
C GLY J 56 2.11 -32.69 34.92
N THR J 57 3.25 -33.22 35.33
CA THR J 57 3.93 -32.78 36.53
C THR J 57 5.41 -32.62 36.24
N GLY J 58 6.07 -31.81 37.05
CA GLY J 58 7.50 -31.62 36.91
C GLY J 58 7.84 -30.75 35.72
N PRO J 59 8.94 -30.02 35.81
CA PRO J 59 9.29 -29.07 34.75
C PRO J 59 9.68 -29.78 33.47
N VAL J 60 9.52 -29.06 32.37
CA VAL J 60 9.92 -29.51 31.05
C VAL J 60 11.06 -28.63 30.57
N THR J 61 12.11 -29.24 30.05
CA THR J 61 13.32 -28.53 29.63
C THR J 61 13.43 -28.52 28.11
N ILE J 62 13.57 -27.33 27.54
CA ILE J 62 13.73 -27.14 26.11
C ILE J 62 15.14 -26.68 25.84
N VAL J 63 15.80 -27.29 24.86
CA VAL J 63 17.19 -27.01 24.54
C VAL J 63 17.33 -26.80 23.04
N PHE J 64 17.99 -25.71 22.66
CA PHE J 64 18.33 -25.43 21.26
C PHE J 64 19.78 -25.83 21.01
N TYR J 65 20.01 -26.59 19.94
CA TYR J 65 21.32 -27.12 19.64
C TYR J 65 21.80 -26.61 18.29
N SER J 66 23.06 -26.18 18.26
CA SER J 66 23.73 -25.78 17.03
C SER J 66 24.83 -26.80 16.75
N GLY J 67 24.64 -27.60 15.71
CA GLY J 67 25.61 -28.62 15.38
C GLY J 67 25.19 -29.99 15.88
N GLY J 68 23.91 -30.32 15.70
CA GLY J 68 23.41 -31.61 16.13
C GLY J 68 23.13 -31.65 17.62
N VAL J 69 22.55 -32.77 18.05
CA VAL J 69 22.19 -32.93 19.45
C VAL J 69 23.44 -32.96 20.32
N THR J 70 24.52 -33.53 19.81
CA THR J 70 25.81 -33.52 20.50
C THR J 70 26.61 -32.32 20.02
N GLY J 71 25.98 -31.15 20.10
CA GLY J 71 26.61 -29.93 19.65
C GLY J 71 26.82 -28.95 20.78
N THR J 72 26.27 -27.75 20.65
CA THR J 72 26.43 -26.72 21.67
C THR J 72 25.06 -26.18 22.04
N ALA J 73 24.74 -26.22 23.33
CA ALA J 73 23.45 -25.74 23.79
C ALA J 73 23.41 -24.22 23.79
N VAL J 74 23.04 -23.63 22.67
CA VAL J 74 23.00 -22.18 22.57
C VAL J 74 21.93 -21.58 23.49
N GLU J 75 20.90 -22.35 23.84
CA GLU J 75 19.83 -21.86 24.70
C GLU J 75 19.18 -23.02 25.43
N THR J 76 18.76 -22.77 26.66
CA THR J 76 18.09 -23.77 27.48
C THR J 76 17.12 -23.09 28.43
N ILE J 77 15.87 -23.56 28.44
CA ILE J 77 14.83 -22.98 29.29
C ILE J 77 14.10 -24.09 30.01
N VAL J 78 13.76 -23.86 31.28
CA VAL J 78 13.01 -24.82 32.10
C VAL J 78 11.67 -24.19 32.45
N VAL J 79 10.59 -24.87 32.10
CA VAL J 79 9.23 -24.34 32.22
C VAL J 79 8.44 -25.21 33.17
N ALA J 80 7.77 -24.60 34.14
CA ALA J 80 6.91 -25.32 35.07
C ALA J 80 5.55 -25.58 34.44
N THR J 81 4.79 -26.48 35.06
CA THR J 81 3.49 -26.87 34.55
C THR J 81 2.48 -25.76 34.82
N GLY J 82 1.66 -25.45 33.82
CA GLY J 82 0.68 -24.40 33.94
C GLY J 82 1.18 -23.02 33.59
N SER J 83 2.41 -22.89 33.10
CA SER J 83 2.98 -21.61 32.71
C SER J 83 3.61 -21.73 31.33
N SER J 84 4.14 -20.63 30.84
CA SER J 84 4.68 -20.55 29.49
C SER J 84 6.01 -19.82 29.50
N ALA J 85 6.72 -19.89 28.38
CA ALA J 85 7.96 -19.13 28.24
C ALA J 85 8.23 -18.86 26.78
N SER J 86 8.65 -17.65 26.45
CA SER J 86 8.88 -17.22 25.08
C SER J 86 10.37 -17.06 24.80
N PHE J 87 10.70 -16.89 23.53
CA PHE J 87 12.10 -16.84 23.13
C PHE J 87 12.25 -16.27 21.72
N THR J 88 13.48 -15.84 21.41
CA THR J 88 13.94 -15.62 20.04
C THR J 88 15.41 -16.00 19.96
N VAL J 89 15.77 -16.74 18.92
CA VAL J 89 17.08 -17.39 18.82
C VAL J 89 17.53 -17.39 17.36
N ARG J 90 18.84 -17.34 17.16
CA ARG J 90 19.43 -17.47 15.83
C ARG J 90 20.52 -18.53 15.85
N ARG J 91 20.88 -18.99 14.65
CA ARG J 91 21.87 -20.05 14.47
C ARG J 91 21.67 -21.22 15.43
N PHE J 92 20.61 -21.98 15.19
CA PHE J 92 20.39 -23.25 15.85
C PHE J 92 20.03 -24.29 14.82
N ASP J 93 20.28 -25.55 15.17
CA ASP J 93 20.10 -26.66 14.23
C ASP J 93 18.96 -27.57 14.61
N THR J 94 18.81 -27.90 15.89
CA THR J 94 17.71 -28.75 16.35
C THR J 94 17.16 -28.19 17.65
N VAL J 95 15.97 -28.64 18.01
CA VAL J 95 15.38 -28.34 19.31
C VAL J 95 14.91 -29.64 19.93
N THR J 96 15.18 -29.81 21.22
CA THR J 96 14.75 -31.01 21.93
C THR J 96 14.01 -30.63 23.21
N ILE J 97 13.06 -31.49 23.58
CA ILE J 97 12.32 -31.35 24.82
C ILE J 97 12.53 -32.57 25.69
N LEU J 98 12.61 -32.33 26.99
CA LEU J 98 12.83 -33.37 27.99
C LEU J 98 11.83 -33.19 29.11
N GLY J 99 11.16 -34.27 29.50
CA GLY J 99 10.18 -34.23 30.56
C GLY J 99 10.27 -35.45 31.46
N THR J 100 9.57 -35.36 32.58
CA THR J 100 9.49 -36.46 33.52
C THR J 100 8.73 -37.62 32.87
N ALA J 101 8.86 -38.82 33.43
CA ALA J 101 8.15 -39.99 32.91
C ALA J 101 6.70 -39.98 33.37
N ALA J 102 6.03 -38.85 33.18
CA ALA J 102 4.62 -38.70 33.45
C ALA J 102 3.85 -38.23 32.23
N ALA J 103 4.52 -38.13 31.08
CA ALA J 103 3.89 -37.78 29.80
C ALA J 103 3.18 -36.43 29.89
N GLU J 104 3.95 -35.40 30.18
CA GLU J 104 3.42 -34.05 30.08
C GLU J 104 3.09 -33.73 28.63
N THR J 105 2.13 -32.84 28.42
CA THR J 105 1.80 -32.44 27.08
C THR J 105 1.51 -30.96 27.02
N GLY J 106 1.69 -30.39 25.83
CA GLY J 106 1.54 -28.97 25.66
C GLY J 106 1.63 -28.57 24.20
N GLU J 107 1.85 -27.28 23.97
CA GLU J 107 1.87 -26.70 22.63
C GLU J 107 3.26 -26.14 22.31
N PHE J 108 3.45 -25.79 21.05
CA PHE J 108 4.71 -25.20 20.59
C PHE J 108 4.46 -24.43 19.32
N CYS J 109 4.69 -23.11 19.35
CA CYS J 109 4.47 -22.22 18.23
C CYS J 109 5.76 -21.50 17.90
N MET J 110 6.04 -21.32 16.61
CA MET J 110 7.28 -20.67 16.20
C MET J 110 7.15 -20.02 14.84
N THR J 111 7.61 -18.77 14.74
CA THR J 111 7.71 -18.07 13.46
C THR J 111 9.18 -17.96 13.07
N ILE J 112 9.46 -18.19 11.80
CA ILE J 112 10.81 -18.38 11.29
C ILE J 112 11.08 -17.38 10.19
N ARG J 113 12.22 -16.68 10.28
CA ARG J 113 12.63 -15.73 9.26
C ARG J 113 13.89 -16.24 8.56
N TYR J 114 13.89 -16.19 7.24
CA TYR J 114 15.13 -16.46 6.53
C TYR J 114 15.20 -15.58 5.29
N THR J 115 16.40 -15.06 5.04
CA THR J 115 16.64 -14.09 3.98
C THR J 115 17.15 -14.74 2.71
N LEU J 116 16.49 -15.77 2.22
CA LEU J 116 16.93 -16.43 1.00
C LEU J 116 15.91 -16.29 -0.13
N SER J 117 14.70 -16.78 0.07
CA SER J 117 13.69 -16.77 -0.97
C SER J 117 12.34 -17.10 -0.38
N THR K 6 26.54 5.53 -6.50
CA THR K 6 26.43 5.02 -7.85
C THR K 6 27.75 4.40 -8.32
N ASN K 7 28.55 3.95 -7.35
CA ASN K 7 29.82 3.30 -7.62
C ASN K 7 29.70 1.83 -7.25
N LEU K 8 30.11 0.95 -8.17
CA LEU K 8 29.98 -0.48 -7.94
C LEU K 8 30.88 -0.92 -6.80
N SER K 9 30.34 -1.76 -5.93
CA SER K 9 31.07 -2.26 -4.77
C SER K 9 30.62 -3.68 -4.50
N CYS K 10 31.57 -4.56 -4.23
CA CYS K 10 31.28 -5.97 -4.02
C CYS K 10 31.30 -6.20 -2.51
N CYS K 11 30.24 -5.75 -1.83
CA CYS K 11 30.13 -5.76 -0.38
C CYS K 11 28.99 -6.68 0.01
N ALA K 12 29.32 -7.82 0.61
CA ALA K 12 28.32 -8.84 0.90
C ALA K 12 27.46 -8.45 2.11
N ASN K 13 28.08 -8.25 3.26
CA ASN K 13 27.34 -7.79 4.43
C ASN K 13 26.95 -6.33 4.24
N GLY K 14 26.09 -6.08 3.25
CA GLY K 14 25.80 -4.72 2.84
C GLY K 14 24.62 -4.12 3.54
N GLN K 15 23.55 -3.82 2.79
CA GLN K 15 22.37 -3.21 3.38
C GLN K 15 21.74 -4.16 4.39
N LYS K 16 21.28 -3.58 5.50
CA LYS K 16 20.66 -4.33 6.57
C LYS K 16 19.25 -3.80 6.81
N THR K 17 18.29 -4.71 6.90
CA THR K 17 16.91 -4.36 7.13
C THR K 17 16.54 -4.61 8.58
N ILE K 18 15.50 -3.90 9.03
CA ILE K 18 15.01 -4.01 10.39
C ILE K 18 13.72 -4.80 10.35
N VAL K 19 13.60 -5.79 11.24
CA VAL K 19 12.42 -6.65 11.27
C VAL K 19 11.85 -6.67 12.68
N GLN K 20 10.57 -7.02 12.76
CA GLN K 20 9.81 -6.98 14.01
C GLN K 20 9.04 -8.28 14.20
N ASP K 21 9.00 -8.74 15.44
CA ASP K 21 8.30 -9.95 15.85
C ASP K 21 7.42 -9.61 17.04
N LYS K 22 6.55 -10.54 17.41
CA LYS K 22 5.63 -10.33 18.53
C LYS K 22 5.39 -11.64 19.25
N VAL K 23 5.25 -11.57 20.59
CA VAL K 23 4.94 -12.74 21.39
C VAL K 23 3.96 -12.36 22.49
N CYS K 24 3.13 -13.33 22.86
CA CYS K 24 2.08 -13.17 23.85
C CYS K 24 2.07 -14.44 24.69
N ILE K 25 2.07 -14.32 26.01
CA ILE K 25 1.93 -15.50 26.85
C ILE K 25 1.10 -15.18 28.08
N ASP K 26 0.66 -16.25 28.74
CA ASP K 26 0.02 -16.19 30.06
C ASP K 26 0.94 -16.87 31.06
N TRP K 27 1.13 -16.25 32.21
CA TRP K 27 2.10 -16.73 33.18
C TRP K 27 1.47 -16.90 34.56
N THR K 28 2.04 -17.83 35.31
CA THR K 28 1.74 -18.06 36.72
C THR K 28 3.03 -17.97 37.51
N ALA K 29 3.01 -17.19 38.59
CA ALA K 29 4.22 -16.85 39.33
C ALA K 29 4.28 -17.61 40.65
N ALA K 30 5.40 -18.27 40.90
CA ALA K 30 5.65 -18.90 42.18
C ALA K 30 6.48 -17.95 43.05
N ALA K 31 6.88 -18.42 44.23
CA ALA K 31 7.71 -17.61 45.11
C ALA K 31 9.20 -17.85 44.88
N THR K 32 9.61 -17.86 43.61
CA THR K 32 11.00 -17.91 43.20
C THR K 32 11.08 -17.22 41.84
N ALA K 33 12.27 -16.76 41.50
CA ALA K 33 12.44 -16.12 40.21
C ALA K 33 12.20 -17.14 39.10
N ALA K 34 11.35 -16.78 38.14
CA ALA K 34 11.02 -17.67 37.03
C ALA K 34 11.36 -16.98 35.72
N ILE K 35 12.03 -17.72 34.83
CA ILE K 35 12.40 -17.17 33.53
C ILE K 35 11.15 -17.10 32.66
N ILE K 36 10.90 -15.91 32.10
CA ILE K 36 9.72 -15.68 31.27
C ILE K 36 10.11 -15.38 29.83
N TYR K 37 11.36 -15.08 29.55
CA TYR K 37 11.83 -14.76 28.21
C TYR K 37 13.34 -14.86 28.17
N ALA K 38 13.88 -15.31 27.04
CA ALA K 38 15.32 -15.46 26.91
C ALA K 38 15.69 -15.42 25.44
N ASP K 39 16.89 -14.91 25.17
CA ASP K 39 17.38 -14.81 23.80
C ASP K 39 18.89 -14.97 23.80
N ASN K 40 19.48 -14.87 22.61
CA ASN K 40 20.92 -14.81 22.48
C ASN K 40 21.37 -13.68 21.56
N ILE K 41 20.46 -12.87 21.05
CA ILE K 41 20.83 -11.69 20.29
C ILE K 41 20.84 -10.49 21.22
N SER K 42 21.80 -10.44 22.13
CA SER K 42 21.75 -9.45 23.18
C SER K 42 22.23 -8.07 22.74
N GLN K 43 23.07 -8.01 21.71
CA GLN K 43 23.71 -6.75 21.36
C GLN K 43 22.77 -5.81 20.61
N ASP K 44 21.89 -6.32 19.76
CA ASP K 44 20.98 -5.48 19.00
C ASP K 44 19.57 -6.01 19.18
N ILE K 45 18.88 -5.52 20.20
CA ILE K 45 17.49 -5.89 20.43
C ILE K 45 16.79 -4.73 21.11
N TYR K 46 15.60 -4.42 20.64
CA TYR K 46 14.76 -3.38 21.22
C TYR K 46 13.38 -3.97 21.42
N ALA K 47 12.87 -3.90 22.64
CA ALA K 47 11.61 -4.55 22.94
C ALA K 47 10.69 -3.59 23.68
N SER K 48 9.43 -3.56 23.26
CA SER K 48 8.38 -2.78 23.90
C SER K 48 7.23 -3.69 24.26
N GLY K 49 6.54 -3.37 25.34
CA GLY K 49 5.40 -4.18 25.74
C GLY K 49 4.81 -3.78 27.06
N TYR K 50 4.00 -4.66 27.62
CA TYR K 50 3.36 -4.43 28.91
C TYR K 50 3.30 -5.73 29.69
N LEU K 51 3.12 -5.59 31.00
CA LEU K 51 2.83 -6.69 31.90
C LEU K 51 1.58 -6.36 32.68
N LYS K 52 0.63 -7.30 32.71
CA LYS K 52 -0.62 -7.15 33.42
C LYS K 52 -0.74 -8.24 34.46
N VAL K 53 -1.00 -7.85 35.71
CA VAL K 53 -1.18 -8.78 36.81
C VAL K 53 -2.68 -8.94 37.00
N ASP K 54 -3.19 -10.14 36.68
CA ASP K 54 -4.63 -10.35 36.63
C ASP K 54 -5.18 -10.76 37.99
N THR K 55 -4.71 -11.88 38.53
CA THR K 55 -5.25 -12.37 39.80
C THR K 55 -4.12 -12.74 40.74
N GLY K 56 -4.43 -12.73 42.02
CA GLY K 56 -3.51 -13.05 43.09
C GLY K 56 -3.47 -11.94 44.10
N THR K 57 -2.47 -11.98 44.96
CA THR K 57 -2.25 -10.93 45.95
C THR K 57 -0.77 -10.58 45.96
N GLY K 58 -0.48 -9.38 46.43
CA GLY K 58 0.89 -8.94 46.57
C GLY K 58 1.50 -8.59 45.23
N PRO K 59 2.45 -7.66 45.24
CA PRO K 59 3.02 -7.18 43.98
C PRO K 59 3.86 -8.25 43.29
N VAL K 60 3.98 -8.11 41.98
CA VAL K 60 4.82 -8.98 41.16
C VAL K 60 5.96 -8.13 40.62
N THR K 61 7.18 -8.66 40.69
CA THR K 61 8.38 -7.92 40.30
C THR K 61 8.95 -8.53 39.04
N ILE K 62 9.16 -7.69 38.02
CA ILE K 62 9.74 -8.09 36.75
C ILE K 62 11.12 -7.46 36.64
N VAL K 63 12.10 -8.27 36.25
CA VAL K 63 13.49 -7.83 36.17
C VAL K 63 14.07 -8.23 34.82
N PHE K 64 14.73 -7.29 34.14
CA PHE K 64 15.45 -7.55 32.92
C PHE K 64 16.93 -7.68 33.22
N TYR K 65 17.56 -8.74 32.72
CA TYR K 65 18.95 -9.04 33.02
C TYR K 65 19.78 -9.04 31.75
N SER K 66 20.94 -8.39 31.82
CA SER K 66 21.92 -8.39 30.75
C SER K 66 23.13 -9.17 31.24
N GLY K 67 23.36 -10.34 30.67
CA GLY K 67 24.46 -11.16 31.09
C GLY K 67 24.05 -12.25 32.06
N GLY K 68 22.93 -12.90 31.77
CA GLY K 68 22.45 -13.98 32.61
C GLY K 68 21.71 -13.46 33.82
N VAL K 69 21.15 -14.40 34.58
CA VAL K 69 20.37 -14.03 35.75
C VAL K 69 21.28 -13.42 36.81
N THR K 70 22.52 -13.89 36.90
CA THR K 70 23.51 -13.30 37.79
C THR K 70 24.32 -12.26 37.01
N GLY K 71 23.58 -11.33 36.39
CA GLY K 71 24.20 -10.30 35.59
C GLY K 71 23.96 -8.93 36.15
N THR K 72 23.36 -8.05 35.35
CA THR K 72 23.10 -6.68 35.78
C THR K 72 21.64 -6.36 35.52
N ALA K 73 20.94 -5.93 36.57
CA ALA K 73 19.52 -5.62 36.43
C ALA K 73 19.34 -4.28 35.72
N VAL K 74 19.28 -4.32 34.39
CA VAL K 74 19.14 -3.07 33.63
C VAL K 74 17.78 -2.42 33.87
N GLU K 75 16.78 -3.18 34.29
CA GLU K 75 15.45 -2.63 34.53
C GLU K 75 14.71 -3.51 35.55
N THR K 76 13.90 -2.87 36.39
CA THR K 76 13.12 -3.56 37.40
C THR K 76 11.83 -2.78 37.65
N ILE K 77 10.69 -3.47 37.58
CA ILE K 77 9.39 -2.84 37.79
C ILE K 77 8.58 -3.69 38.75
N VAL K 78 7.84 -3.03 39.64
CA VAL K 78 6.97 -3.70 40.61
C VAL K 78 5.53 -3.31 40.30
N VAL K 79 4.68 -4.30 40.07
CA VAL K 79 3.31 -4.08 39.60
C VAL K 79 2.34 -4.65 40.63
N ALA K 80 1.35 -3.85 41.00
CA ALA K 80 0.33 -4.29 41.92
C ALA K 80 -0.75 -5.10 41.19
N THR K 81 -1.57 -5.80 41.96
CA THR K 81 -2.61 -6.65 41.39
C THR K 81 -3.75 -5.79 40.87
N GLY K 82 -4.23 -6.12 39.67
CA GLY K 82 -5.30 -5.37 39.07
C GLY K 82 -4.85 -4.18 38.24
N SER K 83 -3.55 -4.00 38.05
CA SER K 83 -3.01 -2.89 37.27
C SER K 83 -1.97 -3.44 36.29
N SER K 84 -1.41 -2.54 35.48
CA SER K 84 -0.49 -2.93 34.43
C SER K 84 0.69 -1.97 34.41
N ALA K 85 1.72 -2.33 33.67
CA ALA K 85 2.86 -1.45 33.49
C ALA K 85 3.56 -1.76 32.17
N SER K 86 3.94 -0.73 31.43
CA SER K 86 4.54 -0.88 30.12
C SER K 86 6.03 -0.51 30.16
N PHE K 87 6.72 -0.81 29.06
CA PHE K 87 8.17 -0.61 29.03
C PHE K 87 8.69 -0.66 27.60
N THR K 88 9.91 -0.14 27.44
CA THR K 88 10.76 -0.41 26.28
C THR K 88 12.21 -0.45 26.73
N VAL K 89 12.95 -1.45 26.27
CA VAL K 89 14.27 -1.78 26.80
C VAL K 89 15.15 -2.27 25.66
N ARG K 90 16.45 -2.01 25.77
CA ARG K 90 17.44 -2.54 24.84
C ARG K 90 18.56 -3.23 25.61
N ARG K 91 19.32 -4.05 24.89
CA ARG K 91 20.42 -4.84 25.46
C ARG K 91 20.03 -5.51 26.77
N PHE K 92 19.19 -6.52 26.66
CA PHE K 92 18.89 -7.41 27.76
C PHE K 92 18.97 -8.85 27.29
N ASP K 93 19.21 -9.76 28.22
CA ASP K 93 19.45 -11.15 27.89
C ASP K 93 18.33 -12.06 28.38
N THR K 94 17.83 -11.85 29.60
CA THR K 94 16.72 -12.65 30.10
C THR K 94 15.74 -11.75 30.83
N VAL K 95 14.55 -12.27 31.07
CA VAL K 95 13.54 -11.60 31.89
C VAL K 95 13.03 -12.59 32.92
N THR K 96 12.90 -12.14 34.17
CA THR K 96 12.38 -13.00 35.23
C THR K 96 11.25 -12.30 35.97
N ILE K 97 10.32 -13.11 36.45
CA ILE K 97 9.21 -12.64 37.26
C ILE K 97 9.25 -13.31 38.62
N LEU K 98 8.90 -12.53 39.64
CA LEU K 98 8.90 -12.99 41.03
C LEU K 98 7.58 -12.59 41.67
N GLY K 99 6.92 -13.53 42.34
CA GLY K 99 5.66 -13.28 42.99
C GLY K 99 5.58 -13.95 44.35
N THR K 100 4.57 -13.57 45.10
CA THR K 100 4.29 -14.17 46.40
C THR K 100 3.89 -15.63 46.20
N ALA K 101 3.95 -16.42 47.27
CA ALA K 101 3.55 -17.82 47.19
C ALA K 101 2.04 -17.96 47.24
N ALA K 102 1.37 -17.19 46.39
CA ALA K 102 -0.07 -17.26 46.22
C ALA K 102 -0.46 -17.54 44.78
N ALA K 103 0.53 -17.78 43.91
CA ALA K 103 0.31 -18.14 42.51
C ALA K 103 -0.53 -17.09 41.79
N GLU K 104 0.01 -15.87 41.74
CA GLU K 104 -0.59 -14.84 40.91
C GLU K 104 -0.48 -15.25 39.44
N THR K 105 -1.40 -14.76 38.63
CA THR K 105 -1.34 -15.06 37.20
C THR K 105 -1.73 -13.82 36.41
N GLY K 106 -1.24 -13.79 35.18
CA GLY K 106 -1.46 -12.64 34.32
C GLY K 106 -0.95 -12.88 32.92
N GLU K 107 -0.79 -11.79 32.17
CA GLU K 107 -0.40 -11.82 30.78
C GLU K 107 0.94 -11.15 30.56
N PHE K 108 1.49 -11.33 29.36
CA PHE K 108 2.77 -10.72 29.01
C PHE K 108 2.86 -10.62 27.50
N CYS K 109 2.94 -9.40 26.97
CA CYS K 109 3.01 -9.12 25.55
C CYS K 109 4.26 -8.33 25.23
N MET K 110 4.92 -8.65 24.12
CA MET K 110 6.16 -7.97 23.77
C MET K 110 6.39 -7.99 22.26
N THR K 111 6.74 -6.83 21.70
CA THR K 111 7.17 -6.72 20.33
C THR K 111 8.67 -6.45 20.29
N ILE K 112 9.36 -7.13 19.36
CA ILE K 112 10.82 -7.19 19.35
C ILE K 112 11.32 -6.71 18.01
N ARG K 113 12.29 -5.80 18.02
CA ARG K 113 12.91 -5.30 16.82
C ARG K 113 14.37 -5.75 16.75
N TYR K 114 14.79 -6.26 15.60
CA TYR K 114 16.21 -6.51 15.41
C TYR K 114 16.57 -6.24 13.98
N THR K 115 17.73 -5.61 13.79
CA THR K 115 18.20 -5.14 12.49
C THR K 115 19.15 -6.12 11.84
N LEU K 116 18.76 -7.40 11.74
CA LEU K 116 19.63 -8.38 11.10
C LEU K 116 19.02 -8.96 9.85
N SER K 117 17.85 -9.58 9.96
CA SER K 117 17.22 -10.22 8.82
C SER K 117 15.79 -10.58 9.15
N THR L 6 28.90 10.51 -3.08
CA THR L 6 29.27 9.48 -4.05
C THR L 6 30.71 9.04 -3.85
N ASN L 7 31.22 9.23 -2.63
CA ASN L 7 32.57 8.83 -2.27
C ASN L 7 32.49 7.64 -1.31
N LEU L 8 33.24 6.59 -1.61
CA LEU L 8 33.19 5.38 -0.79
C LEU L 8 33.73 5.67 0.60
N SER L 9 33.03 5.15 1.61
CA SER L 9 33.40 5.34 3.00
C SER L 9 33.03 4.10 3.77
N CYS L 10 33.94 3.63 4.61
CA CYS L 10 33.74 2.41 5.38
C CYS L 10 33.31 2.82 6.78
N CYS L 11 32.05 3.25 6.90
CA CYS L 11 31.50 3.80 8.13
C CYS L 11 30.39 2.89 8.61
N ALA L 12 30.62 2.19 9.73
CA ALA L 12 29.69 1.19 10.22
C ALA L 12 28.47 1.82 10.85
N ASN L 13 28.67 2.62 11.90
CA ASN L 13 27.55 3.31 12.52
C ASN L 13 27.10 4.45 11.61
N GLY L 14 26.58 4.08 10.44
CA GLY L 14 26.30 5.04 9.40
C GLY L 14 24.89 5.59 9.46
N GLN L 15 24.10 5.31 8.42
CA GLN L 15 22.74 5.81 8.37
C GLN L 15 21.91 5.25 9.53
N LYS L 16 21.08 6.11 10.10
CA LYS L 16 20.23 5.74 11.22
C LYS L 16 18.78 5.97 10.84
N THR L 17 17.94 4.99 11.11
CA THR L 17 16.52 5.08 10.83
C THR L 17 15.74 5.37 12.09
N ILE L 18 14.55 5.94 11.92
CA ILE L 18 13.67 6.27 13.01
C ILE L 18 12.54 5.27 13.04
N VAL L 19 12.25 4.73 14.23
CA VAL L 19 11.21 3.71 14.37
C VAL L 19 10.24 4.13 15.45
N GLN L 20 9.03 3.56 15.38
CA GLN L 20 7.92 3.92 16.24
C GLN L 20 7.27 2.68 16.81
N ASP L 21 6.89 2.77 18.09
CA ASP L 21 6.22 1.71 18.82
C ASP L 21 4.98 2.28 19.49
N LYS L 22 4.14 1.41 20.02
CA LYS L 22 2.90 1.84 20.66
C LYS L 22 2.57 0.92 21.82
N VAL L 23 2.02 1.48 22.90
CA VAL L 23 1.59 0.71 24.05
C VAL L 23 0.29 1.27 24.59
N CYS L 24 -0.52 0.37 25.15
CA CYS L 24 -1.84 0.67 25.69
C CYS L 24 -1.98 -0.12 26.97
N ILE L 25 -2.42 0.52 28.05
CA ILE L 25 -2.68 -0.21 29.29
C ILE L 25 -3.89 0.38 30.00
N ASP L 26 -4.41 -0.40 30.95
CA ASP L 26 -5.42 0.05 31.89
C ASP L 26 -4.81 0.05 33.28
N TRP L 27 -5.04 1.12 34.04
CA TRP L 27 -4.38 1.31 35.32
C TRP L 27 -5.39 1.57 36.42
N THR L 28 -4.99 1.17 37.64
CA THR L 28 -5.70 1.47 38.86
C THR L 28 -4.74 2.17 39.82
N ALA L 29 -5.16 3.28 40.39
CA ALA L 29 -4.29 4.15 41.16
C ALA L 29 -4.57 4.03 42.65
N ALA L 30 -3.52 3.81 43.42
CA ALA L 30 -3.62 3.83 44.88
C ALA L 30 -3.21 5.21 45.39
N ALA L 31 -3.16 5.36 46.71
CA ALA L 31 -2.72 6.63 47.29
C ALA L 31 -1.23 6.66 47.55
N THR L 32 -0.44 6.23 46.57
CA THR L 32 1.01 6.33 46.56
C THR L 32 1.44 6.42 45.11
N ALA L 33 2.62 6.96 44.88
CA ALA L 33 3.13 7.03 43.52
C ALA L 33 3.35 5.63 42.97
N ALA L 34 2.82 5.37 41.79
CA ALA L 34 2.93 4.06 41.17
C ALA L 34 3.59 4.21 39.80
N ILE L 35 4.58 3.36 39.54
CA ILE L 35 5.28 3.39 38.25
C ILE L 35 4.37 2.82 37.17
N ILE L 36 4.18 3.59 36.11
CA ILE L 36 3.32 3.19 35.01
C ILE L 36 4.09 2.96 33.72
N TYR L 37 5.34 3.40 33.65
CA TYR L 37 6.16 3.25 32.45
C TYR L 37 7.61 3.49 32.83
N ALA L 38 8.52 2.75 32.19
CA ALA L 38 9.94 2.89 32.48
C ALA L 38 10.75 2.42 31.29
N ASP L 39 11.91 3.03 31.10
CA ASP L 39 12.80 2.68 30.00
C ASP L 39 14.23 2.88 30.42
N ASN L 40 15.15 2.62 29.50
CA ASN L 40 16.55 2.94 29.70
C ASN L 40 17.15 3.67 28.50
N ILE L 41 16.36 3.99 27.48
CA ILE L 41 16.84 4.80 26.38
C ILE L 41 16.44 6.25 26.64
N SER L 42 17.06 6.87 27.64
CA SER L 42 16.58 8.17 28.07
C SER L 42 17.04 9.31 27.18
N GLN L 43 18.15 9.15 26.47
CA GLN L 43 18.74 10.27 25.74
C GLN L 43 17.98 10.59 24.46
N ASP L 44 17.48 9.59 23.76
CA ASP L 44 16.76 9.82 22.50
C ASP L 44 15.42 9.10 22.56
N ILE L 45 14.40 9.79 23.05
CA ILE L 45 13.06 9.24 23.07
C ILE L 45 12.08 10.38 22.98
N TYR L 46 11.06 10.19 22.15
CA TYR L 46 9.99 11.17 21.98
C TYR L 46 8.68 10.41 22.09
N ALA L 47 7.81 10.85 22.99
CA ALA L 47 6.59 10.11 23.25
C ALA L 47 5.39 11.04 23.22
N SER L 48 4.33 10.61 22.54
CA SER L 48 3.06 11.33 22.50
C SER L 48 1.95 10.40 22.96
N GLY L 49 0.92 10.98 23.57
CA GLY L 49 -0.18 10.15 24.00
C GLY L 49 -1.20 10.92 24.82
N TYR L 50 -2.05 10.17 25.52
CA TYR L 50 -3.09 10.75 26.37
C TYR L 50 -3.25 9.90 27.62
N LEU L 51 -3.85 10.52 28.63
CA LEU L 51 -4.29 9.83 29.84
C LEU L 51 -5.75 10.16 30.05
N LYS L 52 -6.55 9.12 30.29
CA LYS L 52 -7.99 9.25 30.53
C LYS L 52 -8.32 8.69 31.90
N VAL L 53 -8.98 9.49 32.73
CA VAL L 53 -9.41 9.06 34.05
C VAL L 53 -10.87 8.65 33.93
N ASP L 54 -11.13 7.36 34.09
CA ASP L 54 -12.45 6.82 33.80
C ASP L 54 -13.36 6.87 35.02
N THR L 55 -12.98 6.22 36.11
CA THR L 55 -13.83 6.17 37.29
C THR L 55 -13.01 6.49 38.53
N GLY L 56 -13.72 6.93 39.56
CA GLY L 56 -13.15 7.30 40.83
C GLY L 56 -13.54 8.70 41.20
N THR L 57 -12.86 9.24 42.20
CA THR L 57 -13.06 10.61 42.62
C THR L 57 -11.71 11.27 42.84
N GLY L 58 -11.70 12.59 42.77
CA GLY L 58 -10.49 13.34 43.00
C GLY L 58 -9.53 13.25 41.84
N PRO L 59 -8.73 14.28 41.64
CA PRO L 59 -7.84 14.33 40.49
C PRO L 59 -6.72 13.30 40.58
N VAL L 60 -6.22 12.92 39.42
CA VAL L 60 -5.09 12.01 39.30
C VAL L 60 -3.91 12.80 38.72
N THR L 61 -2.73 12.65 39.32
CA THR L 61 -1.56 13.41 38.93
C THR L 61 -0.55 12.49 38.25
N ILE L 62 -0.13 12.87 37.05
CA ILE L 62 0.86 12.14 36.27
C ILE L 62 2.13 12.95 36.22
N VAL L 63 3.27 12.31 36.48
CA VAL L 63 4.56 12.98 36.54
C VAL L 63 5.57 12.21 35.70
N PHE L 64 6.30 12.92 34.85
CA PHE L 64 7.39 12.36 34.08
C PHE L 64 8.72 12.71 34.76
N TYR L 65 9.57 11.71 34.95
CA TYR L 65 10.82 11.87 35.68
C TYR L 65 12.00 11.55 34.78
N SER L 66 13.00 12.42 34.82
CA SER L 66 14.27 12.21 34.13
C SER L 66 15.34 12.00 35.19
N GLY L 67 15.84 10.78 35.28
CA GLY L 67 16.84 10.47 36.29
C GLY L 67 16.25 9.81 37.51
N GLY L 68 15.36 8.86 37.29
CA GLY L 68 14.74 8.14 38.39
C GLY L 68 13.62 8.92 39.02
N VAL L 69 12.93 8.26 39.97
CA VAL L 69 11.80 8.89 40.63
C VAL L 69 12.27 10.07 41.47
N THR L 70 13.46 9.97 42.05
CA THR L 70 14.06 11.08 42.78
C THR L 70 14.95 11.87 41.84
N GLY L 71 14.37 12.27 40.71
CA GLY L 71 15.11 12.99 39.70
C GLY L 71 14.56 14.39 39.49
N THR L 72 14.16 14.71 38.27
CA THR L 72 13.64 16.03 37.96
C THR L 72 12.31 15.87 37.25
N ALA L 73 11.27 16.52 37.78
CA ALA L 73 9.95 16.43 37.19
C ALA L 73 9.87 17.27 35.93
N VAL L 74 10.24 16.69 34.79
CA VAL L 74 10.21 17.45 33.54
C VAL L 74 8.79 17.81 33.13
N GLU L 75 7.79 17.09 33.60
CA GLU L 75 6.39 17.37 33.25
C GLU L 75 5.47 16.84 34.33
N THR L 76 4.38 17.56 34.59
CA THR L 76 3.39 17.18 35.58
C THR L 76 2.03 17.67 35.13
N ILE L 77 1.03 16.78 35.12
CA ILE L 77 -0.32 17.12 34.70
C ILE L 77 -1.31 16.58 35.73
N VAL L 78 -2.35 17.35 36.02
CA VAL L 78 -3.41 16.96 36.94
C VAL L 78 -4.71 16.85 36.16
N VAL L 79 -5.34 15.68 36.21
CA VAL L 79 -6.50 15.37 35.39
C VAL L 79 -7.69 15.07 36.29
N ALA L 80 -8.82 15.70 36.02
CA ALA L 80 -10.04 15.45 36.77
C ALA L 80 -10.74 14.20 36.25
N THR L 81 -11.68 13.70 37.04
CA THR L 81 -12.40 12.49 36.69
C THR L 81 -13.40 12.77 35.59
N GLY L 82 -13.46 11.89 34.59
CA GLY L 82 -14.34 12.06 33.47
C GLY L 82 -13.78 12.88 32.33
N SER L 83 -12.52 13.26 32.39
CA SER L 83 -11.87 14.04 31.35
C SER L 83 -10.53 13.40 31.00
N SER L 84 -9.83 14.00 30.03
CA SER L 84 -8.59 13.44 29.52
C SER L 84 -7.58 14.55 29.35
N ALA L 85 -6.32 14.16 29.11
CA ALA L 85 -5.27 15.13 28.83
C ALA L 85 -4.18 14.48 28.01
N SER L 86 -3.69 15.18 27.00
CA SER L 86 -2.70 14.66 26.07
C SER L 86 -1.35 15.33 26.29
N PHE L 87 -0.32 14.79 25.65
CA PHE L 87 1.04 15.28 25.88
C PHE L 87 1.99 14.77 24.80
N THR L 88 3.14 15.44 24.70
CA THR L 88 4.33 14.92 24.03
C THR L 88 5.56 15.40 24.79
N VAL L 89 6.50 14.50 25.02
CA VAL L 89 7.62 14.73 25.93
C VAL L 89 8.86 14.04 25.38
N ARG L 90 10.03 14.60 25.68
CA ARG L 90 11.30 13.97 25.34
C ARG L 90 12.19 13.94 26.57
N ARG L 91 13.22 13.09 26.51
CA ARG L 91 14.16 12.88 27.63
C ARG L 91 13.44 12.72 28.96
N PHE L 92 12.78 11.59 29.12
CA PHE L 92 12.24 11.18 30.40
C PHE L 92 12.61 9.73 30.67
N ASP L 93 12.64 9.36 31.95
CA ASP L 93 13.10 8.05 32.35
C ASP L 93 11.99 7.18 32.91
N THR L 94 11.11 7.74 33.74
CA THR L 94 9.99 6.99 34.28
C THR L 94 8.74 7.86 34.26
N VAL L 95 7.59 7.24 34.43
CA VAL L 95 6.32 7.93 34.59
C VAL L 95 5.61 7.36 35.80
N THR L 96 5.05 8.22 36.64
CA THR L 96 4.32 7.77 37.82
C THR L 96 2.95 8.43 37.87
N ILE L 97 2.00 7.69 38.43
CA ILE L 97 0.65 8.19 38.66
C ILE L 97 0.34 8.16 40.14
N LEU L 98 -0.40 9.17 40.58
CA LEU L 98 -0.79 9.34 41.97
C LEU L 98 -2.28 9.64 42.02
N GLY L 99 -3.00 8.93 42.88
CA GLY L 99 -4.44 9.14 43.02
C GLY L 99 -4.86 9.07 44.49
N THR L 100 -6.10 9.48 44.72
CA THR L 100 -6.70 9.41 46.04
C THR L 100 -6.87 7.95 46.43
N ALA L 101 -7.06 7.70 47.72
CA ALA L 101 -7.28 6.33 48.19
C ALA L 101 -8.71 5.89 47.95
N ALA L 102 -9.17 6.08 46.70
CA ALA L 102 -10.46 5.61 46.25
C ALA L 102 -10.34 4.69 45.05
N ALA L 103 -9.12 4.36 44.64
CA ALA L 103 -8.85 3.42 43.55
C ALA L 103 -9.53 3.87 42.26
N GLU L 104 -9.12 5.05 41.78
CA GLU L 104 -9.52 5.48 40.46
C GLU L 104 -8.92 4.56 39.42
N THR L 105 -9.59 4.45 38.28
CA THR L 105 -9.05 3.63 37.20
C THR L 105 -9.29 4.30 35.86
N GLY L 106 -8.45 3.95 34.91
CA GLY L 106 -8.50 4.58 33.60
C GLY L 106 -7.57 3.91 32.63
N GLU L 107 -7.28 4.61 31.53
CA GLU L 107 -6.49 4.10 30.43
C GLU L 107 -5.21 4.92 30.27
N PHE L 108 -4.30 4.40 29.44
CA PHE L 108 -3.04 5.09 29.16
C PHE L 108 -2.49 4.58 27.84
N CYS L 109 -2.38 5.48 26.85
CA CYS L 109 -1.89 5.15 25.52
C CYS L 109 -0.68 6.01 25.19
N MET L 110 0.30 5.43 24.53
CA MET L 110 1.51 6.17 24.21
C MET L 110 2.21 5.60 22.99
N THR L 111 2.60 6.47 22.07
CA THR L 111 3.43 6.11 20.93
C THR L 111 4.83 6.67 21.13
N ILE L 112 5.84 5.87 20.81
CA ILE L 112 7.23 6.13 21.17
C ILE L 112 8.07 6.13 19.91
N ARG L 113 8.90 7.16 19.74
CA ARG L 113 9.82 7.26 18.63
C ARG L 113 11.25 7.16 19.12
N TYR L 114 12.06 6.34 18.47
CA TYR L 114 13.48 6.37 18.75
C TYR L 114 14.25 6.11 17.48
N THR L 115 15.33 6.85 17.31
CA THR L 115 16.14 6.86 16.09
C THR L 115 17.34 5.93 16.20
N LEU L 116 17.13 4.68 16.60
CA LEU L 116 18.25 3.76 16.71
C LEU L 116 18.12 2.59 15.74
N SER L 117 17.05 1.82 15.84
CA SER L 117 16.87 0.64 15.01
C SER L 117 15.45 0.13 15.12
N THR M 6 29.87 16.60 -1.61
CA THR M 6 30.61 15.38 -1.88
C THR M 6 31.96 15.39 -1.15
N ASN M 7 32.04 16.16 -0.08
CA ASN M 7 33.23 16.25 0.75
C ASN M 7 32.96 15.58 2.09
N LEU M 8 33.86 14.69 2.50
CA LEU M 8 33.66 13.95 3.73
C LEU M 8 33.70 14.89 4.93
N SER M 9 32.77 14.68 5.86
CA SER M 9 32.67 15.51 7.05
C SER M 9 32.19 14.64 8.19
N CYS M 10 32.81 14.77 9.34
CA CYS M 10 32.49 13.95 10.51
C CYS M 10 31.60 14.80 11.42
N CYS M 11 30.34 14.96 11.01
CA CYS M 11 29.38 15.83 11.69
C CYS M 11 28.27 14.97 12.24
N ALA M 12 28.20 14.87 13.58
CA ALA M 12 27.26 13.96 14.22
C ALA M 12 25.83 14.52 14.18
N ASN M 13 25.63 15.70 14.76
CA ASN M 13 24.32 16.34 14.71
C ASN M 13 24.07 16.85 13.31
N GLY M 14 23.99 15.94 12.34
CA GLY M 14 23.96 16.31 10.94
C GLY M 14 22.57 16.51 10.40
N GLN M 15 22.17 15.66 9.45
CA GLN M 15 20.85 15.78 8.84
C GLN M 15 19.76 15.57 9.89
N LYS M 16 18.72 16.38 9.79
CA LYS M 16 17.59 16.33 10.70
C LYS M 16 16.32 16.06 9.92
N THR M 17 15.53 15.12 10.40
CA THR M 17 14.27 14.77 9.77
C THR M 17 13.10 15.37 10.54
N ILE M 18 11.99 15.53 9.83
CA ILE M 18 10.77 16.09 10.41
C ILE M 18 9.79 14.96 10.62
N VAL M 19 9.19 14.91 11.81
CA VAL M 19 8.26 13.84 12.14
C VAL M 19 6.96 14.44 12.63
N GLN M 20 5.90 13.64 12.54
CA GLN M 20 4.55 14.08 12.85
C GLN M 20 3.86 13.06 13.74
N ASP M 21 3.09 13.57 14.70
CA ASP M 21 2.32 12.79 15.64
C ASP M 21 0.88 13.30 15.66
N LYS M 22 -0.01 12.55 16.30
CA LYS M 22 -1.41 12.94 16.35
C LYS M 22 -2.01 12.52 17.69
N VAL M 23 -2.92 13.35 18.21
CA VAL M 23 -3.62 13.03 19.46
C VAL M 23 -5.07 13.46 19.35
N CYS M 24 -5.93 12.70 20.04
CA CYS M 24 -7.37 12.91 20.04
C CYS M 24 -7.84 12.71 21.46
N ILE M 25 -8.65 13.62 22.00
CA ILE M 25 -9.23 13.41 23.32
C ILE M 25 -10.64 13.96 23.37
N ASP M 26 -11.36 13.55 24.41
CA ASP M 26 -12.66 14.12 24.77
C ASP M 26 -12.51 14.82 26.11
N TRP M 27 -13.07 16.02 26.21
CA TRP M 27 -12.86 16.86 27.38
C TRP M 27 -14.19 17.32 27.96
N THR M 28 -14.16 17.56 29.28
CA THR M 28 -15.25 18.17 30.02
C THR M 28 -14.70 19.38 30.75
N ALA M 29 -15.38 20.52 30.63
CA ALA M 29 -14.88 21.80 31.09
C ALA M 29 -15.60 22.24 32.36
N ALA M 30 -14.83 22.59 33.38
CA ALA M 30 -15.39 23.18 34.59
C ALA M 30 -15.29 24.69 34.50
N ALA M 31 -15.67 25.39 35.57
CA ALA M 31 -15.55 26.84 35.59
C ALA M 31 -14.23 27.31 36.17
N THR M 32 -13.14 26.70 35.72
CA THR M 32 -11.77 27.11 36.02
C THR M 32 -10.92 26.68 34.83
N ALA M 33 -9.77 27.33 34.68
CA ALA M 33 -8.86 26.95 33.61
C ALA M 33 -8.37 25.53 33.84
N ALA M 34 -8.48 24.69 32.81
CA ALA M 34 -8.04 23.30 32.90
C ALA M 34 -7.01 23.02 31.83
N ILE M 35 -5.91 22.37 32.22
CA ILE M 35 -4.85 22.03 31.29
C ILE M 35 -5.32 20.89 30.40
N ILE M 36 -5.22 21.09 29.09
CA ILE M 36 -5.67 20.10 28.13
C ILE M 36 -4.51 19.53 27.32
N TYR M 37 -3.34 20.18 27.35
CA TYR M 37 -2.19 19.73 26.60
C TYR M 37 -0.95 20.41 27.16
N ALA M 38 0.18 19.70 27.17
CA ALA M 38 1.41 20.25 27.70
C ALA M 38 2.60 19.52 27.09
N ASP M 39 3.70 20.25 26.94
CA ASP M 39 4.91 19.68 26.37
C ASP M 39 6.13 20.35 26.99
N ASN M 40 7.31 19.94 26.54
CA ASN M 40 8.53 20.61 26.90
C ASN M 40 9.41 20.91 25.70
N ILE M 41 8.96 20.59 24.49
CA ILE M 41 9.68 20.97 23.28
C ILE M 41 9.10 22.27 22.76
N SER M 42 9.32 23.36 23.47
CA SER M 42 8.61 24.59 23.13
C SER M 42 9.22 25.33 21.96
N GLN M 43 10.51 25.13 21.69
CA GLN M 43 11.19 25.95 20.70
C GLN M 43 10.87 25.55 19.27
N ASP M 44 10.68 24.26 19.00
CA ASP M 44 10.40 23.80 17.65
C ASP M 44 9.17 22.89 17.71
N ILE M 45 8.00 23.48 17.57
CA ILE M 45 6.76 22.70 17.52
C ILE M 45 5.76 23.46 16.67
N TYR M 46 5.09 22.73 15.80
CA TYR M 46 4.04 23.28 14.95
C TYR M 46 2.84 22.38 15.07
N ALA M 47 1.68 22.93 15.42
CA ALA M 47 0.51 22.12 15.69
C ALA M 47 -0.69 22.67 14.95
N SER M 48 -1.44 21.78 14.31
CA SER M 48 -2.68 22.12 13.64
C SER M 48 -3.79 21.24 14.19
N GLY M 49 -5.01 21.77 14.19
CA GLY M 49 -6.12 20.98 14.68
C GLY M 49 -7.41 21.77 14.79
N TYR M 50 -8.37 21.20 15.51
CA TYR M 50 -9.65 21.83 15.72
C TYR M 50 -10.14 21.57 17.14
N LEU M 51 -11.08 22.39 17.57
CA LEU M 51 -11.81 22.18 18.82
C LEU M 51 -13.30 22.23 18.50
N LYS M 52 -14.03 21.24 18.98
CA LYS M 52 -15.47 21.14 18.77
C LYS M 52 -16.17 21.13 20.12
N VAL M 53 -17.12 22.02 20.31
CA VAL M 53 -17.91 22.09 21.53
C VAL M 53 -19.21 21.36 21.26
N ASP M 54 -19.39 20.22 21.92
CA ASP M 54 -20.50 19.34 21.60
C ASP M 54 -21.75 19.69 22.40
N THR M 55 -21.67 19.63 23.72
CA THR M 55 -22.85 19.89 24.54
C THR M 55 -22.50 20.86 25.67
N GLY M 56 -23.53 21.52 26.17
CA GLY M 56 -23.42 22.48 27.24
C GLY M 56 -24.04 23.80 26.81
N THR M 57 -23.75 24.83 27.59
CA THR M 57 -24.19 26.18 27.27
C THR M 57 -23.05 27.14 27.49
N GLY M 58 -23.13 28.29 26.81
CA GLY M 58 -22.13 29.31 26.98
C GLY M 58 -20.85 28.97 26.25
N PRO M 59 -20.13 29.98 25.81
CA PRO M 59 -18.92 29.74 25.01
C PRO M 59 -17.82 29.12 25.83
N VAL M 60 -16.93 28.41 25.14
CA VAL M 60 -15.74 27.82 25.73
C VAL M 60 -14.52 28.53 25.15
N THR M 61 -13.59 28.90 26.02
CA THR M 61 -12.41 29.67 25.63
C THR M 61 -11.16 28.80 25.71
N ILE M 62 -10.43 28.74 24.61
CA ILE M 62 -9.18 27.99 24.52
C ILE M 62 -8.04 28.98 24.42
N VAL M 63 -6.99 28.76 25.21
CA VAL M 63 -5.84 29.67 25.27
C VAL M 63 -4.56 28.86 25.15
N PHE M 64 -3.66 29.31 24.27
CA PHE M 64 -2.33 28.73 24.12
C PHE M 64 -1.34 29.61 24.87
N TYR M 65 -0.50 29.00 25.70
CA TYR M 65 0.44 29.71 26.55
C TYR M 65 1.86 29.31 26.22
N SER M 66 2.72 30.32 26.09
CA SER M 66 4.15 30.13 25.91
C SER M 66 4.85 30.62 27.17
N GLY M 67 5.41 29.69 27.94
CA GLY M 67 6.05 30.05 29.18
C GLY M 67 5.18 29.83 30.39
N GLY M 68 4.49 28.70 30.41
CA GLY M 68 3.62 28.38 31.53
C GLY M 68 2.29 29.08 31.45
N VAL M 69 1.40 28.73 32.38
CA VAL M 69 0.07 29.31 32.40
C VAL M 69 0.14 30.80 32.69
N THR M 70 1.08 31.22 33.53
CA THR M 70 1.32 32.63 33.78
C THR M 70 2.41 33.14 32.83
N GLY M 71 2.18 32.90 31.55
CA GLY M 71 3.12 33.29 30.53
C GLY M 71 2.54 34.32 29.58
N THR M 72 2.52 34.01 28.29
CA THR M 72 2.01 34.94 27.29
C THR M 72 0.99 34.22 26.44
N ALA M 73 -0.20 34.78 26.34
CA ALA M 73 -1.27 34.17 25.56
C ALA M 73 -1.02 34.38 24.07
N VAL M 74 -0.26 33.48 23.44
CA VAL M 74 0.03 33.63 22.03
C VAL M 74 -1.20 33.48 21.17
N GLU M 75 -2.23 32.80 21.65
CA GLU M 75 -3.46 32.61 20.89
C GLU M 75 -4.64 32.38 21.83
N THR M 76 -5.80 32.88 21.45
CA THR M 76 -7.02 32.73 22.24
C THR M 76 -8.22 32.68 21.30
N ILE M 77 -9.06 31.67 21.46
CA ILE M 77 -10.24 31.50 20.62
C ILE M 77 -11.45 31.22 21.50
N VAL M 78 -12.60 31.80 21.15
CA VAL M 78 -13.85 31.60 21.85
C VAL M 78 -14.82 30.89 20.92
N VAL M 79 -15.34 29.73 21.35
CA VAL M 79 -16.15 28.87 20.50
C VAL M 79 -17.52 28.72 21.12
N ALA M 80 -18.57 28.92 20.32
CA ALA M 80 -19.93 28.73 20.79
C ALA M 80 -20.31 27.25 20.75
N THR M 81 -21.41 26.93 21.42
CA THR M 81 -21.87 25.55 21.50
C THR M 81 -22.49 25.13 20.18
N GLY M 82 -22.15 23.93 19.72
CA GLY M 82 -22.66 23.43 18.46
C GLY M 82 -21.84 23.82 17.26
N SER M 83 -20.70 24.46 17.44
CA SER M 83 -19.82 24.86 16.35
C SER M 83 -18.39 24.45 16.67
N SER M 84 -17.48 24.72 15.74
CA SER M 84 -16.10 24.30 15.85
C SER M 84 -15.18 25.44 15.44
N ALA M 85 -13.88 25.27 15.72
CA ALA M 85 -12.90 26.24 15.30
C ALA M 85 -11.54 25.57 15.16
N SER M 86 -10.82 25.88 14.09
CA SER M 86 -9.55 25.26 13.78
C SER M 86 -8.41 26.25 13.98
N PHE M 87 -7.18 25.73 13.94
CA PHE M 87 -6.02 26.55 14.24
C PHE M 87 -4.74 25.87 13.77
N THR M 88 -3.68 26.68 13.67
CA THR M 88 -2.29 26.20 13.61
C THR M 88 -1.42 27.22 14.34
N VAL M 89 -0.51 26.72 15.18
CA VAL M 89 0.23 27.54 16.13
C VAL M 89 1.64 26.97 16.28
N ARG M 90 2.60 27.85 16.55
CA ARG M 90 3.97 27.43 16.86
C ARG M 90 4.43 28.11 18.16
N ARG M 91 5.49 27.56 18.74
CA ARG M 91 6.04 28.03 20.01
C ARG M 91 4.96 28.28 21.06
N PHE M 92 4.39 27.20 21.55
CA PHE M 92 3.50 27.25 22.71
C PHE M 92 3.91 26.15 23.68
N ASP M 93 3.55 26.35 24.94
CA ASP M 93 3.98 25.46 26.01
C ASP M 93 2.83 24.68 26.62
N THR M 94 1.69 25.32 26.85
CA THR M 94 0.52 24.63 27.39
C THR M 94 -0.72 25.12 26.66
N VAL M 95 -1.81 24.38 26.82
CA VAL M 95 -3.12 24.79 26.33
C VAL M 95 -4.12 24.61 27.46
N THR M 96 -4.99 25.60 27.64
CA THR M 96 -6.01 25.53 28.68
C THR M 96 -7.37 25.83 28.09
N ILE M 97 -8.39 25.20 28.67
CA ILE M 97 -9.78 25.43 28.31
C ILE M 97 -10.54 25.95 29.51
N LEU M 98 -11.47 26.86 29.26
CA LEU M 98 -12.30 27.49 30.28
C LEU M 98 -13.74 27.45 29.82
N GLY M 99 -14.63 27.02 30.71
CA GLY M 99 -16.04 26.94 30.39
C GLY M 99 -16.90 27.39 31.56
N THR M 100 -18.18 27.57 31.27
CA THR M 100 -19.16 27.92 32.29
C THR M 100 -19.32 26.75 33.25
N ALA M 101 -19.89 27.01 34.42
CA ALA M 101 -20.12 25.95 35.40
C ALA M 101 -21.35 25.13 35.04
N ALA M 102 -21.41 24.69 33.79
CA ALA M 102 -22.44 23.81 33.30
C ALA M 102 -21.87 22.53 32.71
N ALA M 103 -20.55 22.34 32.81
CA ALA M 103 -19.88 21.12 32.37
C ALA M 103 -20.15 20.84 30.89
N GLU M 104 -19.72 21.78 30.06
CA GLU M 104 -19.72 21.53 28.62
C GLU M 104 -18.74 20.42 28.30
N THR M 105 -19.00 19.71 27.21
CA THR M 105 -18.08 18.66 26.79
C THR M 105 -17.95 18.65 25.29
N GLY M 106 -16.82 18.14 24.83
CA GLY M 106 -16.51 18.14 23.42
C GLY M 106 -15.26 17.35 23.11
N GLU M 107 -14.71 17.59 21.92
CA GLU M 107 -13.56 16.87 21.40
C GLU M 107 -12.38 17.80 21.20
N PHE M 108 -11.21 17.21 20.95
CA PHE M 108 -9.99 17.98 20.70
C PHE M 108 -9.01 17.11 19.94
N CYS M 109 -8.68 17.52 18.72
CA CYS M 109 -7.77 16.80 17.84
C CYS M 109 -6.60 17.69 17.46
N MET M 110 -5.40 17.11 17.40
CA MET M 110 -4.23 17.92 17.08
C MET M 110 -3.13 17.06 16.47
N THR M 111 -2.55 17.54 15.37
CA THR M 111 -1.38 16.94 14.76
C THR M 111 -0.16 17.83 15.03
N ILE M 112 0.96 17.21 15.36
CA ILE M 112 2.13 17.88 15.89
C ILE M 112 3.32 17.56 15.01
N ARG M 113 4.06 18.58 14.60
CA ARG M 113 5.28 18.41 13.82
C ARG M 113 6.48 18.85 14.64
N TYR M 114 7.52 18.03 14.64
CA TYR M 114 8.78 18.48 15.23
C TYR M 114 9.93 17.90 14.44
N THR M 115 10.95 18.74 14.22
CA THR M 115 12.09 18.41 13.38
C THR M 115 13.27 17.90 14.18
N LEU M 116 13.06 16.91 15.05
CA LEU M 116 14.16 16.38 15.83
C LEU M 116 14.44 14.93 15.51
N SER M 117 13.47 14.04 15.69
CA SER M 117 13.67 12.63 15.46
C SER M 117 12.34 11.91 15.44
N THR N 6 29.66 22.62 -2.86
CA THR N 6 30.56 21.59 -2.36
C THR N 6 31.60 22.18 -1.42
N ASN N 7 31.27 23.32 -0.82
CA ASN N 7 32.13 23.99 0.15
C ASN N 7 31.52 23.88 1.52
N LEU N 8 32.31 23.45 2.50
CA LEU N 8 31.79 23.25 3.84
C LEU N 8 31.39 24.57 4.46
N SER N 9 30.24 24.58 5.12
CA SER N 9 29.70 25.78 5.75
C SER N 9 28.96 25.37 7.00
N CYS N 10 29.18 26.09 8.09
CA CYS N 10 28.58 25.76 9.38
C CYS N 10 27.39 26.70 9.56
N CYS N 11 26.30 26.41 8.84
CA CYS N 11 25.12 27.25 8.79
C CYS N 11 23.95 26.48 9.38
N ALA N 12 23.49 26.91 10.56
CA ALA N 12 22.47 26.17 11.29
C ALA N 12 21.09 26.34 10.65
N ASN N 13 20.61 27.59 10.57
CA ASN N 13 19.33 27.85 9.92
C ASN N 13 19.50 27.69 8.42
N GLY N 14 19.80 26.46 7.99
CA GLY N 14 20.18 26.22 6.61
C GLY N 14 19.01 25.87 5.72
N GLN N 15 19.00 24.65 5.19
CA GLN N 15 17.94 24.23 4.29
C GLN N 15 16.60 24.24 5.02
N LYS N 16 15.57 24.69 4.32
CA LYS N 16 14.22 24.78 4.85
C LYS N 16 13.28 23.96 3.99
N THR N 17 12.46 23.14 4.64
CA THR N 17 11.50 22.31 3.95
C THR N 17 10.11 22.90 4.04
N ILE N 18 9.26 22.54 3.10
CA ILE N 18 7.89 23.00 3.04
C ILE N 18 6.98 21.87 3.50
N VAL N 19 6.05 22.18 4.40
CA VAL N 19 5.16 21.17 4.94
C VAL N 19 3.72 21.62 4.77
N GLN N 20 2.81 20.65 4.80
CA GLN N 20 1.40 20.87 4.54
C GLN N 20 0.54 20.18 5.59
N ASP N 21 -0.52 20.87 5.99
CA ASP N 21 -1.48 20.39 6.99
C ASP N 21 -2.87 20.55 6.41
N LYS N 22 -3.87 19.96 7.09
CA LYS N 22 -5.24 20.02 6.61
C LYS N 22 -6.19 20.07 7.80
N VAL N 23 -7.29 20.82 7.67
CA VAL N 23 -8.30 20.91 8.70
C VAL N 23 -9.68 20.92 8.06
N CYS N 24 -10.65 20.36 8.79
CA CYS N 24 -12.03 20.24 8.34
C CYS N 24 -12.89 20.53 9.54
N ILE N 25 -13.91 21.39 9.39
CA ILE N 25 -14.85 21.62 10.48
C ILE N 25 -16.25 21.83 9.93
N ASP N 26 -17.23 21.74 10.83
CA ASP N 26 -18.62 22.10 10.58
C ASP N 26 -18.95 23.31 11.44
N TRP N 27 -19.62 24.29 10.85
CA TRP N 27 -19.85 25.56 11.53
C TRP N 27 -21.32 25.93 11.49
N THR N 28 -21.73 26.68 12.52
CA THR N 28 -23.04 27.29 12.62
C THR N 28 -22.85 28.79 12.83
N ALA N 29 -23.56 29.59 12.04
CA ALA N 29 -23.33 31.03 12.00
C ALA N 29 -24.44 31.78 12.71
N ALA N 30 -24.07 32.67 13.61
CA ALA N 30 -25.02 33.57 14.25
C ALA N 30 -25.02 34.90 13.51
N ALA N 31 -25.77 35.88 14.03
CA ALA N 31 -25.79 37.19 13.42
C ALA N 31 -24.76 38.12 14.02
N THR N 32 -23.53 37.63 14.18
CA THR N 32 -22.37 38.41 14.58
C THR N 32 -21.16 37.73 13.96
N ALA N 33 -20.07 38.49 13.82
CA ALA N 33 -18.86 37.90 13.29
C ALA N 33 -18.33 36.84 14.25
N ALA N 34 -18.04 35.66 13.72
CA ALA N 34 -17.54 34.55 14.53
C ALA N 34 -16.21 34.09 13.98
N ILE N 35 -15.25 33.91 14.89
CA ILE N 35 -13.92 33.45 14.50
C ILE N 35 -13.99 31.98 14.13
N ILE N 36 -13.50 31.64 12.95
CA ILE N 36 -13.54 30.27 12.45
C ILE N 36 -12.14 29.69 12.30
N TYR N 37 -11.10 30.52 12.32
CA TYR N 37 -9.73 30.06 12.16
C TYR N 37 -8.80 31.16 12.63
N ALA N 38 -7.68 30.77 13.24
CA ALA N 38 -6.73 31.74 13.75
C ALA N 38 -5.35 31.10 13.84
N ASP N 39 -4.31 31.91 13.65
CA ASP N 39 -2.94 31.44 13.71
C ASP N 39 -2.04 32.54 14.23
N ASN N 40 -0.76 32.24 14.32
CA ASN N 40 0.24 33.25 14.62
C ASN N 40 1.43 33.21 13.67
N ILE N 41 1.40 32.34 12.67
CA ILE N 41 2.43 32.34 11.63
C ILE N 41 1.92 33.15 10.45
N SER N 42 1.81 34.46 10.62
CA SER N 42 1.15 35.27 9.61
C SER N 42 2.04 35.57 8.41
N GLN N 43 3.36 35.57 8.58
CA GLN N 43 4.24 36.04 7.54
C GLN N 43 4.40 35.03 6.41
N ASP N 44 4.43 33.74 6.72
CA ASP N 44 4.62 32.71 5.70
C ASP N 44 3.53 31.66 5.85
N ILE N 45 2.40 31.89 5.18
CA ILE N 45 1.31 30.92 5.19
C ILE N 45 0.57 31.03 3.88
N TYR N 46 0.25 29.89 3.30
CA TYR N 46 -0.51 29.81 2.06
C TYR N 46 -1.61 28.79 2.29
N ALA N 47 -2.86 29.19 2.05
CA ALA N 47 -3.98 28.32 2.36
C ALA N 47 -4.94 28.25 1.19
N SER N 48 -5.37 27.04 0.86
CA SER N 48 -6.36 26.81 -0.18
C SER N 48 -7.51 26.02 0.42
N GLY N 49 -8.71 26.23 -0.10
CA GLY N 49 -9.85 25.48 0.40
C GLY N 49 -11.16 25.95 -0.18
N TYR N 50 -12.25 25.54 0.47
CA TYR N 50 -13.59 25.92 0.05
C TYR N 50 -14.46 26.15 1.27
N LEU N 51 -15.57 26.86 1.05
CA LEU N 51 -16.63 27.02 2.02
C LEU N 51 -17.94 26.63 1.37
N LYS N 52 -18.70 25.79 2.05
CA LYS N 52 -19.99 25.31 1.57
C LYS N 52 -21.06 25.70 2.57
N VAL N 53 -22.11 26.37 2.09
CA VAL N 53 -23.23 26.75 2.91
C VAL N 53 -24.32 25.72 2.70
N ASP N 54 -24.61 24.94 3.73
CA ASP N 54 -25.49 23.79 3.59
C ASP N 54 -26.94 24.15 3.81
N THR N 55 -27.27 24.66 4.99
CA THR N 55 -28.66 24.98 5.29
C THR N 55 -28.76 26.37 5.91
N GLY N 56 -29.95 26.94 5.79
CA GLY N 56 -30.27 28.25 6.30
C GLY N 56 -30.82 29.11 5.19
N THR N 57 -30.89 30.41 5.46
CA THR N 57 -31.32 31.39 4.48
C THR N 57 -30.38 32.57 4.49
N GLY N 58 -30.35 33.30 3.39
CA GLY N 58 -29.54 34.49 3.30
C GLY N 58 -28.07 34.16 3.15
N PRO N 59 -27.33 35.04 2.49
CA PRO N 59 -25.93 34.75 2.20
C PRO N 59 -25.07 34.77 3.46
N VAL N 60 -23.97 34.05 3.39
CA VAL N 60 -22.97 34.01 4.46
C VAL N 60 -21.71 34.67 3.94
N THR N 61 -21.12 35.54 4.74
CA THR N 61 -19.95 36.32 4.35
C THR N 61 -18.72 35.85 5.11
N ILE N 62 -17.67 35.50 4.37
CA ILE N 62 -16.40 35.07 4.94
C ILE N 62 -15.37 36.14 4.68
N VAL N 63 -14.61 36.50 5.72
CA VAL N 63 -13.62 37.57 5.64
C VAL N 63 -12.30 37.09 6.21
N PHE N 64 -11.22 37.31 5.48
CA PHE N 64 -9.86 37.03 5.94
C PHE N 64 -9.23 38.31 6.42
N TYR N 65 -8.64 38.29 7.61
CA TYR N 65 -8.07 39.47 8.25
C TYR N 65 -6.59 39.28 8.49
N SER N 66 -5.83 40.31 8.14
CA SER N 66 -4.40 40.37 8.41
C SER N 66 -4.17 41.47 9.44
N GLY N 67 -3.81 41.07 10.66
CA GLY N 67 -3.60 42.03 11.71
C GLY N 67 -4.80 42.14 12.64
N GLY N 68 -5.37 41.01 13.01
CA GLY N 68 -6.51 40.98 13.90
C GLY N 68 -7.80 41.30 13.18
N VAL N 69 -8.90 41.17 13.93
CA VAL N 69 -10.21 41.41 13.35
C VAL N 69 -10.36 42.87 12.94
N THR N 70 -9.76 43.78 13.71
CA THR N 70 -9.73 45.19 13.35
C THR N 70 -8.46 45.49 12.57
N GLY N 71 -8.26 44.71 11.52
CA GLY N 71 -7.08 44.84 10.69
C GLY N 71 -7.42 45.24 9.28
N THR N 72 -7.01 44.44 8.31
CA THR N 72 -7.25 44.75 6.90
C THR N 72 -7.89 43.55 6.25
N ALA N 73 -9.05 43.75 5.63
CA ALA N 73 -9.75 42.65 4.97
C ALA N 73 -9.08 42.30 3.66
N VAL N 74 -8.08 41.40 3.71
CA VAL N 74 -7.37 41.03 2.50
C VAL N 74 -8.26 40.28 1.52
N GLU N 75 -9.34 39.65 1.99
CA GLU N 75 -10.24 38.91 1.13
C GLU N 75 -11.63 38.84 1.76
N THR N 76 -12.66 38.88 0.92
CA THR N 76 -14.04 38.80 1.37
C THR N 76 -14.88 38.13 0.29
N ILE N 77 -15.65 37.11 0.68
CA ILE N 77 -16.49 36.37 -0.25
C ILE N 77 -17.88 36.23 0.34
N VAL N 78 -18.90 36.35 -0.51
CA VAL N 78 -20.29 36.19 -0.10
C VAL N 78 -20.86 34.98 -0.83
N VAL N 79 -21.39 34.02 -0.07
CA VAL N 79 -21.81 32.73 -0.61
C VAL N 79 -23.30 32.56 -0.33
N ALA N 80 -24.05 32.18 -1.36
CA ALA N 80 -25.48 31.92 -1.21
C ALA N 80 -25.70 30.51 -0.67
N THR N 81 -26.92 30.26 -0.22
CA THR N 81 -27.27 28.97 0.37
C THR N 81 -27.41 27.92 -0.73
N GLY N 82 -26.84 26.75 -0.50
CA GLY N 82 -26.89 25.69 -1.47
C GLY N 82 -25.76 25.70 -2.49
N SER N 83 -24.79 26.60 -2.34
CA SER N 83 -23.66 26.70 -3.25
C SER N 83 -22.37 26.76 -2.44
N SER N 84 -21.25 26.83 -3.14
CA SER N 84 -19.93 26.79 -2.51
C SER N 84 -19.03 27.83 -3.15
N ALA N 85 -17.89 28.07 -2.52
CA ALA N 85 -16.90 28.97 -3.09
C ALA N 85 -15.52 28.60 -2.59
N SER N 86 -14.52 28.60 -3.47
CA SER N 86 -13.17 28.19 -3.13
C SER N 86 -12.23 29.40 -3.13
N PHE N 87 -11.02 29.18 -2.63
CA PHE N 87 -10.08 30.28 -2.47
C PHE N 87 -8.66 29.76 -2.25
N THR N 88 -7.70 30.66 -2.45
CA THR N 88 -6.33 30.51 -1.94
C THR N 88 -5.81 31.89 -1.57
N VAL N 89 -5.18 31.98 -0.40
CA VAL N 89 -4.83 33.25 0.22
C VAL N 89 -3.50 33.11 0.96
N ARG N 90 -2.75 34.21 1.03
CA ARG N 90 -1.53 34.26 1.81
C ARG N 90 -1.56 35.48 2.73
N ARG N 91 -0.68 35.46 3.73
CA ARG N 91 -0.59 36.50 4.76
C ARG N 91 -1.96 36.93 5.27
N PHE N 92 -2.58 36.04 6.05
CA PHE N 92 -3.77 36.37 6.80
C PHE N 92 -3.60 35.88 8.23
N ASP N 93 -4.35 36.50 9.14
CA ASP N 93 -4.20 36.22 10.56
C ASP N 93 -5.42 35.53 11.15
N THR N 94 -6.62 35.96 10.79
CA THR N 94 -7.83 35.31 11.28
C THR N 94 -8.82 35.19 10.13
N VAL N 95 -9.84 34.36 10.34
CA VAL N 95 -10.96 34.24 9.42
C VAL N 95 -12.24 34.33 10.21
N THR N 96 -13.21 35.10 9.72
CA THR N 96 -14.50 35.24 10.39
C THR N 96 -15.63 34.98 9.42
N ILE N 97 -16.72 34.44 9.96
CA ILE N 97 -17.94 34.21 9.21
C ILE N 97 -19.08 34.99 9.83
N LEU N 98 -19.94 35.50 8.95
CA LEU N 98 -21.11 36.30 9.36
C LEU N 98 -22.32 35.78 8.62
N GLY N 99 -23.41 35.55 9.36
CA GLY N 99 -24.64 35.06 8.78
C GLY N 99 -25.86 35.75 9.38
N THR N 100 -26.99 35.53 8.73
CA THR N 100 -28.26 36.04 9.21
C THR N 100 -28.62 35.36 10.53
N ALA N 101 -29.54 35.95 11.28
CA ALA N 101 -29.98 35.36 12.54
C ALA N 101 -30.97 34.22 12.30
N ALA N 102 -30.59 33.31 11.42
CA ALA N 102 -31.34 32.10 11.14
C ALA N 102 -30.52 30.85 11.36
N ALA N 103 -29.28 30.99 11.85
CA ALA N 103 -28.40 29.88 12.18
C ALA N 103 -28.17 28.98 10.97
N GLU N 104 -27.59 29.56 9.93
CA GLU N 104 -27.12 28.76 8.81
C GLU N 104 -26.00 27.85 9.28
N THR N 105 -25.84 26.72 8.60
CA THR N 105 -24.76 25.81 8.94
C THR N 105 -24.16 25.22 7.67
N GLY N 106 -22.90 24.82 7.80
CA GLY N 106 -22.17 24.31 6.66
C GLY N 106 -20.83 23.75 7.05
N GLU N 107 -19.96 23.59 6.05
CA GLU N 107 -18.65 22.99 6.22
C GLU N 107 -17.54 23.98 5.91
N PHE N 108 -16.31 23.60 6.26
CA PHE N 108 -15.15 24.45 5.98
C PHE N 108 -13.90 23.58 5.95
N CYS N 109 -13.24 23.52 4.81
CA CYS N 109 -12.05 22.71 4.60
C CYS N 109 -10.90 23.59 4.15
N MET N 110 -9.69 23.32 4.65
CA MET N 110 -8.55 24.14 4.30
C MET N 110 -7.25 23.36 4.43
N THR N 111 -6.39 23.47 3.41
CA THR N 111 -5.04 22.94 3.45
C THR N 111 -4.06 24.09 3.57
N ILE N 112 -3.05 23.91 4.41
CA ILE N 112 -2.15 24.98 4.84
C ILE N 112 -0.73 24.60 4.53
N ARG N 113 0.02 25.50 3.89
CA ARG N 113 1.42 25.28 3.60
C ARG N 113 2.27 26.26 4.39
N TYR N 114 3.32 25.76 5.02
CA TYR N 114 4.29 26.66 5.62
C TYR N 114 5.68 26.07 5.49
N THR N 115 6.63 26.93 5.17
CA THR N 115 8.01 26.55 4.87
C THR N 115 8.92 26.67 6.07
N LEU N 116 8.53 26.11 7.21
CA LEU N 116 9.38 26.18 8.40
C LEU N 116 9.87 24.82 8.85
N SER N 117 8.97 23.90 9.16
CA SER N 117 9.34 22.60 9.65
C SER N 117 8.15 21.67 9.64
N THR O 6 29.40 27.24 -7.27
CA THR O 6 30.19 26.71 -6.16
C THR O 6 30.85 27.84 -5.36
N ASN O 7 30.25 29.03 -5.43
CA ASN O 7 30.72 30.19 -4.69
C ASN O 7 29.73 30.51 -3.59
N LEU O 8 30.23 30.70 -2.38
CA LEU O 8 29.35 30.95 -1.24
C LEU O 8 28.66 32.29 -1.40
N SER O 9 27.37 32.32 -1.09
CA SER O 9 26.56 33.52 -1.21
C SER O 9 25.51 33.50 -0.12
N CYS O 10 25.33 34.63 0.55
CA CYS O 10 24.40 34.73 1.68
C CYS O 10 23.14 35.39 1.14
N CYS O 11 22.35 34.61 0.39
CA CYS O 11 21.16 35.09 -0.30
C CYS O 11 19.95 34.39 0.29
N ALA O 12 19.11 35.15 1.00
CA ALA O 12 17.99 34.56 1.72
C ALA O 12 16.86 34.18 0.78
N ASN O 13 16.32 35.15 0.05
CA ASN O 13 15.28 34.85 -0.93
C ASN O 13 15.91 34.14 -2.11
N GLY O 14 16.42 32.94 -1.88
CA GLY O 14 17.22 32.25 -2.87
C GLY O 14 16.41 31.34 -3.76
N GLN O 15 16.67 30.04 -3.68
CA GLN O 15 15.97 29.08 -4.51
C GLN O 15 14.48 29.09 -4.20
N LYS O 16 13.67 28.99 -5.25
CA LYS O 16 12.23 29.01 -5.13
C LYS O 16 11.67 27.73 -5.73
N THR O 17 10.77 27.09 -5.01
CA THR O 17 10.14 25.85 -5.46
C THR O 17 8.73 26.15 -5.95
N ILE O 18 8.25 25.25 -6.81
CA ILE O 18 6.91 25.35 -7.39
C ILE O 18 6.02 24.34 -6.71
N VAL O 19 4.84 24.78 -6.28
CA VAL O 19 3.92 23.90 -5.56
C VAL O 19 2.56 23.94 -6.25
N GLN O 20 1.78 22.90 -6.00
CA GLN O 20 0.50 22.69 -6.66
C GLN O 20 -0.57 22.32 -5.63
N ASP O 21 -1.77 22.87 -5.84
CA ASP O 21 -2.93 22.63 -4.99
C ASP O 21 -4.10 22.24 -5.89
N LYS O 22 -5.19 21.79 -5.27
CA LYS O 22 -6.36 21.36 -6.02
C LYS O 22 -7.62 21.67 -5.24
N VAL O 23 -8.68 22.06 -5.95
CA VAL O 23 -9.97 22.33 -5.32
C VAL O 23 -11.09 21.81 -6.20
N CYS O 24 -12.18 21.39 -5.55
CA CYS O 24 -13.34 20.80 -6.21
C CYS O 24 -14.56 21.37 -5.51
N ILE O 25 -15.55 21.86 -6.24
CA ILE O 25 -16.79 22.30 -5.63
C ILE O 25 -17.97 21.97 -6.53
N ASP O 26 -19.16 22.04 -5.93
CA ASP O 26 -20.43 21.97 -6.63
C ASP O 26 -21.12 23.33 -6.49
N TRP O 27 -21.65 23.83 -7.60
CA TRP O 27 -22.20 25.17 -7.64
C TRP O 27 -23.62 25.18 -8.17
N THR O 28 -24.38 26.17 -7.71
CA THR O 28 -25.71 26.48 -8.20
C THR O 28 -25.72 27.94 -8.64
N ALA O 29 -26.23 28.19 -9.84
CA ALA O 29 -26.13 29.50 -10.46
C ALA O 29 -27.47 30.23 -10.45
N ALA O 30 -27.48 31.46 -9.97
CA ALA O 30 -28.64 32.31 -10.05
C ALA O 30 -28.55 33.20 -11.28
N ALA O 31 -29.50 34.12 -11.44
CA ALA O 31 -29.45 35.05 -12.56
C ALA O 31 -28.74 36.34 -12.20
N THR O 32 -27.58 36.23 -11.56
CA THR O 32 -26.66 37.32 -11.30
C THR O 32 -25.26 36.73 -11.24
N ALA O 33 -24.26 37.57 -11.45
CA ALA O 33 -22.88 37.09 -11.38
C ALA O 33 -22.58 36.64 -9.95
N ALA O 34 -22.04 35.45 -9.81
CA ALA O 34 -21.73 34.88 -8.51
C ALA O 34 -20.25 34.54 -8.45
N ILE O 35 -19.59 34.95 -7.37
CA ILE O 35 -18.17 34.66 -7.20
C ILE O 35 -18.00 33.18 -6.87
N ILE O 36 -17.15 32.50 -7.64
CA ILE O 36 -16.91 31.08 -7.46
C ILE O 36 -15.49 30.79 -7.02
N TYR O 37 -14.58 31.75 -7.12
CA TYR O 37 -13.19 31.58 -6.74
C TYR O 37 -12.54 32.95 -6.61
N ALA O 38 -11.63 33.08 -5.65
CA ALA O 38 -10.97 34.35 -5.42
C ALA O 38 -9.63 34.11 -4.73
N ASP O 39 -8.66 34.98 -5.02
CA ASP O 39 -7.33 34.86 -4.43
C ASP O 39 -6.74 36.25 -4.26
N ASN O 40 -5.51 36.29 -3.76
CA ASN O 40 -4.75 37.52 -3.72
C ASN O 40 -3.34 37.35 -4.24
N ILE O 41 -2.97 36.16 -4.73
CA ILE O 41 -1.69 35.97 -5.38
C ILE O 41 -1.88 36.11 -6.88
N SER O 42 -2.15 37.32 -7.34
CA SER O 42 -2.55 37.49 -8.73
C SER O 42 -1.38 37.48 -9.70
N GLN O 43 -0.19 37.82 -9.24
CA GLN O 43 0.94 38.01 -10.15
C GLN O 43 1.53 36.69 -10.64
N ASP O 44 1.57 35.67 -9.78
CA ASP O 44 2.14 34.38 -10.17
C ASP O 44 1.15 33.29 -9.83
N ILE O 45 0.26 32.97 -10.76
CA ILE O 45 -0.67 31.88 -10.58
C ILE O 45 -1.00 31.30 -11.94
N TYR O 46 -1.02 29.97 -12.01
CA TYR O 46 -1.37 29.24 -13.22
C TYR O 46 -2.39 28.20 -12.82
N ALA O 47 -3.54 28.20 -13.48
CA ALA O 47 -4.62 27.31 -13.10
C ALA O 47 -5.17 26.58 -14.30
N SER O 48 -5.37 25.27 -14.15
CA SER O 48 -5.98 24.44 -15.17
C SER O 48 -7.19 23.73 -14.57
N GLY O 49 -8.18 23.46 -15.41
CA GLY O 49 -9.35 22.76 -14.90
C GLY O 49 -10.46 22.67 -15.92
N TYR O 50 -11.65 22.33 -15.42
CA TYR O 50 -12.83 22.21 -16.26
C TYR O 50 -14.06 22.72 -15.52
N LEU O 51 -15.09 23.04 -16.29
CA LEU O 51 -16.41 23.35 -15.75
C LEU O 51 -17.42 22.46 -16.45
N LYS O 52 -18.27 21.81 -15.67
CA LYS O 52 -19.31 20.92 -16.17
C LYS O 52 -20.66 21.44 -15.73
N VAL O 53 -21.57 21.63 -16.68
CA VAL O 53 -22.93 22.07 -16.40
C VAL O 53 -23.80 20.83 -16.39
N ASP O 54 -24.31 20.49 -15.21
CA ASP O 54 -25.00 19.21 -15.03
C ASP O 54 -26.48 19.33 -15.33
N THR O 55 -27.20 20.18 -14.62
CA THR O 55 -28.64 20.29 -14.82
C THR O 55 -29.04 21.75 -14.93
N GLY O 56 -30.18 21.97 -15.57
CA GLY O 56 -30.76 23.27 -15.79
C GLY O 56 -31.03 23.48 -17.25
N THR O 57 -31.28 24.73 -17.61
CA THR O 57 -31.49 25.11 -18.99
C THR O 57 -30.70 26.37 -19.29
N GLY O 58 -30.41 26.59 -20.56
CA GLY O 58 -29.71 27.78 -20.98
C GLY O 58 -28.24 27.73 -20.62
N PRO O 59 -27.42 28.41 -21.41
CA PRO O 59 -25.98 28.34 -21.20
C PRO O 59 -25.55 29.03 -19.93
N VAL O 60 -24.41 28.60 -19.40
CA VAL O 60 -23.79 29.21 -18.23
C VAL O 60 -22.49 29.86 -18.68
N THR O 61 -22.25 31.08 -18.24
CA THR O 61 -21.10 31.87 -18.66
C THR O 61 -20.12 32.01 -17.50
N ILE O 62 -18.87 31.62 -17.74
CA ILE O 62 -17.79 31.73 -16.76
C ILE O 62 -16.83 32.81 -17.23
N VAL O 63 -16.45 33.70 -16.32
CA VAL O 63 -15.58 34.83 -16.63
C VAL O 63 -14.46 34.91 -15.61
N PHE O 64 -13.23 35.03 -16.09
CA PHE O 64 -12.06 35.26 -15.26
C PHE O 64 -11.71 36.74 -15.26
N TYR O 65 -11.52 37.32 -14.08
CA TYR O 65 -11.28 38.74 -13.93
C TYR O 65 -9.92 38.98 -13.29
N SER O 66 -9.18 39.93 -13.87
CA SER O 66 -7.92 40.40 -13.33
C SER O 66 -8.12 41.83 -12.87
N GLY O 67 -8.09 42.04 -11.56
CA GLY O 67 -8.30 43.36 -11.03
C GLY O 67 -9.73 43.58 -10.55
N GLY O 68 -10.28 42.60 -9.86
CA GLY O 68 -11.63 42.70 -9.35
C GLY O 68 -12.66 42.41 -10.41
N VAL O 69 -13.92 42.37 -9.96
CA VAL O 69 -15.02 42.07 -10.87
C VAL O 69 -15.17 43.18 -11.91
N THR O 70 -14.91 44.42 -11.51
CA THR O 70 -14.91 45.55 -12.44
C THR O 70 -13.48 45.76 -12.96
N GLY O 71 -12.90 44.68 -13.47
CA GLY O 71 -11.55 44.72 -13.96
C GLY O 71 -11.48 44.44 -15.45
N THR O 72 -10.73 43.42 -15.84
CA THR O 72 -10.56 43.09 -17.25
C THR O 72 -10.86 41.61 -17.43
N ALA O 73 -11.79 41.30 -18.32
CA ALA O 73 -12.17 39.91 -18.57
C ALA O 73 -11.10 39.21 -19.39
N VAL O 74 -10.10 38.64 -18.71
CA VAL O 74 -9.02 37.97 -19.42
C VAL O 74 -9.50 36.72 -20.14
N GLU O 75 -10.61 36.12 -19.71
CA GLU O 75 -11.14 34.92 -20.33
C GLU O 75 -12.64 34.83 -20.08
N THR O 76 -13.37 34.30 -21.06
CA THR O 76 -14.81 34.13 -20.96
C THR O 76 -15.22 32.92 -21.79
N ILE O 77 -15.98 32.00 -21.18
CA ILE O 77 -16.43 30.79 -21.85
C ILE O 77 -17.92 30.61 -21.60
N VAL O 78 -18.64 30.16 -22.62
CA VAL O 78 -20.07 29.89 -22.53
C VAL O 78 -20.28 28.39 -22.75
N VAL O 79 -20.92 27.74 -21.79
CA VAL O 79 -21.05 26.27 -21.78
C VAL O 79 -22.53 25.92 -21.80
N ALA O 80 -22.90 25.02 -22.71
CA ALA O 80 -24.27 24.54 -22.79
C ALA O 80 -24.52 23.46 -21.75
N THR O 81 -25.80 23.16 -21.53
CA THR O 81 -26.19 22.16 -20.54
C THR O 81 -25.90 20.76 -21.05
N GLY O 82 -25.32 19.93 -20.19
CA GLY O 82 -24.97 18.58 -20.57
C GLY O 82 -23.61 18.43 -21.19
N SER O 83 -22.81 19.49 -21.25
CA SER O 83 -21.47 19.45 -21.81
C SER O 83 -20.49 20.11 -20.84
N SER O 84 -19.21 20.12 -21.21
CA SER O 84 -18.16 20.62 -20.35
C SER O 84 -17.20 21.48 -21.15
N ALA O 85 -16.32 22.19 -20.45
CA ALA O 85 -15.30 22.97 -21.11
C ALA O 85 -14.11 23.14 -20.18
N SER O 86 -12.89 22.99 -20.72
CA SER O 86 -11.67 23.05 -19.94
C SER O 86 -10.89 24.32 -20.25
N PHE O 87 -9.87 24.58 -19.44
CA PHE O 87 -9.12 25.83 -19.57
C PHE O 87 -7.80 25.75 -18.82
N THR O 88 -6.90 26.67 -19.16
CA THR O 88 -5.75 27.03 -18.34
C THR O 88 -5.50 28.53 -18.51
N VAL O 89 -5.25 29.21 -17.40
CA VAL O 89 -5.23 30.66 -17.34
C VAL O 89 -4.17 31.12 -16.34
N ARG O 90 -3.58 32.29 -16.59
CA ARG O 90 -2.65 32.90 -15.64
C ARG O 90 -3.06 34.35 -15.40
N ARG O 91 -2.54 34.92 -14.32
CA ARG O 91 -2.85 36.28 -13.88
C ARG O 91 -4.35 36.57 -13.95
N PHE O 92 -5.08 35.97 -13.02
CA PHE O 92 -6.48 36.31 -12.79
C PHE O 92 -6.71 36.48 -11.30
N ASP O 93 -7.74 37.24 -10.96
CA ASP O 93 -8.00 37.60 -9.58
C ASP O 93 -9.27 36.97 -9.04
N THR O 94 -10.34 36.94 -9.82
CA THR O 94 -11.59 36.31 -9.40
C THR O 94 -12.17 35.53 -10.56
N VAL O 95 -13.13 34.66 -10.25
CA VAL O 95 -13.90 33.94 -11.26
C VAL O 95 -15.37 34.08 -10.91
N THR O 96 -16.20 34.36 -11.90
CA THR O 96 -17.63 34.48 -11.67
C THR O 96 -18.40 33.62 -12.67
N ILE O 97 -19.55 33.13 -12.22
CA ILE O 97 -20.45 32.36 -13.05
C ILE O 97 -21.80 33.07 -13.12
N LEU O 98 -22.41 32.99 -14.30
CA LEU O 98 -23.69 33.62 -14.58
C LEU O 98 -24.59 32.60 -15.27
N GLY O 99 -25.82 32.46 -14.78
CA GLY O 99 -26.77 31.53 -15.35
C GLY O 99 -28.17 32.13 -15.42
N THR O 100 -29.03 31.42 -16.15
CA THR O 100 -30.43 31.80 -16.26
C THR O 100 -31.10 31.66 -14.89
N ALA O 101 -32.26 32.29 -14.72
CA ALA O 101 -33.00 32.17 -13.47
C ALA O 101 -33.76 30.86 -13.40
N ALA O 102 -33.05 29.77 -13.68
CA ALA O 102 -33.58 28.43 -13.56
C ALA O 102 -32.74 27.57 -12.61
N ALA O 103 -31.74 28.15 -11.98
CA ALA O 103 -30.90 27.49 -10.98
C ALA O 103 -30.23 26.24 -11.57
N GLU O 104 -29.42 26.47 -12.59
CA GLU O 104 -28.57 25.40 -13.09
C GLU O 104 -27.56 25.01 -12.02
N THR O 105 -27.11 23.77 -12.08
CA THR O 105 -26.10 23.33 -11.13
C THR O 105 -25.10 22.42 -11.82
N GLY O 106 -23.91 22.37 -11.24
CA GLY O 106 -22.82 21.61 -11.83
C GLY O 106 -21.62 21.55 -10.93
N GLU O 107 -20.48 21.21 -11.51
CA GLU O 107 -19.23 21.01 -10.80
C GLU O 107 -18.17 22.01 -11.26
N PHE O 108 -17.07 22.07 -10.51
CA PHE O 108 -15.96 22.96 -10.84
C PHE O 108 -14.70 22.43 -10.19
N CYS O 109 -13.72 22.06 -11.00
CA CYS O 109 -12.45 21.51 -10.54
C CYS O 109 -11.30 22.35 -11.05
N MET O 110 -10.28 22.56 -10.22
CA MET O 110 -9.17 23.40 -10.62
C MET O 110 -7.91 23.04 -9.86
N THR O 111 -6.80 22.90 -10.59
CA THR O 111 -5.48 22.73 -10.02
C THR O 111 -4.67 24.01 -10.20
N ILE O 112 -3.95 24.40 -9.15
CA ILE O 112 -3.34 25.72 -9.05
C ILE O 112 -1.85 25.55 -8.81
N ARG O 113 -1.04 26.25 -9.59
CA ARG O 113 0.41 26.24 -9.43
C ARG O 113 0.89 27.61 -8.98
N TYR O 114 1.75 27.63 -7.96
CA TYR O 114 2.39 28.89 -7.62
C TYR O 114 3.81 28.60 -7.15
N THR O 115 4.74 29.45 -7.59
CA THR O 115 6.17 29.27 -7.36
C THR O 115 6.66 30.06 -6.16
N LEU O 116 6.00 29.93 -5.01
CA LEU O 116 6.44 30.65 -3.83
C LEU O 116 6.89 29.72 -2.72
N SER O 117 6.02 28.84 -2.25
CA SER O 117 6.34 27.96 -1.15
C SER O 117 5.30 26.87 -1.03
N THR P 6 30.21 29.72 -13.18
CA THR P 6 30.66 29.88 -11.81
C THR P 6 30.94 31.34 -11.48
N ASN P 7 30.28 32.24 -12.22
CA ASN P 7 30.40 33.68 -12.02
C ASN P 7 29.09 34.20 -11.46
N LEU P 8 29.18 34.96 -10.37
CA LEU P 8 27.97 35.46 -9.73
C LEU P 8 27.24 36.44 -10.63
N SER P 9 25.92 36.30 -10.68
CA SER P 9 25.08 37.14 -11.53
C SER P 9 23.76 37.35 -10.83
N CYS P 10 23.28 38.58 -10.82
CA CYS P 10 22.04 38.93 -10.11
C CYS P 10 20.94 39.01 -11.18
N CYS P 11 20.51 37.84 -11.64
CA CYS P 11 19.55 37.72 -12.74
C CYS P 11 18.29 37.08 -12.20
N ALA P 12 17.21 37.86 -12.14
CA ALA P 12 15.96 37.40 -11.52
C ALA P 12 15.22 36.42 -12.41
N ASN P 13 14.85 36.86 -13.62
CA ASN P 13 14.20 35.97 -14.56
C ASN P 13 15.22 34.98 -15.10
N GLY P 14 15.75 34.13 -14.23
CA GLY P 14 16.87 33.29 -14.57
C GLY P 14 16.46 31.94 -15.12
N GLN P 15 16.80 30.88 -14.39
CA GLN P 15 16.48 29.53 -14.83
C GLN P 15 14.97 29.34 -14.93
N LYS P 16 14.54 28.66 -15.97
CA LYS P 16 13.13 28.40 -16.21
C LYS P 16 12.90 26.89 -16.27
N THR P 17 11.89 26.43 -15.57
CA THR P 17 11.54 25.02 -15.55
C THR P 17 10.34 24.75 -16.43
N ILE P 18 10.22 23.52 -16.88
CA ILE P 18 9.13 23.07 -17.73
C ILE P 18 8.17 22.26 -16.89
N VAL P 19 6.87 22.56 -17.00
CA VAL P 19 5.86 21.88 -16.21
C VAL P 19 4.78 21.34 -17.14
N GLN P 20 4.06 20.34 -16.63
CA GLN P 20 3.06 19.60 -17.40
C GLN P 20 1.78 19.47 -16.61
N ASP P 21 0.66 19.61 -17.31
CA ASP P 21 -0.68 19.49 -16.76
C ASP P 21 -1.49 18.53 -17.62
N LYS P 22 -2.66 18.14 -17.14
CA LYS P 22 -3.49 17.19 -17.87
C LYS P 22 -4.96 17.52 -17.64
N VAL P 23 -5.78 17.34 -18.68
CA VAL P 23 -7.22 17.56 -18.57
C VAL P 23 -7.95 16.48 -19.35
N CYS P 24 -9.15 16.14 -18.85
CA CYS P 24 -10.00 15.10 -19.42
C CYS P 24 -11.42 15.63 -19.36
N ILE P 25 -12.17 15.53 -20.46
CA ILE P 25 -13.58 15.91 -20.43
C ILE P 25 -14.39 14.99 -21.32
N ASP P 26 -15.70 15.04 -21.12
CA ASP P 26 -16.68 14.42 -22.00
C ASP P 26 -17.50 15.51 -22.67
N TRP P 27 -17.72 15.38 -23.97
CA TRP P 27 -18.34 16.45 -24.74
C TRP P 27 -19.52 15.91 -25.53
N THR P 28 -20.47 16.82 -25.77
CA THR P 28 -21.61 16.60 -26.65
C THR P 28 -21.62 17.70 -27.70
N ALA P 29 -21.75 17.33 -28.96
CA ALA P 29 -21.58 18.25 -30.07
C ALA P 29 -22.92 18.59 -30.71
N ALA P 30 -23.18 19.88 -30.87
CA ALA P 30 -24.34 20.36 -31.60
C ALA P 30 -23.95 20.66 -33.04
N ALA P 31 -24.89 21.20 -33.81
CA ALA P 31 -24.57 21.57 -35.19
C ALA P 31 -24.12 23.00 -35.31
N THR P 32 -23.22 23.42 -34.44
CA THR P 32 -22.53 24.70 -34.48
C THR P 32 -21.17 24.50 -33.84
N ALA P 33 -20.23 25.38 -34.17
CA ALA P 33 -18.91 25.29 -33.56
C ALA P 33 -19.03 25.55 -32.06
N ALA P 34 -18.45 24.66 -31.27
CA ALA P 34 -18.50 24.77 -29.81
C ALA P 34 -17.09 24.81 -29.26
N ILE P 35 -16.83 25.76 -28.37
CA ILE P 35 -15.51 25.89 -27.74
C ILE P 35 -15.31 24.76 -26.75
N ILE P 36 -14.22 24.02 -26.90
CA ILE P 36 -13.92 22.89 -26.05
C ILE P 36 -12.68 23.13 -25.18
N TYR P 37 -11.88 24.14 -25.51
CA TYR P 37 -10.67 24.45 -24.77
C TYR P 37 -10.22 25.86 -25.13
N ALA P 38 -9.66 26.57 -24.15
CA ALA P 38 -9.21 27.93 -24.37
C ALA P 38 -8.14 28.29 -23.37
N ASP P 39 -7.21 29.15 -23.78
CA ASP P 39 -6.13 29.58 -22.91
C ASP P 39 -5.74 31.01 -23.26
N ASN P 40 -4.74 31.52 -22.55
CA ASN P 40 -4.14 32.80 -22.90
C ASN P 40 -2.63 32.73 -22.94
N ILE P 41 -2.03 31.56 -22.73
CA ILE P 41 -0.60 31.41 -22.89
C ILE P 41 -0.32 30.88 -24.29
N SER P 42 -0.55 31.70 -25.31
CA SER P 42 -0.52 31.19 -26.67
C SER P 42 0.89 31.03 -27.21
N GLN P 43 1.86 31.78 -26.70
CA GLN P 43 3.18 31.82 -27.30
C GLN P 43 4.01 30.58 -26.98
N ASP P 44 3.88 30.04 -25.77
CA ASP P 44 4.66 28.87 -25.37
C ASP P 44 3.71 27.82 -24.80
N ILE P 45 3.19 26.97 -25.68
CA ILE P 45 2.34 25.88 -25.24
C ILE P 45 2.51 24.73 -26.23
N TYR P 46 2.63 23.52 -25.68
CA TYR P 46 2.74 22.30 -26.47
C TYR P 46 1.75 21.31 -25.89
N ALA P 47 0.87 20.79 -26.73
CA ALA P 47 -0.20 19.93 -26.25
C ALA P 47 -0.27 18.66 -27.08
N SER P 48 -0.40 17.52 -26.40
CA SER P 48 -0.59 16.24 -27.03
C SER P 48 -1.85 15.59 -26.48
N GLY P 49 -2.52 14.79 -27.30
CA GLY P 49 -3.70 14.12 -26.83
C GLY P 49 -4.44 13.38 -27.92
N TYR P 50 -5.69 13.03 -27.62
CA TYR P 50 -6.54 12.32 -28.58
C TYR P 50 -7.97 12.81 -28.46
N LEU P 51 -8.75 12.55 -29.49
CA LEU P 51 -10.18 12.75 -29.50
C LEU P 51 -10.84 11.46 -29.93
N LYS P 52 -11.84 11.02 -29.16
CA LYS P 52 -12.58 9.80 -29.43
C LYS P 52 -14.05 10.14 -29.62
N VAL P 53 -14.62 9.72 -30.73
CA VAL P 53 -16.04 9.92 -31.01
C VAL P 53 -16.76 8.64 -30.63
N ASP P 54 -17.57 8.71 -29.59
CA ASP P 54 -18.17 7.52 -29.01
C ASP P 54 -19.49 7.16 -29.68
N THR P 55 -20.46 8.06 -29.63
CA THR P 55 -21.77 7.76 -30.19
C THR P 55 -22.26 8.92 -31.04
N GLY P 56 -23.16 8.60 -31.95
CA GLY P 56 -23.76 9.54 -32.88
C GLY P 56 -23.57 9.06 -34.29
N THR P 57 -23.82 9.96 -35.24
CA THR P 57 -23.62 9.67 -36.64
C THR P 57 -22.90 10.85 -37.29
N GLY P 58 -22.24 10.58 -38.41
CA GLY P 58 -21.57 11.62 -39.14
C GLY P 58 -20.28 12.04 -38.47
N PRO P 59 -19.32 12.49 -39.26
CA PRO P 59 -18.01 12.83 -38.72
C PRO P 59 -18.07 14.07 -37.83
N VAL P 60 -17.11 14.15 -36.92
CA VAL P 60 -16.93 15.30 -36.04
C VAL P 60 -15.62 15.97 -36.42
N THR P 61 -15.65 17.30 -36.55
CA THR P 61 -14.50 18.06 -36.98
C THR P 61 -13.94 18.89 -35.83
N ILE P 62 -12.64 18.71 -35.56
CA ILE P 62 -11.93 19.45 -34.52
C ILE P 62 -10.98 20.42 -35.19
N VAL P 63 -10.98 21.67 -34.72
CA VAL P 63 -10.17 22.73 -35.31
C VAL P 63 -9.43 23.46 -34.20
N PHE P 64 -8.12 23.65 -34.38
CA PHE P 64 -7.29 24.45 -33.49
C PHE P 64 -7.10 25.83 -34.09
N TYR P 65 -7.33 26.87 -33.29
CA TYR P 65 -7.28 28.24 -33.76
C TYR P 65 -6.22 29.02 -33.01
N SER P 66 -5.42 29.77 -33.76
CA SER P 66 -4.43 30.69 -33.20
C SER P 66 -4.89 32.11 -33.51
N GLY P 67 -5.30 32.84 -32.48
CA GLY P 67 -5.78 34.18 -32.68
C GLY P 67 -7.30 34.25 -32.72
N GLY P 68 -7.94 33.55 -31.79
CA GLY P 68 -9.38 33.56 -31.72
C GLY P 68 -10.02 32.64 -32.74
N VAL P 69 -11.34 32.52 -32.64
CA VAL P 69 -12.07 31.64 -33.54
C VAL P 69 -11.99 32.15 -34.97
N THR P 70 -11.98 33.48 -35.14
CA THR P 70 -11.79 34.08 -36.46
C THR P 70 -10.30 34.37 -36.65
N GLY P 71 -9.50 33.33 -36.46
CA GLY P 71 -8.07 33.46 -36.59
C GLY P 71 -7.53 32.62 -37.72
N THR P 72 -6.60 31.72 -37.40
CA THR P 72 -5.97 30.88 -38.42
C THR P 72 -6.07 29.43 -37.97
N ALA P 73 -6.64 28.58 -38.81
CA ALA P 73 -6.79 27.17 -38.48
C ALA P 73 -5.47 26.46 -38.61
N VAL P 74 -4.68 26.45 -37.54
CA VAL P 74 -3.38 25.80 -37.59
C VAL P 74 -3.50 24.28 -37.74
N GLU P 75 -4.62 23.70 -37.37
CA GLU P 75 -4.83 22.26 -37.48
C GLU P 75 -6.31 21.96 -37.57
N THR P 76 -6.65 20.93 -38.34
CA THR P 76 -8.03 20.49 -38.51
C THR P 76 -8.06 18.99 -38.77
N ILE P 77 -8.88 18.28 -38.00
CA ILE P 77 -8.98 16.82 -38.13
C ILE P 77 -10.46 16.44 -38.19
N VAL P 78 -10.79 15.46 -39.03
CA VAL P 78 -12.15 14.94 -39.16
C VAL P 78 -12.14 13.49 -38.72
N VAL P 79 -12.98 13.16 -37.74
CA VAL P 79 -12.98 11.85 -37.10
C VAL P 79 -14.34 11.19 -37.31
N ALA P 80 -14.33 9.94 -37.76
CA ALA P 80 -15.56 9.20 -37.93
C ALA P 80 -16.02 8.60 -36.60
N THR P 81 -17.28 8.16 -36.57
CA THR P 81 -17.85 7.60 -35.36
C THR P 81 -17.30 6.20 -35.09
N GLY P 82 -16.94 5.95 -33.85
CA GLY P 82 -16.37 4.68 -33.48
C GLY P 82 -14.87 4.59 -33.62
N SER P 83 -14.19 5.67 -33.95
CA SER P 83 -12.75 5.70 -34.10
C SER P 83 -12.18 6.90 -33.34
N SER P 84 -10.86 7.03 -33.36
CA SER P 84 -10.18 8.06 -32.60
C SER P 84 -9.10 8.70 -33.46
N ALA P 85 -8.55 9.81 -32.96
CA ALA P 85 -7.44 10.46 -33.65
C ALA P 85 -6.61 11.25 -32.66
N SER P 86 -5.29 11.16 -32.76
CA SER P 86 -4.39 11.80 -31.83
C SER P 86 -3.66 12.97 -32.49
N PHE P 87 -2.97 13.76 -31.68
CA PHE P 87 -2.34 14.97 -32.18
C PHE P 87 -1.31 15.50 -31.19
N THR P 88 -0.44 16.37 -31.69
CA THR P 88 0.37 17.28 -30.89
C THR P 88 0.53 18.59 -31.64
N VAL P 89 0.35 19.71 -30.95
CA VAL P 89 0.24 21.02 -31.56
C VAL P 89 0.88 22.06 -30.66
N ARG P 90 1.42 23.12 -31.27
CA ARG P 90 1.94 24.25 -30.52
C ARG P 90 1.35 25.54 -31.07
N ARG P 91 1.46 26.61 -30.28
CA ARG P 91 0.90 27.92 -30.61
C ARG P 91 -0.52 27.85 -31.15
N PHE P 92 -1.44 27.52 -30.26
CA PHE P 92 -2.87 27.61 -30.54
C PHE P 92 -3.56 28.32 -29.40
N ASP P 93 -4.71 28.92 -29.69
CA ASP P 93 -5.42 29.75 -28.74
C ASP P 93 -6.74 29.12 -28.28
N THR P 94 -7.51 28.55 -29.20
CA THR P 94 -8.76 27.89 -28.84
C THR P 94 -8.88 26.59 -29.61
N VAL P 95 -9.80 25.74 -29.18
CA VAL P 95 -10.16 24.52 -29.90
C VAL P 95 -11.67 24.46 -30.00
N THR P 96 -12.17 24.13 -31.18
CA THR P 96 -13.61 24.01 -31.39
C THR P 96 -13.95 22.67 -32.02
N ILE P 97 -15.13 22.18 -31.68
CA ILE P 97 -15.67 20.95 -32.25
C ILE P 97 -16.98 21.25 -32.96
N LEU P 98 -17.18 20.56 -34.08
CA LEU P 98 -18.37 20.72 -34.91
C LEU P 98 -18.91 19.35 -35.24
N GLY P 99 -20.22 19.16 -35.06
CA GLY P 99 -20.86 17.89 -35.34
C GLY P 99 -22.21 18.09 -36.00
N THR P 100 -22.74 16.97 -36.51
CA THR P 100 -24.06 16.96 -37.11
C THR P 100 -25.11 17.24 -36.02
N ALA P 101 -26.31 17.62 -36.44
CA ALA P 101 -27.39 17.87 -35.50
C ALA P 101 -28.02 16.56 -35.01
N ALA P 102 -27.16 15.65 -34.59
CA ALA P 102 -27.58 14.38 -33.99
C ALA P 102 -27.00 14.20 -32.60
N ALA P 103 -26.30 15.21 -32.07
CA ALA P 103 -25.76 15.20 -30.72
C ALA P 103 -24.83 14.01 -30.50
N GLU P 104 -23.76 13.96 -31.29
CA GLU P 104 -22.70 13.00 -31.03
C GLU P 104 -22.04 13.32 -29.69
N THR P 105 -21.49 12.29 -29.06
CA THR P 105 -20.79 12.51 -27.81
C THR P 105 -19.55 11.65 -27.74
N GLY P 106 -18.59 12.10 -26.95
CA GLY P 106 -17.31 11.43 -26.86
C GLY P 106 -16.44 12.02 -25.77
N GLU P 107 -15.15 11.71 -25.85
CA GLU P 107 -14.17 12.10 -24.85
C GLU P 107 -13.13 13.03 -25.44
N PHE P 108 -12.32 13.63 -24.57
CA PHE P 108 -11.24 14.52 -25.00
C PHE P 108 -10.20 14.60 -23.90
N CYS P 109 -8.99 14.15 -24.20
CA CYS P 109 -7.88 14.13 -23.25
C CYS P 109 -6.71 14.92 -23.81
N MET P 110 -6.03 15.67 -22.95
CA MET P 110 -4.93 16.50 -23.42
C MET P 110 -3.92 16.76 -22.30
N THR P 111 -2.64 16.58 -22.60
CA THR P 111 -1.55 16.96 -21.71
C THR P 111 -0.85 18.19 -22.26
N ILE P 112 -0.53 19.12 -21.38
CA ILE P 112 -0.09 20.46 -21.74
C ILE P 112 1.26 20.74 -21.11
N ARG P 113 2.20 21.22 -21.91
CA ARG P 113 3.52 21.60 -21.43
C ARG P 113 3.71 23.10 -21.55
N TYR P 114 4.21 23.72 -20.50
CA TYR P 114 4.60 25.12 -20.62
C TYR P 114 5.82 25.36 -19.75
N THR P 115 6.76 26.13 -20.29
CA THR P 115 8.06 26.39 -19.68
C THR P 115 8.08 27.69 -18.89
N LEU P 116 7.12 27.89 -18.00
CA LEU P 116 7.10 29.12 -17.22
C LEU P 116 7.27 28.86 -15.73
N SER P 117 6.38 28.07 -15.14
CA SER P 117 6.43 27.81 -13.71
C SER P 117 5.49 26.67 -13.35
N THR Q 6 32.49 29.79 -18.80
CA THR Q 6 32.49 30.59 -17.59
C THR Q 6 32.51 32.08 -17.91
N ASN Q 7 32.05 32.43 -19.10
CA ASN Q 7 31.96 33.82 -19.55
C ASN Q 7 30.50 34.22 -19.62
N LEU Q 8 30.17 35.36 -19.01
CA LEU Q 8 28.79 35.81 -18.97
C LEU Q 8 28.29 36.14 -20.37
N SER Q 9 27.07 35.70 -20.66
CA SER Q 9 26.46 35.93 -21.97
C SER Q 9 24.97 36.11 -21.77
N CYS Q 10 24.40 37.10 -22.43
CA CYS Q 10 22.99 37.43 -22.29
C CYS Q 10 22.27 36.83 -23.49
N CYS Q 11 22.10 35.51 -23.46
CA CYS Q 11 21.54 34.74 -24.58
C CYS Q 11 20.24 34.12 -24.12
N ALA Q 12 19.13 34.60 -24.68
CA ALA Q 12 17.80 34.17 -24.23
C ALA Q 12 17.47 32.78 -24.73
N ASN Q 13 17.44 32.60 -26.05
CA ASN Q 13 17.20 31.28 -26.62
C ASN Q 13 18.41 30.40 -26.40
N GLY Q 14 18.73 30.12 -25.13
CA GLY Q 14 19.97 29.48 -24.78
C GLY Q 14 19.88 27.98 -24.73
N GLN Q 15 20.06 27.41 -23.53
CA GLN Q 15 20.02 25.96 -23.38
C GLN Q 15 18.63 25.43 -23.74
N LYS Q 16 18.61 24.30 -24.43
CA LYS Q 16 17.38 23.66 -24.85
C LYS Q 16 17.32 22.26 -24.28
N THR Q 17 16.18 21.91 -23.70
CA THR Q 17 15.97 20.60 -23.12
C THR Q 17 15.13 19.74 -24.05
N ILE Q 18 15.26 18.43 -23.88
CA ILE Q 18 14.54 17.46 -24.68
C ILE Q 18 13.44 16.87 -23.82
N VAL Q 19 12.23 16.81 -24.36
CA VAL Q 19 11.08 16.30 -23.61
C VAL Q 19 10.40 15.22 -24.41
N GLN Q 20 9.64 14.38 -23.69
CA GLN Q 20 9.00 13.20 -24.26
C GLN Q 20 7.55 13.12 -23.82
N ASP Q 21 6.70 12.71 -24.76
CA ASP Q 21 5.27 12.54 -24.54
C ASP Q 21 4.87 11.17 -25.04
N LYS Q 22 3.64 10.76 -24.73
CA LYS Q 22 3.15 9.44 -25.12
C LYS Q 22 1.67 9.51 -25.42
N VAL Q 23 1.22 8.74 -26.42
CA VAL Q 23 -0.19 8.66 -26.77
C VAL Q 23 -0.54 7.23 -27.12
N CYS Q 24 -1.79 6.87 -26.82
CA CYS Q 24 -2.34 5.54 -27.05
C CYS Q 24 -3.74 5.72 -27.57
N ILE Q 25 -4.11 5.02 -28.64
CA ILE Q 25 -5.49 5.07 -29.11
C ILE Q 25 -5.90 3.71 -29.66
N ASP Q 26 -7.21 3.54 -29.82
CA ASP Q 26 -7.81 2.42 -30.52
C ASP Q 26 -8.47 2.94 -31.79
N TRP Q 27 -8.27 2.25 -32.90
CA TRP Q 27 -8.71 2.74 -34.19
C TRP Q 27 -9.53 1.69 -34.91
N THR Q 28 -10.45 2.18 -35.75
CA THR Q 28 -11.24 1.38 -36.68
C THR Q 28 -11.02 1.92 -38.08
N ALA Q 29 -10.72 1.06 -39.03
CA ALA Q 29 -10.30 1.46 -40.36
C ALA Q 29 -11.40 1.21 -41.37
N ALA Q 30 -11.71 2.24 -42.15
CA ALA Q 30 -12.64 2.11 -43.28
C ALA Q 30 -11.85 1.87 -44.56
N ALA Q 31 -12.55 1.82 -45.69
CA ALA Q 31 -11.86 1.66 -46.97
C ALA Q 31 -11.52 2.99 -47.62
N THR Q 32 -10.97 3.90 -46.84
CA THR Q 32 -10.42 5.17 -47.31
C THR Q 32 -9.32 5.56 -46.33
N ALA Q 33 -8.41 6.40 -46.79
CA ALA Q 33 -7.34 6.87 -45.92
C ALA Q 33 -7.94 7.67 -44.78
N ALA Q 34 -7.55 7.33 -43.56
CA ALA Q 34 -8.05 8.02 -42.37
C ALA Q 34 -6.89 8.58 -41.58
N ILE Q 35 -7.01 9.84 -41.18
CA ILE Q 35 -5.97 10.50 -40.40
C ILE Q 35 -5.99 9.95 -38.97
N ILE Q 36 -4.83 9.48 -38.51
CA ILE Q 36 -4.71 8.88 -37.19
C ILE Q 36 -3.82 9.72 -36.28
N TYR Q 37 -3.06 10.66 -36.82
CA TYR Q 37 -2.16 11.49 -36.04
C TYR Q 37 -1.76 12.70 -36.87
N ALA Q 38 -1.59 13.84 -36.23
CA ALA Q 38 -1.23 15.06 -36.93
C ALA Q 38 -0.55 16.03 -35.98
N ASP Q 39 0.38 16.82 -36.51
CA ASP Q 39 1.09 17.79 -35.69
C ASP Q 39 1.44 19.00 -36.55
N ASN Q 40 2.12 19.96 -35.94
CA ASN Q 40 2.68 21.07 -36.67
C ASN Q 40 4.13 21.33 -36.32
N ILE Q 41 4.74 20.52 -35.47
CA ILE Q 41 6.17 20.62 -35.20
C ILE Q 41 6.90 19.64 -36.10
N SER Q 42 6.93 19.90 -37.40
CA SER Q 42 7.43 18.91 -38.33
C SER Q 42 8.94 18.85 -38.39
N GLN Q 43 9.63 19.94 -38.06
CA GLN Q 43 11.07 20.01 -38.28
C GLN Q 43 11.86 19.22 -37.25
N ASP Q 44 11.42 19.21 -35.99
CA ASP Q 44 12.13 18.50 -34.93
C ASP Q 44 11.16 17.59 -34.20
N ILE Q 45 11.02 16.37 -34.68
CA ILE Q 45 10.17 15.39 -34.01
C ILE Q 45 10.73 14.02 -34.30
N TYR Q 46 10.79 13.20 -33.25
CA TYR Q 46 11.25 11.82 -33.36
C TYR Q 46 10.22 10.96 -32.64
N ALA Q 47 9.69 9.96 -33.33
CA ALA Q 47 8.61 9.16 -32.79
C ALA Q 47 8.90 7.68 -32.94
N SER Q 48 8.68 6.92 -31.86
CA SER Q 48 8.82 5.48 -31.87
C SER Q 48 7.51 4.86 -31.40
N GLY Q 49 7.21 3.67 -31.90
CA GLY Q 49 5.99 3.01 -31.47
C GLY Q 49 5.70 1.75 -32.25
N TYR Q 50 4.46 1.29 -32.13
CA TYR Q 50 4.02 0.08 -32.82
C TYR Q 50 2.58 0.26 -33.28
N LEU Q 51 2.19 -0.57 -34.24
CA LEU Q 51 0.82 -0.70 -34.68
C LEU Q 51 0.44 -2.17 -34.61
N LYS Q 52 -0.71 -2.46 -33.99
CA LYS Q 52 -1.21 -3.81 -33.84
C LYS Q 52 -2.58 -3.91 -34.51
N VAL Q 53 -2.74 -4.86 -35.41
CA VAL Q 53 -4.01 -5.11 -36.08
C VAL Q 53 -4.70 -6.24 -35.34
N ASP Q 54 -5.79 -5.93 -34.67
CA ASP Q 54 -6.43 -6.88 -33.77
C ASP Q 54 -7.44 -7.76 -34.49
N THR Q 55 -8.47 -7.16 -35.08
CA THR Q 55 -9.50 -7.93 -35.75
C THR Q 55 -9.80 -7.36 -37.12
N GLY Q 56 -10.34 -8.21 -37.97
CA GLY Q 56 -10.71 -7.89 -39.33
C GLY Q 56 -10.05 -8.85 -40.28
N THR Q 57 -10.08 -8.49 -41.56
CA THR Q 57 -9.42 -9.27 -42.59
C THR Q 57 -8.66 -8.33 -43.51
N GLY Q 58 -7.66 -8.89 -44.19
CA GLY Q 58 -6.89 -8.12 -45.14
C GLY Q 58 -5.93 -7.20 -44.45
N PRO Q 59 -4.81 -6.91 -45.11
CA PRO Q 59 -3.77 -6.10 -44.48
C PRO Q 59 -4.21 -4.66 -44.30
N VAL Q 60 -3.59 -4.01 -43.32
CA VAL Q 60 -3.79 -2.59 -43.06
C VAL Q 60 -2.50 -1.86 -43.37
N THR Q 61 -2.60 -0.74 -44.09
CA THR Q 61 -1.45 0.01 -44.54
C THR Q 61 -1.35 1.33 -43.79
N ILE Q 62 -0.19 1.57 -43.18
CA ILE Q 62 0.09 2.80 -42.45
C ILE Q 62 1.11 3.61 -43.24
N VAL Q 63 0.85 4.90 -43.40
CA VAL Q 63 1.71 5.78 -44.18
C VAL Q 63 2.01 7.04 -43.39
N PHE Q 64 3.28 7.41 -43.33
CA PHE Q 64 3.72 8.67 -42.73
C PHE Q 64 3.96 9.69 -43.83
N TYR Q 65 3.41 10.88 -43.67
CA TYR Q 65 3.47 11.93 -44.68
C TYR Q 65 4.18 13.15 -44.14
N SER Q 66 5.09 13.69 -44.93
CA SER Q 66 5.78 14.94 -44.64
C SER Q 66 5.31 15.96 -45.66
N GLY Q 67 4.54 16.95 -45.20
CA GLY Q 67 4.03 17.95 -46.09
C GLY Q 67 2.59 17.67 -46.51
N GLY Q 68 1.76 17.28 -45.55
CA GLY Q 68 0.38 17.01 -45.84
C GLY Q 68 0.18 15.63 -46.45
N VAL Q 69 -1.10 15.29 -46.62
CA VAL Q 69 -1.44 13.97 -47.17
C VAL Q 69 -0.97 13.86 -48.61
N THR Q 70 -1.02 14.97 -49.36
CA THR Q 70 -0.49 15.01 -50.70
C THR Q 70 0.95 15.52 -50.66
N GLY Q 71 1.74 14.85 -49.84
CA GLY Q 71 3.13 15.22 -49.67
C GLY Q 71 4.07 14.13 -50.12
N THR Q 72 4.94 13.66 -49.23
CA THR Q 72 5.91 12.64 -49.57
C THR Q 72 5.81 11.52 -48.55
N ALA Q 73 5.61 10.29 -49.03
CA ALA Q 73 5.48 9.16 -48.14
C ALA Q 73 6.85 8.75 -47.61
N VAL Q 74 7.27 9.36 -46.50
CA VAL Q 74 8.57 9.04 -45.94
C VAL Q 74 8.65 7.61 -45.41
N GLU Q 75 7.50 7.00 -45.09
CA GLU Q 75 7.48 5.63 -44.58
C GLU Q 75 6.13 5.00 -44.87
N THR Q 76 6.14 3.70 -45.15
CA THR Q 76 4.93 2.95 -45.43
C THR Q 76 5.11 1.51 -44.97
N ILE Q 77 4.17 1.00 -44.18
CA ILE Q 77 4.24 -0.36 -43.66
C ILE Q 77 2.90 -1.05 -43.88
N VAL Q 78 2.94 -2.32 -44.24
CA VAL Q 78 1.74 -3.13 -44.44
C VAL Q 78 1.73 -4.24 -43.39
N VAL Q 79 0.67 -4.31 -42.61
CA VAL Q 79 0.59 -5.22 -41.46
C VAL Q 79 -0.57 -6.17 -41.66
N ALA Q 80 -0.32 -7.47 -41.48
CA ALA Q 80 -1.36 -8.47 -41.58
C ALA Q 80 -2.15 -8.55 -40.28
N THR Q 81 -3.31 -9.21 -40.34
CA THR Q 81 -4.18 -9.33 -39.20
C THR Q 81 -3.61 -10.33 -38.20
N GLY Q 82 -3.63 -9.98 -36.92
CA GLY Q 82 -3.10 -10.83 -35.89
C GLY Q 82 -1.61 -10.65 -35.61
N SER Q 83 -0.98 -9.67 -36.24
CA SER Q 83 0.44 -9.39 -36.04
C SER Q 83 0.63 -7.90 -35.80
N SER Q 84 1.87 -7.50 -35.57
CA SER Q 84 2.20 -6.13 -35.21
C SER Q 84 3.42 -5.68 -35.98
N ALA Q 85 3.70 -4.37 -35.94
CA ALA Q 85 4.90 -3.84 -36.56
C ALA Q 85 5.30 -2.55 -35.86
N SER Q 86 6.59 -2.39 -35.60
CA SER Q 86 7.10 -1.23 -34.88
C SER Q 86 7.89 -0.32 -35.80
N PHE Q 87 8.23 0.87 -35.30
CA PHE Q 87 8.87 1.88 -36.13
C PHE Q 87 9.48 2.97 -35.27
N THR Q 88 10.40 3.74 -35.90
CA THR Q 88 10.83 5.04 -35.42
C THR Q 88 11.09 5.93 -36.64
N VAL Q 89 10.60 7.17 -36.59
CA VAL Q 89 10.56 8.05 -37.75
C VAL Q 89 10.80 9.48 -37.28
N ARG Q 90 11.40 10.30 -38.16
CA ARG Q 90 11.56 11.71 -37.91
C ARG Q 90 11.06 12.50 -39.11
N ARG Q 91 10.82 13.80 -38.88
CA ARG Q 91 10.27 14.71 -39.89
C ARG Q 91 9.10 14.10 -40.65
N PHE Q 92 7.98 13.98 -39.96
CA PHE Q 92 6.72 13.63 -40.59
C PHE Q 92 5.64 14.59 -40.09
N ASP Q 93 4.59 14.73 -40.88
CA ASP Q 93 3.55 15.70 -40.60
C ASP Q 93 2.22 15.05 -40.24
N THR Q 94 1.82 14.00 -40.95
CA THR Q 94 0.58 13.30 -40.64
C THR Q 94 0.83 11.80 -40.75
N VAL Q 95 -0.10 11.03 -40.20
CA VAL Q 95 -0.10 9.58 -40.35
C VAL Q 95 -1.51 9.15 -40.78
N THR Q 96 -1.58 8.25 -41.75
CA THR Q 96 -2.87 7.77 -42.21
C THR Q 96 -2.88 6.24 -42.23
N ILE Q 97 -4.06 5.68 -41.99
CA ILE Q 97 -4.27 4.25 -42.06
C ILE Q 97 -5.33 3.94 -43.12
N LEU Q 98 -5.11 2.83 -43.81
CA LEU Q 98 -5.99 2.37 -44.88
C LEU Q 98 -6.28 0.90 -44.66
N GLY Q 99 -7.56 0.52 -44.73
CA GLY Q 99 -7.96 -0.86 -44.56
C GLY Q 99 -9.05 -1.25 -45.53
N THR Q 100 -9.30 -2.56 -45.58
CA THR Q 100 -10.36 -3.10 -46.41
C THR Q 100 -11.71 -2.64 -45.85
N ALA Q 101 -12.76 -2.74 -46.66
CA ALA Q 101 -14.10 -2.36 -46.21
C ALA Q 101 -14.72 -3.46 -45.36
N ALA Q 102 -13.96 -3.91 -44.38
CA ALA Q 102 -14.42 -4.87 -43.39
C ALA Q 102 -14.29 -4.34 -41.97
N ALA Q 103 -13.88 -3.08 -41.82
CA ALA Q 103 -13.78 -2.42 -40.52
C ALA Q 103 -12.87 -3.19 -39.57
N GLU Q 104 -11.60 -3.31 -39.97
CA GLU Q 104 -10.60 -3.83 -39.07
C GLU Q 104 -10.41 -2.86 -37.91
N THR Q 105 -9.99 -3.39 -36.77
CA THR Q 105 -9.73 -2.53 -35.63
C THR Q 105 -8.49 -3.01 -34.89
N GLY Q 106 -7.87 -2.06 -34.18
CA GLY Q 106 -6.64 -2.35 -33.49
C GLY Q 106 -6.20 -1.20 -32.62
N GLU Q 107 -4.92 -1.22 -32.25
CA GLU Q 107 -4.35 -0.24 -31.33
C GLU Q 107 -3.25 0.56 -32.02
N PHE Q 108 -2.81 1.62 -31.34
CA PHE Q 108 -1.75 2.48 -31.86
C PHE Q 108 -1.10 3.21 -30.71
N CYS Q 109 0.19 2.96 -30.47
CA CYS Q 109 0.94 3.58 -29.39
C CYS Q 109 2.15 4.30 -29.95
N MET Q 110 2.46 5.46 -29.39
CA MET Q 110 3.58 6.25 -29.90
C MET Q 110 4.16 7.16 -28.83
N THR Q 111 5.48 7.15 -28.70
CA THR Q 111 6.21 8.08 -27.85
C THR Q 111 6.93 9.11 -28.72
N ILE Q 112 6.87 10.36 -28.30
CA ILE Q 112 7.28 11.50 -29.13
C ILE Q 112 8.34 12.29 -28.40
N ARG Q 113 9.43 12.60 -29.07
CA ARG Q 113 10.50 13.41 -28.52
C ARG Q 113 10.59 14.73 -29.25
N TYR Q 114 10.67 15.83 -28.51
CA TYR Q 114 10.95 17.10 -29.16
C TYR Q 114 11.83 17.94 -28.24
N THR Q 115 12.81 18.61 -28.84
CA THR Q 115 13.82 19.37 -28.11
C THR Q 115 13.49 20.85 -28.02
N LEU Q 116 12.27 21.19 -27.58
CA LEU Q 116 11.91 22.58 -27.47
C LEU Q 116 11.63 22.99 -26.03
N SER Q 117 10.68 22.35 -25.37
CA SER Q 117 10.31 22.71 -24.01
C SER Q 117 9.42 21.65 -23.42
N THR R 6 36.24 28.16 -23.41
CA THR R 6 35.77 29.37 -22.74
C THR R 6 35.75 30.55 -23.70
N ASN R 7 35.64 30.27 -24.99
CA ASN R 7 35.57 31.29 -26.03
C ASN R 7 34.16 31.29 -26.61
N LEU R 8 33.56 32.47 -26.70
CA LEU R 8 32.20 32.57 -27.19
C LEU R 8 32.13 32.18 -28.66
N SER R 9 31.11 31.40 -29.00
CA SER R 9 30.92 30.92 -30.36
C SER R 9 29.43 30.82 -30.62
N CYS R 10 29.00 31.29 -31.78
CA CYS R 10 27.59 31.33 -32.13
C CYS R 10 27.34 30.14 -33.06
N CYS R 11 27.30 28.95 -32.48
CA CYS R 11 27.20 27.69 -33.21
C CYS R 11 25.88 27.02 -32.85
N ALA R 12 24.95 26.97 -33.80
CA ALA R 12 23.60 26.48 -33.52
C ALA R 12 23.58 24.96 -33.40
N ASN R 13 23.99 24.26 -34.45
CA ASN R 13 24.05 22.81 -34.38
C ASN R 13 25.23 22.41 -33.51
N GLY R 14 25.15 22.74 -32.23
CA GLY R 14 26.29 22.60 -31.33
C GLY R 14 26.33 21.28 -30.62
N GLN R 15 26.19 21.30 -29.30
CA GLN R 15 26.25 20.08 -28.51
C GLN R 15 25.09 19.15 -28.90
N LYS R 16 25.39 17.85 -28.97
CA LYS R 16 24.42 16.84 -29.34
C LYS R 16 24.33 15.83 -28.21
N THR R 17 23.10 15.50 -27.83
CA THR R 17 22.86 14.53 -26.77
C THR R 17 22.43 13.19 -27.38
N ILE R 18 22.64 12.14 -26.61
CA ILE R 18 22.29 10.79 -27.02
C ILE R 18 21.04 10.37 -26.26
N VAL R 19 20.07 9.82 -26.98
CA VAL R 19 18.81 9.43 -26.38
C VAL R 19 18.51 7.99 -26.73
N GLN R 20 17.66 7.37 -25.91
CA GLN R 20 17.35 5.95 -26.00
C GLN R 20 15.84 5.73 -25.93
N ASP R 21 15.37 4.79 -26.75
CA ASP R 21 13.97 4.41 -26.82
C ASP R 21 13.88 2.89 -26.70
N LYS R 22 12.66 2.38 -26.54
CA LYS R 22 12.45 0.96 -26.39
C LYS R 22 11.14 0.55 -27.01
N VAL R 23 11.10 -0.63 -27.63
CA VAL R 23 9.88 -1.16 -28.22
C VAL R 23 9.78 -2.66 -27.96
N CYS R 24 8.55 -3.13 -27.82
CA CYS R 24 8.24 -4.53 -27.53
C CYS R 24 7.05 -4.90 -28.39
N ILE R 25 7.11 -6.04 -29.09
CA ILE R 25 5.94 -6.51 -29.83
C ILE R 25 5.87 -8.03 -29.77
N ASP R 26 4.70 -8.53 -30.14
CA ASP R 26 4.45 -9.94 -30.36
C ASP R 26 4.16 -10.15 -31.84
N TRP R 27 4.78 -11.17 -32.43
CA TRP R 27 4.71 -11.38 -33.86
C TRP R 27 4.26 -12.79 -34.20
N THR R 28 3.61 -12.90 -35.36
CA THR R 28 3.23 -14.17 -35.97
C THR R 28 3.82 -14.21 -37.38
N ALA R 29 4.48 -15.30 -37.71
CA ALA R 29 5.26 -15.40 -38.94
C ALA R 29 4.55 -16.29 -39.96
N ALA R 30 4.39 -15.77 -41.18
CA ALA R 30 3.88 -16.55 -42.29
C ALA R 30 5.05 -17.11 -43.10
N ALA R 31 4.74 -17.77 -44.21
CA ALA R 31 5.81 -18.30 -45.07
C ALA R 31 6.20 -17.31 -46.16
N THR R 32 6.39 -16.05 -45.77
CA THR R 32 6.93 -15.00 -46.63
C THR R 32 7.64 -14.01 -45.71
N ALA R 33 8.56 -13.24 -46.28
CA ALA R 33 9.24 -12.24 -45.49
C ALA R 33 8.26 -11.19 -45.03
N ALA R 34 8.26 -10.90 -43.73
CA ALA R 34 7.36 -9.93 -43.14
C ALA R 34 8.16 -8.84 -42.45
N ILE R 35 7.80 -7.57 -42.72
CA ILE R 35 8.47 -6.45 -42.10
C ILE R 35 8.07 -6.36 -40.64
N ILE R 36 9.06 -6.32 -39.76
CA ILE R 36 8.83 -6.27 -38.32
C ILE R 36 9.29 -4.96 -37.72
N TYR R 37 10.09 -4.18 -38.43
CA TYR R 37 10.62 -2.93 -37.93
C TYR R 37 11.14 -2.11 -39.11
N ALA R 38 10.99 -0.79 -39.04
CA ALA R 38 11.43 0.07 -40.12
C ALA R 38 11.68 1.47 -39.58
N ASP R 39 12.64 2.16 -40.18
CA ASP R 39 12.98 3.52 -39.76
C ASP R 39 13.45 4.31 -40.96
N ASN R 40 13.81 5.56 -40.72
CA ASN R 40 14.47 6.38 -41.73
C ASN R 40 15.70 7.09 -41.21
N ILE R 41 16.09 6.84 -39.96
CA ILE R 41 17.34 7.37 -39.45
C ILE R 41 18.41 6.29 -39.58
N SER R 42 18.81 6.00 -40.82
CA SER R 42 19.67 4.85 -41.04
C SER R 42 21.13 5.12 -40.71
N GLN R 43 21.57 6.37 -40.77
CA GLN R 43 22.99 6.67 -40.65
C GLN R 43 23.49 6.59 -39.23
N ASP R 44 22.69 7.00 -38.24
CA ASP R 44 23.11 6.95 -36.85
C ASP R 44 22.05 6.24 -36.03
N ILE R 45 22.18 4.93 -35.91
CA ILE R 45 21.27 4.15 -35.09
C ILE R 45 22.02 2.94 -34.57
N TYR R 46 21.83 2.66 -33.28
CA TYR R 46 22.43 1.50 -32.63
C TYR R 46 21.33 0.80 -31.87
N ALA R 47 21.13 -0.49 -32.13
CA ALA R 47 20.02 -1.21 -31.54
C ALA R 47 20.49 -2.51 -30.93
N SER R 48 20.02 -2.79 -29.72
CA SER R 48 20.29 -4.04 -29.03
C SER R 48 18.97 -4.69 -28.64
N GLY R 49 18.96 -6.01 -28.61
CA GLY R 49 17.74 -6.69 -28.22
C GLY R 49 17.83 -8.19 -28.37
N TYR R 50 16.66 -8.83 -28.35
CA TYR R 50 16.57 -10.28 -28.50
C TYR R 50 15.34 -10.64 -29.31
N LEU R 51 15.36 -11.85 -29.84
CA LEU R 51 14.20 -12.46 -30.47
C LEU R 51 13.97 -13.81 -29.84
N LYS R 52 12.73 -14.07 -29.44
CA LYS R 52 12.32 -15.33 -28.82
C LYS R 52 11.25 -15.98 -29.66
N VAL R 53 11.47 -17.23 -30.03
CA VAL R 53 10.50 -18.01 -30.79
C VAL R 53 9.74 -18.87 -29.80
N ASP R 54 8.45 -18.57 -29.62
CA ASP R 54 7.68 -19.18 -28.57
C ASP R 54 7.03 -20.49 -29.02
N THR R 55 6.18 -20.43 -30.04
CA THR R 55 5.49 -21.61 -30.49
C THR R 55 5.57 -21.74 -32.00
N GLY R 56 5.41 -22.97 -32.47
CA GLY R 56 5.45 -23.32 -33.87
C GLY R 56 6.46 -24.42 -34.09
N THR R 57 6.80 -24.64 -35.36
CA THR R 57 7.82 -25.60 -35.74
C THR R 57 8.74 -24.97 -36.76
N GLY R 58 9.94 -25.52 -36.87
CA GLY R 58 10.90 -25.05 -37.85
C GLY R 58 11.51 -23.74 -37.46
N PRO R 59 12.74 -23.50 -37.89
CA PRO R 59 13.44 -22.29 -37.48
C PRO R 59 12.83 -21.04 -38.08
N VAL R 60 13.05 -19.92 -37.40
CA VAL R 60 12.64 -18.61 -37.87
C VAL R 60 13.88 -17.80 -38.17
N THR R 61 13.90 -17.13 -39.32
CA THR R 61 15.06 -16.39 -39.79
C THR R 61 14.80 -14.90 -39.72
N ILE R 62 15.67 -14.17 -39.03
CA ILE R 62 15.59 -12.72 -38.92
C ILE R 62 16.72 -12.10 -39.71
N VAL R 63 16.41 -11.08 -40.51
CA VAL R 63 17.37 -10.44 -41.38
C VAL R 63 17.27 -8.93 -41.22
N PHE R 64 18.43 -8.29 -41.03
CA PHE R 64 18.53 -6.83 -40.99
C PHE R 64 19.00 -6.33 -42.34
N TYR R 65 18.31 -5.33 -42.88
CA TYR R 65 18.59 -4.81 -44.22
C TYR R 65 18.97 -3.34 -44.14
N SER R 66 20.03 -3.00 -44.86
CA SER R 66 20.46 -1.61 -45.02
C SER R 66 20.24 -1.23 -46.48
N GLY R 67 19.28 -0.35 -46.71
CA GLY R 67 18.96 0.06 -48.07
C GLY R 67 17.77 -0.68 -48.63
N GLY R 68 16.73 -0.82 -47.82
CA GLY R 68 15.53 -1.50 -48.26
C GLY R 68 15.66 -3.00 -48.20
N VAL R 69 14.54 -3.67 -48.49
CA VAL R 69 14.53 -5.14 -48.44
C VAL R 69 15.43 -5.72 -49.52
N THR R 70 15.50 -5.06 -50.67
CA THR R 70 16.42 -5.45 -51.73
C THR R 70 17.72 -4.66 -51.58
N GLY R 71 18.27 -4.74 -50.38
CA GLY R 71 19.50 -4.03 -50.07
C GLY R 71 20.63 -4.96 -49.75
N THR R 72 21.22 -4.81 -48.57
CA THR R 72 22.35 -5.64 -48.17
C THR R 72 22.05 -6.23 -46.80
N ALA R 73 22.13 -7.55 -46.70
CA ALA R 73 21.84 -8.23 -45.44
C ALA R 73 23.01 -8.06 -44.48
N VAL R 74 22.99 -6.97 -43.69
CA VAL R 74 24.09 -6.72 -42.77
C VAL R 74 24.13 -7.75 -41.65
N GLU R 75 23.01 -8.41 -41.36
CA GLU R 75 22.97 -9.42 -40.31
C GLU R 75 21.83 -10.40 -40.58
N THR R 76 22.06 -11.66 -40.22
CA THR R 76 21.07 -12.72 -40.40
C THR R 76 21.25 -13.76 -39.30
N ILE R 77 20.16 -14.10 -38.62
CA ILE R 77 20.20 -15.07 -37.53
C ILE R 77 19.07 -16.07 -37.71
N VAL R 78 19.33 -17.34 -37.43
CA VAL R 78 18.34 -18.40 -37.51
C VAL R 78 18.12 -18.96 -36.11
N VAL R 79 16.87 -18.94 -35.65
CA VAL R 79 16.53 -19.27 -34.27
C VAL R 79 15.59 -20.47 -34.29
N ALA R 80 15.91 -21.48 -33.47
CA ALA R 80 15.05 -22.65 -33.34
C ALA R 80 13.90 -22.36 -32.38
N THR R 81 12.90 -23.24 -32.39
CA THR R 81 11.73 -23.07 -31.55
C THR R 81 12.05 -23.42 -30.11
N GLY R 82 11.60 -22.58 -29.19
CA GLY R 82 11.87 -22.79 -27.78
C GLY R 82 13.16 -22.17 -27.29
N SER R 83 13.87 -21.42 -28.13
CA SER R 83 15.12 -20.78 -27.74
C SER R 83 15.07 -19.32 -28.18
N SER R 84 16.14 -18.59 -27.87
CA SER R 84 16.20 -17.15 -28.12
C SER R 84 17.57 -16.80 -28.70
N ALA R 85 17.67 -15.56 -29.19
CA ALA R 85 18.95 -15.08 -29.69
C ALA R 85 18.99 -13.56 -29.60
N SER R 86 20.11 -13.02 -29.14
CA SER R 86 20.26 -11.59 -28.92
C SER R 86 21.20 -10.98 -29.96
N PHE R 87 21.25 -9.65 -29.98
CA PHE R 87 22.01 -8.96 -31.01
C PHE R 87 22.23 -7.50 -30.63
N THR R 88 23.21 -6.88 -31.31
CA THR R 88 23.34 -5.43 -31.40
C THR R 88 23.88 -5.08 -32.78
N VAL R 89 23.28 -4.08 -33.42
CA VAL R 89 23.51 -3.78 -34.83
C VAL R 89 23.45 -2.27 -35.03
N ARG R 90 24.22 -1.78 -36.01
CA ARG R 90 24.16 -0.38 -36.42
C ARG R 90 23.97 -0.30 -37.92
N ARG R 91 23.55 0.88 -38.38
CA ARG R 91 23.26 1.15 -39.79
C ARG R 91 22.45 0.04 -40.44
N PHE R 92 21.19 -0.04 -40.06
CA PHE R 92 20.22 -0.88 -40.73
C PHE R 92 18.95 -0.09 -40.99
N ASP R 93 18.20 -0.52 -41.99
CA ASP R 93 17.03 0.22 -42.43
C ASP R 93 15.72 -0.51 -42.14
N THR R 94 15.68 -1.82 -42.36
CA THR R 94 14.48 -2.59 -42.06
C THR R 94 14.88 -3.91 -41.41
N VAL R 95 13.91 -4.57 -40.81
CA VAL R 95 14.09 -5.92 -40.27
C VAL R 95 12.94 -6.78 -40.76
N THR R 96 13.26 -7.99 -41.21
CA THR R 96 12.24 -8.91 -41.68
C THR R 96 12.38 -10.26 -41.00
N ILE R 97 11.24 -10.92 -40.81
CA ILE R 97 11.20 -12.27 -40.26
C ILE R 97 10.57 -13.22 -41.28
N LEU R 98 11.10 -14.43 -41.31
CA LEU R 98 10.64 -15.47 -42.22
C LEU R 98 10.44 -16.76 -41.43
N GLY R 99 9.29 -17.41 -41.62
CA GLY R 99 8.98 -18.64 -40.93
C GLY R 99 8.30 -19.63 -41.84
N THR R 100 8.21 -20.87 -41.35
CA THR R 100 7.51 -21.92 -42.05
C THR R 100 6.02 -21.59 -42.11
N ALA R 101 5.29 -22.25 -43.00
CA ALA R 101 3.85 -22.04 -43.10
C ALA R 101 3.11 -22.80 -42.01
N ALA R 102 3.56 -22.62 -40.78
CA ALA R 102 2.91 -23.17 -39.60
C ALA R 102 2.55 -22.08 -38.60
N ALA R 103 2.76 -20.82 -38.94
CA ALA R 103 2.39 -19.68 -38.12
C ALA R 103 3.04 -19.76 -36.74
N GLU R 104 4.36 -19.75 -36.73
CA GLU R 104 5.08 -19.60 -35.48
C GLU R 104 4.80 -18.23 -34.89
N THR R 105 4.90 -18.13 -33.57
CA THR R 105 4.70 -16.85 -32.93
C THR R 105 5.69 -16.68 -31.78
N GLY R 106 5.97 -15.43 -31.46
CA GLY R 106 6.94 -15.11 -30.45
C GLY R 106 6.97 -13.64 -30.14
N GLU R 107 8.07 -13.21 -29.50
CA GLU R 107 8.24 -11.85 -29.03
C GLU R 107 9.41 -11.17 -29.73
N PHE R 108 9.51 -9.85 -29.54
CA PHE R 108 10.60 -9.08 -30.12
C PHE R 108 10.78 -7.80 -29.32
N CYS R 109 11.94 -7.64 -28.70
CA CYS R 109 12.25 -6.49 -27.88
C CYS R 109 13.50 -5.80 -28.41
N MET R 110 13.51 -4.47 -28.39
CA MET R 110 14.65 -3.74 -28.92
C MET R 110 14.77 -2.36 -28.29
N THR R 111 15.99 -2.02 -27.86
CA THR R 111 16.32 -0.68 -27.39
C THR R 111 17.16 0.03 -28.44
N ILE R 112 16.87 1.30 -28.67
CA ILE R 112 17.39 2.06 -29.80
C ILE R 112 18.09 3.30 -29.28
N ARG R 113 19.31 3.54 -29.75
CA ARG R 113 20.06 4.73 -29.39
C ARG R 113 20.24 5.62 -30.62
N TYR R 114 19.99 6.90 -30.46
CA TYR R 114 20.34 7.83 -31.53
C TYR R 114 20.79 9.14 -30.92
N THR R 115 21.84 9.71 -31.50
CA THR R 115 22.49 10.91 -31.00
C THR R 115 22.00 12.17 -31.68
N LEU R 116 20.70 12.38 -31.74
CA LEU R 116 20.17 13.58 -32.37
C LEU R 116 19.43 14.47 -31.38
N SER R 117 18.38 13.96 -30.75
CA SER R 117 17.57 14.75 -29.85
C SER R 117 16.66 13.85 -29.05
N THR S 6 41.27 25.55 -25.52
CA THR S 6 40.52 26.79 -25.58
C THR S 6 40.67 27.46 -26.95
N ASN S 7 40.98 26.65 -27.96
CA ASN S 7 41.12 27.12 -29.33
C ASN S 7 39.97 26.58 -30.15
N LEU S 8 39.31 27.47 -30.90
CA LEU S 8 38.15 27.06 -31.68
C LEU S 8 38.57 26.10 -32.78
N SER S 9 37.77 25.06 -32.96
CA SER S 9 38.04 24.04 -33.96
C SER S 9 36.72 23.52 -34.48
N CYS S 10 36.61 23.38 -35.79
CA CYS S 10 35.37 22.96 -36.44
C CYS S 10 35.52 21.48 -36.76
N CYS S 11 35.42 20.64 -35.73
CA CYS S 11 35.67 19.20 -35.82
C CYS S 11 34.36 18.48 -35.50
N ALA S 12 33.78 17.84 -36.51
CA ALA S 12 32.46 17.23 -36.36
C ALA S 12 32.54 15.93 -35.58
N ASN S 13 33.31 14.96 -36.08
CA ASN S 13 33.49 13.71 -35.35
C ASN S 13 34.38 13.97 -34.14
N GLY S 14 33.90 14.77 -33.20
CA GLY S 14 34.72 15.25 -32.12
C GLY S 14 34.67 14.37 -30.89
N GLN S 15 34.14 14.90 -29.80
CA GLN S 15 34.07 14.14 -28.56
C GLN S 15 33.19 12.91 -28.73
N LYS S 16 33.61 11.80 -28.15
CA LYS S 16 32.90 10.55 -28.22
C LYS S 16 32.56 10.08 -26.81
N THR S 17 31.32 9.68 -26.61
CA THR S 17 30.86 9.19 -25.33
C THR S 17 30.76 7.68 -25.34
N ILE S 18 30.83 7.09 -24.16
CA ILE S 18 30.75 5.65 -23.97
C ILE S 18 29.38 5.32 -23.43
N VAL S 19 28.72 4.32 -24.02
CA VAL S 19 27.38 3.95 -23.61
C VAL S 19 27.34 2.45 -23.32
N GLN S 20 26.35 2.06 -22.53
CA GLN S 20 26.21 0.71 -22.04
C GLN S 20 24.78 0.21 -22.23
N ASP S 21 24.66 -1.05 -22.62
CA ASP S 21 23.39 -1.73 -22.83
C ASP S 21 23.41 -3.05 -22.06
N LYS S 22 22.25 -3.70 -21.97
CA LYS S 22 22.15 -4.95 -21.24
C LYS S 22 21.12 -5.85 -21.91
N VAL S 23 21.38 -7.16 -21.92
CA VAL S 23 20.45 -8.13 -22.46
C VAL S 23 20.43 -9.38 -21.58
N CYS S 24 19.26 -10.01 -21.54
CA CYS S 24 19.00 -11.19 -20.73
C CYS S 24 18.17 -12.13 -21.58
N ILE S 25 18.54 -13.41 -21.64
CA ILE S 25 17.71 -14.39 -22.34
C ILE S 25 17.76 -15.73 -21.62
N ASP S 26 16.80 -16.58 -21.98
CA ASP S 26 16.77 -17.97 -21.60
C ASP S 26 16.95 -18.83 -22.84
N TRP S 27 17.81 -19.84 -22.76
CA TRP S 27 18.20 -20.62 -23.91
C TRP S 27 18.00 -22.10 -23.68
N THR S 28 17.73 -22.81 -24.78
CA THR S 28 17.68 -24.27 -24.82
C THR S 28 18.66 -24.75 -25.88
N ALA S 29 19.50 -25.72 -25.52
CA ALA S 29 20.61 -26.13 -26.37
C ALA S 29 20.32 -27.48 -27.00
N ALA S 30 20.49 -27.55 -28.32
CA ALA S 30 20.42 -28.81 -29.05
C ALA S 30 21.82 -29.38 -29.22
N ALA S 31 21.93 -30.49 -29.96
CA ALA S 31 23.24 -31.06 -30.23
C ALA S 31 23.84 -30.54 -31.52
N THR S 32 23.79 -29.23 -31.72
CA THR S 32 24.46 -28.53 -32.80
C THR S 32 24.77 -27.13 -32.30
N ALA S 33 25.74 -26.48 -32.93
CA ALA S 33 26.06 -25.11 -32.54
C ALA S 33 24.88 -24.21 -32.83
N ALA S 34 24.48 -23.42 -31.84
CA ALA S 34 23.35 -22.51 -31.99
C ALA S 34 23.80 -21.09 -31.70
N ILE S 35 23.42 -20.17 -32.57
CA ILE S 35 23.77 -18.77 -32.39
C ILE S 35 22.94 -18.18 -31.26
N ILE S 36 23.61 -17.57 -30.29
CA ILE S 36 22.95 -17.00 -29.13
C ILE S 36 23.09 -15.48 -29.08
N TYR S 37 24.00 -14.91 -29.87
CA TYR S 37 24.22 -13.47 -29.89
C TYR S 37 25.00 -13.12 -31.15
N ALA S 38 24.71 -11.96 -31.71
CA ALA S 38 25.37 -11.53 -32.94
C ALA S 38 25.31 -10.01 -33.05
N ASP S 39 26.34 -9.43 -33.65
CA ASP S 39 26.40 -7.99 -33.83
C ASP S 39 27.14 -7.67 -35.12
N ASN S 40 27.29 -6.38 -35.39
CA ASN S 40 28.13 -5.93 -36.48
C ASN S 40 29.09 -4.83 -36.07
N ILE S 41 29.10 -4.44 -34.79
CA ILE S 41 30.10 -3.50 -34.30
C ILE S 41 31.24 -4.28 -33.70
N SER S 42 32.03 -4.95 -34.54
CA SER S 42 33.02 -5.88 -34.01
C SER S 42 34.28 -5.19 -33.52
N GLN S 43 34.59 -4.00 -34.04
CA GLN S 43 35.87 -3.39 -33.75
C GLN S 43 35.93 -2.77 -32.36
N ASP S 44 34.85 -2.20 -31.88
CA ASP S 44 34.83 -1.56 -30.55
C ASP S 44 33.64 -2.10 -29.77
N ILE S 45 33.85 -3.19 -29.05
CA ILE S 45 32.82 -3.75 -28.19
C ILE S 45 33.49 -4.44 -27.03
N TYR S 46 32.96 -4.21 -25.84
CA TYR S 46 33.43 -4.84 -24.61
C TYR S 46 32.22 -5.40 -23.90
N ALA S 47 32.24 -6.69 -23.59
CA ALA S 47 31.07 -7.33 -23.01
C ALA S 47 31.47 -8.14 -21.78
N SER S 48 30.68 -7.99 -20.72
CA SER S 48 30.85 -8.76 -19.50
C SER S 48 29.55 -9.47 -19.18
N GLY S 49 29.65 -10.63 -18.54
CA GLY S 49 28.43 -11.35 -18.18
C GLY S 49 28.70 -12.71 -17.63
N TYR S 50 27.65 -13.53 -17.58
CA TYR S 50 27.75 -14.90 -17.08
C TYR S 50 26.86 -15.81 -17.90
N LEU S 51 27.13 -17.10 -17.81
CA LEU S 51 26.29 -18.15 -18.35
C LEU S 51 26.01 -19.14 -17.24
N LYS S 52 24.73 -19.48 -17.06
CA LYS S 52 24.28 -20.43 -16.05
C LYS S 52 23.58 -21.58 -16.72
N VAL S 53 24.02 -22.79 -16.43
CA VAL S 53 23.40 -24.00 -16.96
C VAL S 53 22.46 -24.53 -15.89
N ASP S 54 21.16 -24.46 -16.17
CA ASP S 54 20.15 -24.75 -15.15
C ASP S 54 19.81 -26.23 -15.10
N THR S 55 19.30 -26.78 -16.21
CA THR S 55 18.89 -28.17 -16.22
C THR S 55 19.43 -28.88 -17.45
N GLY S 56 19.53 -30.19 -17.34
CA GLY S 56 20.03 -31.06 -18.38
C GLY S 56 21.16 -31.91 -17.85
N THR S 57 21.88 -32.54 -18.77
CA THR S 57 23.04 -33.33 -18.43
C THR S 57 24.18 -33.00 -19.39
N GLY S 58 25.40 -33.25 -18.96
CA GLY S 58 26.55 -33.04 -19.80
C GLY S 58 26.88 -31.58 -19.92
N PRO S 59 28.16 -31.28 -20.11
CA PRO S 59 28.59 -29.88 -20.14
C PRO S 59 28.08 -29.16 -21.37
N VAL S 60 27.98 -27.83 -21.23
CA VAL S 60 27.59 -26.95 -22.33
C VAL S 60 28.80 -26.08 -22.67
N THR S 61 29.10 -25.95 -23.96
CA THR S 61 30.27 -25.23 -24.42
C THR S 61 29.86 -23.93 -25.10
N ILE S 62 30.42 -22.82 -24.63
CA ILE S 62 30.16 -21.50 -25.20
C ILE S 62 31.42 -21.03 -25.91
N VAL S 63 31.26 -20.52 -27.13
CA VAL S 63 32.38 -20.10 -27.96
C VAL S 63 32.09 -18.70 -28.50
N PHE S 64 33.08 -17.81 -28.38
CA PHE S 64 33.02 -16.48 -28.97
C PHE S 64 33.83 -16.48 -30.26
N TYR S 65 33.24 -15.97 -31.33
CA TYR S 65 33.85 -15.98 -32.65
C TYR S 65 34.05 -14.57 -33.16
N SER S 66 35.24 -14.32 -33.70
CA SER S 66 35.57 -13.06 -34.36
C SER S 66 35.75 -13.37 -35.84
N GLY S 67 34.83 -12.88 -36.66
CA GLY S 67 34.89 -13.15 -38.08
C GLY S 67 34.01 -14.28 -38.51
N GLY S 68 32.79 -14.31 -37.99
CA GLY S 68 31.83 -15.35 -38.33
C GLY S 68 32.10 -16.63 -37.58
N VAL S 69 31.18 -17.59 -37.78
CA VAL S 69 31.29 -18.86 -37.08
C VAL S 69 32.52 -19.62 -37.54
N THR S 70 32.87 -19.49 -38.82
CA THR S 70 34.10 -20.07 -39.35
C THR S 70 35.21 -19.04 -39.28
N GLY S 71 35.39 -18.49 -38.08
CA GLY S 71 36.39 -17.47 -37.86
C GLY S 71 37.46 -17.92 -36.90
N THR S 72 37.65 -17.18 -35.82
CA THR S 72 38.67 -17.51 -34.84
C THR S 72 38.04 -17.55 -33.46
N ALA S 73 38.21 -18.66 -32.77
CA ALA S 73 37.62 -18.81 -31.44
C ALA S 73 38.43 -18.01 -30.41
N VAL S 74 38.08 -16.74 -30.24
CA VAL S 74 38.82 -15.90 -29.30
C VAL S 74 38.62 -16.36 -27.85
N GLU S 75 37.53 -17.07 -27.56
CA GLU S 75 37.26 -17.54 -26.21
C GLU S 75 36.37 -18.77 -26.26
N THR S 76 36.60 -19.69 -25.33
CA THR S 76 35.81 -20.92 -25.23
C THR S 76 35.75 -21.36 -23.78
N ILE S 77 34.54 -21.62 -23.28
CA ILE S 77 34.35 -22.03 -21.90
C ILE S 77 33.42 -23.24 -21.87
N VAL S 78 33.71 -24.19 -20.99
CA VAL S 78 32.89 -25.39 -20.81
C VAL S 78 32.32 -25.36 -19.40
N VAL S 79 30.99 -25.42 -19.29
CA VAL S 79 30.29 -25.24 -18.03
C VAL S 79 29.51 -26.51 -17.71
N ALA S 80 29.66 -27.01 -16.48
CA ALA S 80 28.92 -28.18 -16.04
C ALA S 80 27.52 -27.78 -15.60
N THR S 81 26.65 -28.78 -15.45
CA THR S 81 25.27 -28.54 -15.07
C THR S 81 25.18 -28.19 -13.59
N GLY S 82 24.39 -27.18 -13.27
CA GLY S 82 24.25 -26.73 -11.91
C GLY S 82 25.27 -25.71 -11.46
N SER S 83 26.13 -25.22 -12.35
CA SER S 83 27.13 -24.23 -12.04
C SER S 83 27.08 -23.11 -13.08
N SER S 84 27.93 -22.11 -12.89
CA SER S 84 27.93 -20.93 -13.75
C SER S 84 29.36 -20.56 -14.10
N ALA S 85 29.50 -19.63 -15.05
CA ALA S 85 30.82 -19.13 -15.41
C ALA S 85 30.68 -17.73 -16.00
N SER S 86 31.57 -16.83 -15.59
CA SER S 86 31.50 -15.44 -16.02
C SER S 86 32.64 -15.11 -16.97
N PHE S 87 32.58 -13.93 -17.59
CA PHE S 87 33.55 -13.56 -18.61
C PHE S 87 33.50 -12.07 -18.89
N THR S 88 34.57 -11.59 -19.53
CA THR S 88 34.59 -10.31 -20.24
C THR S 88 35.48 -10.44 -21.45
N VAL S 89 35.01 -9.94 -22.60
CA VAL S 89 35.62 -10.20 -23.89
C VAL S 89 35.49 -8.95 -24.76
N ARG S 90 36.45 -8.75 -25.66
CA ARG S 90 36.39 -7.68 -26.64
C ARG S 90 36.65 -8.26 -28.03
N ARG S 91 36.29 -7.48 -29.05
CA ARG S 91 36.40 -7.88 -30.45
C ARG S 91 35.93 -9.31 -30.71
N PHE S 92 34.62 -9.50 -30.62
CA PHE S 92 33.98 -10.73 -31.04
C PHE S 92 32.79 -10.40 -31.92
N ASP S 93 32.40 -11.35 -32.75
CA ASP S 93 31.36 -11.13 -33.74
C ASP S 93 30.11 -11.94 -33.45
N THR S 94 30.24 -13.21 -33.06
CA THR S 94 29.09 -14.03 -32.72
C THR S 94 29.40 -14.84 -31.49
N VAL S 95 28.37 -15.39 -30.88
CA VAL S 95 28.51 -16.34 -29.77
C VAL S 95 27.64 -17.55 -30.07
N THR S 96 28.19 -18.74 -29.84
CA THR S 96 27.45 -19.97 -30.06
C THR S 96 27.51 -20.86 -28.84
N ILE S 97 26.43 -21.62 -28.64
CA ILE S 97 26.36 -22.61 -27.56
C ILE S 97 26.14 -23.99 -28.16
N LEU S 98 26.78 -24.97 -27.53
CA LEU S 98 26.71 -26.37 -27.95
C LEU S 98 26.40 -27.22 -26.73
N GLY S 99 25.43 -28.12 -26.86
CA GLY S 99 25.05 -29.00 -25.78
C GLY S 99 24.77 -30.40 -26.27
N THR S 100 24.65 -31.31 -25.31
CA THR S 100 24.30 -32.69 -25.61
C THR S 100 22.86 -32.75 -26.14
N ALA S 101 22.51 -33.85 -26.78
CA ALA S 101 21.15 -34.01 -27.29
C ALA S 101 20.18 -34.41 -26.18
N ALA S 102 20.23 -33.65 -25.09
CA ALA S 102 19.32 -33.80 -23.98
C ALA S 102 18.56 -32.51 -23.68
N ALA S 103 18.75 -31.48 -24.50
CA ALA S 103 18.05 -30.21 -24.38
C ALA S 103 18.25 -29.58 -23.01
N GLU S 104 19.51 -29.28 -22.70
CA GLU S 104 19.81 -28.49 -21.52
C GLU S 104 19.23 -27.10 -21.70
N THR S 105 18.93 -26.46 -20.58
CA THR S 105 18.42 -25.08 -20.64
C THR S 105 19.00 -24.26 -19.50
N GLY S 106 19.05 -22.96 -19.73
CA GLY S 106 19.65 -22.06 -18.78
C GLY S 106 19.45 -20.61 -19.16
N GLU S 107 20.25 -19.75 -18.56
CA GLU S 107 20.14 -18.31 -18.72
C GLU S 107 21.39 -17.73 -19.37
N PHE S 108 21.31 -16.47 -19.77
CA PHE S 108 22.45 -15.78 -20.38
C PHE S 108 22.26 -14.28 -20.22
N CYS S 109 23.16 -13.64 -19.50
CA CYS S 109 23.11 -12.20 -19.23
C CYS S 109 24.38 -11.54 -19.71
N MET S 110 24.26 -10.35 -20.29
CA MET S 110 25.43 -9.68 -20.83
C MET S 110 25.22 -8.17 -20.86
N THR S 111 26.23 -7.42 -20.38
CA THR S 111 26.27 -5.97 -20.50
C THR S 111 27.32 -5.59 -21.53
N ILE S 112 26.98 -4.62 -22.37
CA ILE S 112 27.75 -4.29 -23.56
C ILE S 112 28.14 -2.83 -23.52
N ARG S 113 29.42 -2.54 -23.76
CA ARG S 113 29.92 -1.17 -23.81
C ARG S 113 30.37 -0.85 -25.23
N TYR S 114 29.96 0.31 -25.73
CA TYR S 114 30.53 0.77 -26.99
C TYR S 114 30.64 2.28 -26.95
N THR S 115 31.75 2.77 -27.47
CA THR S 115 32.12 4.18 -27.43
C THR S 115 31.74 4.92 -28.69
N LEU S 116 30.49 4.80 -29.14
CA LEU S 116 30.08 5.50 -30.34
C LEU S 116 28.99 6.53 -30.05
N SER S 117 27.86 6.10 -29.52
CA SER S 117 26.74 6.99 -29.28
C SER S 117 25.72 6.32 -28.40
N THR T 6 52.46 22.88 -22.09
CA THR T 6 51.87 23.17 -23.38
C THR T 6 52.80 22.75 -24.52
N ASN T 7 53.69 21.80 -24.22
CA ASN T 7 54.63 21.26 -25.19
C ASN T 7 54.23 19.83 -25.52
N LEU T 8 54.14 19.53 -26.80
CA LEU T 8 53.71 18.20 -27.22
C LEU T 8 54.74 17.15 -26.81
N SER T 9 54.24 16.03 -26.29
CA SER T 9 55.10 14.94 -25.83
C SER T 9 54.37 13.64 -26.09
N CYS T 10 55.10 12.67 -26.63
CA CYS T 10 54.51 11.38 -26.99
C CYS T 10 54.87 10.40 -25.86
N CYS T 11 54.19 10.54 -24.73
CA CYS T 11 54.47 9.78 -23.51
C CYS T 11 53.26 8.91 -23.21
N ALA T 12 53.43 7.59 -23.34
CA ALA T 12 52.32 6.66 -23.21
C ALA T 12 51.93 6.47 -21.75
N ASN T 13 52.87 5.99 -20.93
CA ASN T 13 52.60 5.84 -19.51
C ASN T 13 52.57 7.22 -18.85
N GLY T 14 51.59 8.03 -19.25
CA GLY T 14 51.56 9.42 -18.86
C GLY T 14 50.80 9.68 -17.58
N GLN T 15 49.70 10.41 -17.69
CA GLN T 15 48.90 10.75 -16.51
C GLN T 15 48.34 9.47 -15.89
N LYS T 16 48.34 9.44 -14.55
CA LYS T 16 47.85 8.30 -13.80
C LYS T 16 46.75 8.77 -12.86
N THR T 17 45.65 8.03 -12.85
CA THR T 17 44.51 8.35 -12.01
C THR T 17 44.48 7.42 -10.81
N ILE T 18 43.83 7.88 -9.76
CA ILE T 18 43.68 7.14 -8.51
C ILE T 18 42.27 6.60 -8.44
N VAL T 19 42.14 5.31 -8.12
CA VAL T 19 40.84 4.68 -8.07
C VAL T 19 40.68 3.99 -6.72
N GLN T 20 39.42 3.76 -6.36
CA GLN T 20 39.04 3.23 -5.06
C GLN T 20 38.04 2.10 -5.21
N ASP T 21 38.21 1.06 -4.39
CA ASP T 21 37.34 -0.11 -4.36
C ASP T 21 36.93 -0.36 -2.92
N LYS T 22 35.98 -1.26 -2.73
CA LYS T 22 35.48 -1.56 -1.39
C LYS T 22 35.10 -3.04 -1.31
N VAL T 23 35.34 -3.65 -0.15
CA VAL T 23 34.96 -5.04 0.10
C VAL T 23 34.44 -5.19 1.52
N CYS T 24 33.50 -6.12 1.67
CA CYS T 24 32.83 -6.40 2.94
C CYS T 24 32.71 -7.91 3.04
N ILE T 25 33.08 -8.49 4.17
CA ILE T 25 32.86 -9.92 4.37
C ILE T 25 32.51 -10.20 5.82
N ASP T 26 31.99 -11.41 6.04
CA ASP T 26 31.76 -11.98 7.36
C ASP T 26 32.70 -13.17 7.54
N TRP T 27 33.34 -13.24 8.70
CA TRP T 27 34.38 -14.24 8.92
C TRP T 27 34.11 -15.03 10.19
N THR T 28 34.59 -16.27 10.18
CA THR T 28 34.62 -17.16 11.33
C THR T 28 36.05 -17.61 11.55
N ALA T 29 36.51 -17.50 12.79
CA ALA T 29 37.92 -17.71 13.12
C ALA T 29 38.13 -19.03 13.83
N ALA T 30 39.06 -19.84 13.33
CA ALA T 30 39.47 -21.06 14.00
C ALA T 30 40.71 -20.78 14.85
N ALA T 31 41.27 -21.83 15.46
CA ALA T 31 42.50 -21.65 16.25
C ALA T 31 43.74 -21.87 15.42
N THR T 32 43.79 -21.27 14.24
CA THR T 32 44.96 -21.23 13.37
C THR T 32 44.86 -19.96 12.56
N ALA T 33 46.00 -19.49 12.06
CA ALA T 33 45.98 -18.30 11.23
C ALA T 33 45.20 -18.57 9.95
N ALA T 34 44.26 -17.70 9.63
CA ALA T 34 43.43 -17.85 8.45
C ALA T 34 43.58 -16.62 7.56
N ILE T 35 43.78 -16.86 6.27
CA ILE T 35 43.92 -15.75 5.32
C ILE T 35 42.55 -15.12 5.08
N ILE T 36 42.48 -13.81 5.26
CA ILE T 36 41.23 -13.08 5.11
C ILE T 36 41.28 -12.12 3.93
N TYR T 37 42.46 -11.83 3.40
CA TYR T 37 42.61 -10.90 2.29
C TYR T 37 43.99 -11.11 1.67
N ALA T 38 44.08 -10.97 0.34
CA ALA T 38 45.34 -11.16 -0.36
C ALA T 38 45.32 -10.40 -1.66
N ASP T 39 46.49 -9.93 -2.08
CA ASP T 39 46.61 -9.19 -3.33
C ASP T 39 47.96 -9.46 -3.94
N ASN T 40 48.22 -8.82 -5.08
CA ASN T 40 49.54 -8.83 -5.67
C ASN T 40 50.02 -7.45 -6.07
N ILE T 41 49.24 -6.41 -5.79
CA ILE T 41 49.71 -5.04 -6.01
C ILE T 41 50.27 -4.51 -4.70
N SER T 42 51.41 -5.02 -4.29
CA SER T 42 51.90 -4.71 -2.96
C SER T 42 52.58 -3.36 -2.87
N GLN T 43 53.12 -2.85 -3.98
CA GLN T 43 53.94 -1.65 -3.92
C GLN T 43 53.13 -0.38 -3.77
N ASP T 44 51.95 -0.31 -4.38
CA ASP T 44 51.12 0.90 -4.30
C ASP T 44 49.71 0.48 -3.88
N ILE T 45 49.47 0.43 -2.57
CA ILE T 45 48.14 0.13 -2.07
C ILE T 45 47.97 0.83 -0.73
N TYR T 46 46.83 1.45 -0.55
CA TYR T 46 46.48 2.12 0.70
C TYR T 46 45.08 1.65 1.09
N ALA T 47 44.94 1.13 2.29
CA ALA T 47 43.68 0.53 2.71
C ALA T 47 43.27 1.06 4.06
N SER T 48 41.99 1.42 4.18
CA SER T 48 41.40 1.84 5.43
C SER T 48 40.19 0.98 5.73
N GLY T 49 39.91 0.77 7.01
CA GLY T 49 38.74 -0.02 7.36
C GLY T 49 38.66 -0.30 8.84
N TYR T 50 37.82 -1.27 9.18
CA TYR T 50 37.62 -1.68 10.56
C TYR T 50 37.43 -3.18 10.63
N LEU T 51 37.64 -3.72 11.83
CA LEU T 51 37.33 -5.10 12.17
C LEU T 51 36.45 -5.10 13.40
N LYS T 52 35.33 -5.83 13.33
CA LYS T 52 34.39 -5.95 14.43
C LYS T 52 34.27 -7.41 14.84
N VAL T 53 34.47 -7.68 16.12
CA VAL T 53 34.34 -9.03 16.66
C VAL T 53 32.95 -9.13 17.28
N ASP T 54 32.09 -9.93 16.67
CA ASP T 54 30.68 -9.96 17.04
C ASP T 54 30.42 -10.95 18.16
N THR T 55 30.71 -12.24 17.93
CA THR T 55 30.42 -13.25 18.92
C THR T 55 31.62 -14.15 19.11
N GLY T 56 31.66 -14.78 20.28
CA GLY T 56 32.71 -15.69 20.68
C GLY T 56 33.30 -15.25 21.99
N THR T 57 34.45 -15.84 22.32
CA THR T 57 35.19 -15.47 23.52
C THR T 57 36.65 -15.32 23.17
N GLY T 58 37.37 -14.56 23.99
CA GLY T 58 38.79 -14.39 23.80
C GLY T 58 39.09 -13.45 22.66
N PRO T 59 40.21 -12.76 22.75
CA PRO T 59 40.54 -11.75 21.73
C PRO T 59 40.86 -12.39 20.40
N VAL T 60 40.67 -11.61 19.34
CA VAL T 60 41.01 -12.00 17.97
C VAL T 60 42.14 -11.10 17.50
N THR T 61 43.16 -11.70 16.90
CA THR T 61 44.36 -11.00 16.48
C THR T 61 44.41 -10.90 14.97
N ILE T 62 44.54 -9.69 14.45
CA ILE T 62 44.66 -9.42 13.02
C ILE T 62 46.07 -8.96 12.73
N VAL T 63 46.67 -9.54 11.68
CA VAL T 63 48.06 -9.25 11.33
C VAL T 63 48.14 -8.96 9.84
N PHE T 64 48.80 -7.87 9.48
CA PHE T 64 49.10 -7.51 8.10
C PHE T 64 50.52 -7.93 7.76
N TYR T 65 50.69 -8.63 6.65
CA TYR T 65 51.98 -9.17 6.25
C TYR T 65 52.42 -8.60 4.92
N SER T 66 53.68 -8.18 4.86
CA SER T 66 54.31 -7.72 3.64
C SER T 66 55.37 -8.74 3.25
N GLY T 67 55.13 -9.47 2.17
CA GLY T 67 56.06 -10.50 1.75
C GLY T 67 55.64 -11.88 2.19
N GLY T 68 54.35 -12.19 2.05
CA GLY T 68 53.85 -13.49 2.43
C GLY T 68 53.61 -13.60 3.92
N VAL T 69 53.04 -14.74 4.31
CA VAL T 69 52.73 -14.96 5.72
C VAL T 69 54.01 -15.07 6.53
N THR T 70 55.06 -15.63 5.94
CA THR T 70 56.37 -15.67 6.59
C THR T 70 57.19 -14.46 6.14
N GLY T 71 56.58 -13.29 6.30
CA GLY T 71 57.22 -12.05 5.90
C GLY T 71 57.49 -11.15 7.07
N THR T 72 56.96 -9.93 7.03
CA THR T 72 57.18 -8.96 8.09
C THR T 72 55.84 -8.42 8.55
N ALA T 73 55.57 -8.54 9.85
CA ALA T 73 54.31 -8.06 10.39
C ALA T 73 54.30 -6.55 10.47
N VAL T 74 53.88 -5.88 9.40
CA VAL T 74 53.87 -4.42 9.40
C VAL T 74 52.85 -3.86 10.37
N GLU T 75 51.82 -4.63 10.73
CA GLU T 75 50.80 -4.17 11.66
C GLU T 75 50.15 -5.36 12.35
N THR T 76 49.78 -5.17 13.62
CA THR T 76 49.14 -6.22 14.40
C THR T 76 48.21 -5.56 15.42
N ILE T 77 46.96 -6.00 15.46
CA ILE T 77 45.96 -5.46 16.38
C ILE T 77 45.24 -6.60 17.07
N VAL T 78 44.96 -6.43 18.37
CA VAL T 78 44.23 -7.42 19.16
C VAL T 78 42.92 -6.79 19.60
N VAL T 79 41.80 -7.44 19.27
CA VAL T 79 40.47 -6.89 19.46
C VAL T 79 39.69 -7.81 20.40
N ALA T 80 39.08 -7.22 21.42
CA ALA T 80 38.25 -7.98 22.34
C ALA T 80 36.85 -8.19 21.75
N THR T 81 36.11 -9.11 22.36
CA THR T 81 34.77 -9.44 21.88
C THR T 81 33.80 -8.34 22.26
N GLY T 82 32.95 -7.95 21.31
CA GLY T 82 32.00 -6.90 21.53
C GLY T 82 32.50 -5.51 21.23
N SER T 83 33.71 -5.37 20.70
CA SER T 83 34.28 -4.08 20.37
C SER T 83 34.86 -4.14 18.96
N SER T 84 35.40 -3.02 18.50
CA SER T 84 35.88 -2.89 17.13
C SER T 84 37.22 -2.17 17.14
N ALA T 85 37.88 -2.19 15.98
CA ALA T 85 39.14 -1.45 15.84
C ALA T 85 39.36 -1.11 14.37
N SER T 86 39.78 0.12 14.10
CA SER T 86 39.96 0.61 12.75
C SER T 86 41.43 0.78 12.42
N PHE T 87 41.73 1.02 11.14
CA PHE T 87 43.11 1.07 10.69
C PHE T 87 43.21 1.71 9.31
N THR T 88 44.43 2.13 8.97
CA THR T 88 44.84 2.42 7.60
C THR T 88 46.30 2.01 7.44
N VAL T 89 46.60 1.32 6.34
CA VAL T 89 47.90 0.66 6.15
C VAL T 89 48.29 0.75 4.68
N ARG T 90 49.59 0.78 4.42
CA ARG T 90 50.12 0.72 3.07
C ARG T 90 51.19 -0.35 2.99
N ARG T 91 51.50 -0.77 1.75
CA ARG T 91 52.46 -1.83 1.47
C ARG T 91 52.27 -3.05 2.37
N PHE T 92 51.19 -3.77 2.13
CA PHE T 92 50.97 -5.08 2.73
C PHE T 92 50.55 -6.06 1.66
N ASP T 93 50.79 -7.33 1.92
CA ASP T 93 50.55 -8.38 0.94
C ASP T 93 49.41 -9.30 1.31
N THR T 94 49.31 -9.70 2.58
CA THR T 94 48.22 -10.55 3.03
C THR T 94 47.72 -10.05 4.38
N VAL T 95 46.54 -10.52 4.78
CA VAL T 95 46.00 -10.26 6.11
C VAL T 95 45.54 -11.59 6.68
N THR T 96 45.86 -11.84 7.95
CA THR T 96 45.43 -13.06 8.60
C THR T 96 44.76 -12.76 9.93
N ILE T 97 43.81 -13.61 10.29
CA ILE T 97 43.12 -13.51 11.57
C ILE T 97 43.34 -14.80 12.36
N LEU T 98 43.48 -14.63 13.67
CA LEU T 98 43.72 -15.73 14.59
C LEU T 98 42.76 -15.60 15.76
N GLY T 99 42.09 -16.68 16.12
CA GLY T 99 41.15 -16.69 17.22
C GLY T 99 41.27 -17.96 18.05
N THR T 100 40.61 -17.92 19.20
CA THR T 100 40.54 -19.07 20.09
C THR T 100 39.74 -20.18 19.40
N ALA T 101 39.87 -21.40 19.89
CA ALA T 101 39.11 -22.52 19.33
C ALA T 101 37.69 -22.53 19.86
N ALA T 102 37.03 -21.37 19.75
CA ALA T 102 35.63 -21.21 20.09
C ALA T 102 34.83 -20.67 18.93
N ALA T 103 35.45 -20.52 17.76
CA ALA T 103 34.79 -20.09 16.53
C ALA T 103 34.09 -18.73 16.72
N GLU T 104 34.90 -17.72 17.03
CA GLU T 104 34.39 -16.36 17.03
C GLU T 104 34.01 -15.97 15.62
N THR T 105 33.06 -15.04 15.51
CA THR T 105 32.67 -14.56 14.19
C THR T 105 32.42 -13.07 14.24
N GLY T 106 32.56 -12.45 13.07
CA GLY T 106 32.43 -11.02 12.98
C GLY T 106 32.46 -10.54 11.54
N GLU T 107 32.71 -9.24 11.37
CA GLU T 107 32.69 -8.58 10.08
C GLU T 107 34.06 -8.03 9.72
N PHE T 108 34.21 -7.61 8.47
CA PHE T 108 35.46 -7.03 8.01
C PHE T 108 35.18 -6.18 6.78
N CYS T 109 35.43 -4.88 6.89
CA CYS T 109 35.19 -3.92 5.82
C CYS T 109 36.48 -3.19 5.47
N MET T 110 36.71 -2.95 4.18
CA MET T 110 37.95 -2.30 3.77
C MET T 110 37.76 -1.57 2.45
N THR T 111 38.24 -0.33 2.39
CA THR T 111 38.31 0.44 1.16
C THR T 111 39.77 0.55 0.71
N ILE T 112 39.99 0.39 -0.58
CA ILE T 112 41.32 0.20 -1.15
C ILE T 112 41.56 1.26 -2.21
N ARG T 113 42.70 1.93 -2.13
CA ARG T 113 43.10 2.92 -3.11
C ARG T 113 44.32 2.43 -3.88
N TYR T 114 44.27 2.56 -5.21
CA TYR T 114 45.47 2.30 -5.98
C TYR T 114 45.51 3.25 -7.16
N THR T 115 46.70 3.77 -7.44
CA THR T 115 46.92 4.79 -8.46
C THR T 115 47.37 4.20 -9.78
N LEU T 116 46.65 3.21 -10.29
CA LEU T 116 47.05 2.62 -11.57
C LEU T 116 45.98 2.83 -12.64
N SER T 117 44.77 2.35 -12.42
CA SER T 117 43.72 2.45 -13.41
C SER T 117 42.39 2.10 -12.79
N THR U 6 59.59 29.60 -14.34
CA THR U 6 59.90 28.64 -15.38
C THR U 6 61.33 28.15 -15.27
N ASN U 7 61.90 28.23 -14.06
CA ASN U 7 63.24 27.77 -13.77
C ASN U 7 63.16 26.54 -12.89
N LEU U 8 63.88 25.48 -13.28
CA LEU U 8 63.82 24.24 -12.54
C LEU U 8 64.41 24.41 -11.15
N SER U 9 63.74 23.84 -10.16
CA SER U 9 64.17 23.94 -8.78
C SER U 9 63.79 22.66 -8.07
N CYS U 10 64.71 22.12 -7.28
CA CYS U 10 64.51 20.85 -6.59
C CYS U 10 64.13 21.18 -5.15
N CYS U 11 62.89 21.64 -4.96
CA CYS U 11 62.40 22.12 -3.67
C CYS U 11 61.29 21.21 -3.21
N ALA U 12 61.54 20.44 -2.15
CA ALA U 12 60.60 19.42 -1.70
C ALA U 12 59.41 20.05 -0.97
N ASN U 13 59.67 20.77 0.11
CA ASN U 13 58.61 21.46 0.82
C ASN U 13 58.14 22.65 0.00
N GLY U 14 57.58 22.38 -1.17
CA GLY U 14 57.29 23.41 -2.13
C GLY U 14 55.90 24.00 -2.00
N GLN U 15 55.06 23.80 -3.02
CA GLN U 15 53.71 24.34 -2.99
C GLN U 15 52.92 23.72 -1.85
N LYS U 16 52.13 24.56 -1.19
CA LYS U 16 51.30 24.13 -0.06
C LYS U 16 49.85 24.43 -0.37
N THR U 17 48.99 23.46 -0.13
CA THR U 17 47.57 23.60 -0.36
C THR U 17 46.83 23.82 0.96
N ILE U 18 45.66 24.43 0.86
CA ILE U 18 44.83 24.72 2.01
C ILE U 18 43.67 23.74 2.02
N VAL U 19 43.41 23.14 3.17
CA VAL U 19 42.36 22.14 3.28
C VAL U 19 41.42 22.52 4.42
N GLN U 20 40.21 21.98 4.36
CA GLN U 20 39.14 22.31 5.28
C GLN U 20 38.46 21.06 5.80
N ASP U 21 38.14 21.06 7.09
CA ASP U 21 37.46 19.97 7.77
C ASP U 21 36.26 20.54 8.53
N LYS U 22 35.41 19.66 9.03
CA LYS U 22 34.22 20.08 9.75
C LYS U 22 33.91 19.09 10.85
N VAL U 23 33.41 19.60 11.99
CA VAL U 23 33.00 18.76 13.11
C VAL U 23 31.73 19.31 13.72
N CYS U 24 30.92 18.40 14.25
CA CYS U 24 29.63 18.71 14.86
C CYS U 24 29.51 17.84 16.10
N ILE U 25 29.13 18.41 17.23
CA ILE U 25 28.88 17.61 18.42
C ILE U 25 27.72 18.18 19.22
N ASP U 26 27.22 17.37 20.13
CA ASP U 26 26.25 17.78 21.14
C ASP U 26 26.92 17.67 22.50
N TRP U 27 26.74 18.69 23.33
CA TRP U 27 27.44 18.78 24.60
C TRP U 27 26.49 19.00 25.75
N THR U 28 26.92 18.52 26.92
CA THR U 28 26.26 18.76 28.20
C THR U 28 27.27 19.36 29.16
N ALA U 29 26.89 20.45 29.81
CA ALA U 29 27.82 21.25 30.59
C ALA U 29 27.58 21.04 32.09
N ALA U 30 28.65 20.73 32.81
CA ALA U 30 28.61 20.66 34.26
C ALA U 30 29.07 22.00 34.85
N ALA U 31 29.17 22.06 36.17
CA ALA U 31 29.67 23.28 36.82
C ALA U 31 31.17 23.26 37.02
N THR U 32 31.91 22.87 35.99
CA THR U 32 33.36 22.94 35.93
C THR U 32 33.74 23.11 34.47
N ALA U 33 34.93 23.63 34.24
CA ALA U 33 35.39 23.79 32.87
C ALA U 33 35.55 22.42 32.22
N ALA U 34 34.97 22.24 31.05
CA ALA U 34 35.03 20.98 30.33
C ALA U 34 35.65 21.19 28.97
N ILE U 35 36.61 20.34 28.61
CA ILE U 35 37.26 20.43 27.30
C ILE U 35 36.29 19.96 26.23
N ILE U 36 36.09 20.80 25.21
CA ILE U 36 35.18 20.49 24.12
C ILE U 36 35.89 20.32 22.80
N TYR U 37 37.15 20.74 22.70
CA TYR U 37 37.93 20.64 21.48
C TYR U 37 39.40 20.82 21.81
N ALA U 38 40.26 20.11 21.09
CA ALA U 38 41.69 20.18 21.35
C ALA U 38 42.45 19.78 20.09
N ASP U 39 43.61 20.37 19.90
CA ASP U 39 44.45 20.06 18.75
C ASP U 39 45.91 20.20 19.13
N ASN U 40 46.78 19.98 18.16
CA ASN U 40 48.20 20.26 18.33
C ASN U 40 48.78 21.05 17.16
N ILE U 41 47.96 21.44 16.19
CA ILE U 41 48.43 22.32 15.13
C ILE U 41 48.07 23.75 15.50
N SER U 42 48.74 24.30 16.50
CA SER U 42 48.31 25.58 17.04
C SER U 42 48.77 26.76 16.20
N GLN U 43 49.85 26.61 15.44
CA GLN U 43 50.44 27.76 14.76
C GLN U 43 49.66 28.19 13.53
N ASP U 44 49.09 27.25 12.78
CA ASP U 44 48.35 27.57 11.57
C ASP U 44 46.99 26.89 11.63
N ILE U 45 46.01 27.57 12.21
CA ILE U 45 44.66 27.05 12.25
C ILE U 45 43.70 28.22 12.26
N TYR U 46 42.64 28.12 11.47
CA TYR U 46 41.59 29.12 11.39
C TYR U 46 40.28 28.39 11.50
N ALA U 47 39.44 28.79 12.45
CA ALA U 47 38.21 28.07 12.71
C ALA U 47 37.05 29.03 12.79
N SER U 48 35.95 28.67 12.13
CA SER U 48 34.71 29.42 12.17
C SER U 48 33.58 28.49 12.61
N GLY U 49 32.60 29.05 13.30
CA GLY U 49 31.48 28.23 13.72
C GLY U 49 30.51 28.96 14.62
N TYR U 50 29.67 28.19 15.30
CA TYR U 50 28.68 28.75 16.22
C TYR U 50 28.54 27.82 17.42
N LEU U 51 27.99 28.39 18.49
CA LEU U 51 27.58 27.64 19.67
C LEU U 51 26.12 27.98 19.96
N LYS U 52 25.31 26.97 20.16
CA LYS U 52 23.89 27.12 20.46
C LYS U 52 23.60 26.47 21.81
N VAL U 53 22.98 27.22 22.70
CA VAL U 53 22.59 26.72 24.01
C VAL U 53 21.11 26.37 23.92
N ASP U 54 20.82 25.07 24.00
CA ASP U 54 19.48 24.58 23.73
C ASP U 54 18.62 24.58 24.98
N THR U 55 19.02 23.85 26.01
CA THR U 55 18.21 23.75 27.22
C THR U 55 19.08 23.96 28.44
N GLY U 56 18.42 24.35 29.52
CA GLY U 56 19.04 24.62 30.80
C GLY U 56 18.71 26.01 31.27
N THR U 57 19.43 26.46 32.28
CA THR U 57 19.29 27.81 32.79
C THR U 57 20.66 28.42 32.99
N GLY U 58 20.71 29.75 33.00
CA GLY U 58 21.94 30.45 33.25
C GLY U 58 22.85 30.41 32.04
N PRO U 59 23.67 31.44 31.89
CA PRO U 59 24.52 31.53 30.70
C PRO U 59 25.61 30.47 30.70
N VAL U 60 26.07 30.15 29.49
CA VAL U 60 27.18 29.22 29.27
C VAL U 60 28.34 30.02 28.70
N THR U 61 29.53 29.79 29.24
CA THR U 61 30.72 30.55 28.86
C THR U 61 31.68 29.66 28.08
N ILE U 62 32.06 30.11 26.89
CA ILE U 62 33.01 29.40 26.04
C ILE U 62 34.30 30.19 26.00
N VAL U 63 35.43 29.49 26.18
CA VAL U 63 36.73 30.13 26.23
C VAL U 63 37.70 29.39 25.31
N PHE U 64 38.41 30.14 24.48
CA PHE U 64 39.46 29.60 23.62
C PHE U 64 40.81 29.87 24.28
N TYR U 65 41.65 28.84 24.38
CA TYR U 65 42.92 28.92 25.06
C TYR U 65 44.06 28.63 24.10
N SER U 66 45.09 29.46 24.16
CA SER U 66 46.32 29.27 23.42
C SER U 66 47.43 28.97 24.42
N GLY U 67 47.91 27.73 24.42
CA GLY U 67 48.94 27.33 25.37
C GLY U 67 48.37 26.61 26.57
N GLY U 68 47.44 25.70 26.32
CA GLY U 68 46.84 24.92 27.39
C GLY U 68 45.76 25.69 28.11
N VAL U 69 45.09 24.99 29.03
CA VAL U 69 44.00 25.60 29.78
C VAL U 69 44.53 26.71 30.68
N THR U 70 45.73 26.54 31.21
CA THR U 70 46.39 27.60 31.98
C THR U 70 47.28 28.42 31.05
N GLY U 71 46.67 28.90 29.98
CA GLY U 71 47.38 29.67 28.99
C GLY U 71 46.86 31.09 28.90
N THR U 72 46.43 31.49 27.72
CA THR U 72 45.94 32.85 27.50
C THR U 72 44.58 32.77 26.83
N ALA U 73 43.58 33.40 27.45
CA ALA U 73 42.23 33.38 26.90
C ALA U 73 42.14 34.32 25.70
N VAL U 74 42.44 33.80 24.51
CA VAL U 74 42.40 34.63 23.31
C VAL U 74 40.98 35.07 22.97
N GLU U 75 39.96 34.34 23.43
CA GLU U 75 38.58 34.67 23.16
C GLU U 75 37.68 34.10 24.24
N THR U 76 36.61 34.83 24.56
CA THR U 76 35.65 34.40 25.57
C THR U 76 34.28 34.96 25.22
N ILE U 77 33.27 34.10 25.18
CA ILE U 77 31.91 34.50 24.83
C ILE U 77 30.95 33.92 25.86
N VAL U 78 29.94 34.70 26.24
CA VAL U 78 28.90 34.26 27.18
C VAL U 78 27.57 34.24 26.44
N VAL U 79 26.90 33.09 26.43
CA VAL U 79 25.71 32.87 25.64
C VAL U 79 24.55 32.54 26.56
N ALA U 80 23.42 33.22 26.38
CA ALA U 80 22.23 32.94 27.16
C ALA U 80 21.48 31.74 26.58
N THR U 81 20.54 31.22 27.37
CA THR U 81 19.78 30.05 26.97
C THR U 81 18.75 30.43 25.92
N GLY U 82 18.65 29.61 24.88
CA GLY U 82 17.72 29.88 23.80
C GLY U 82 18.26 30.76 22.69
N SER U 83 19.54 31.11 22.74
CA SER U 83 20.17 31.93 21.72
C SER U 83 21.48 31.29 21.29
N SER U 84 22.16 31.92 20.33
CA SER U 84 23.37 31.36 19.74
C SER U 84 24.40 32.46 19.60
N ALA U 85 25.64 32.05 19.30
CA ALA U 85 26.70 33.01 19.04
C ALA U 85 27.75 32.39 18.14
N SER U 86 28.22 33.15 17.15
CA SER U 86 29.17 32.65 16.16
C SER U 86 30.54 33.29 16.37
N PHE U 87 31.53 32.75 15.66
CA PHE U 87 32.91 33.20 15.87
C PHE U 87 33.80 32.73 14.73
N THR U 88 34.97 33.38 14.63
CA THR U 88 36.12 32.88 13.89
C THR U 88 37.39 33.28 14.63
N VAL U 89 38.31 32.33 14.77
CA VAL U 89 39.47 32.48 15.64
C VAL U 89 40.67 31.79 15.01
N ARG U 90 41.86 32.30 15.29
CA ARG U 90 43.10 31.67 14.88
C ARG U 90 44.03 31.53 16.07
N ARG U 91 45.04 30.67 15.92
CA ARG U 91 46.00 30.35 16.97
C ARG U 91 45.34 30.13 18.33
N PHE U 92 44.65 29.01 18.44
CA PHE U 92 44.14 28.53 19.71
C PHE U 92 44.49 27.07 19.87
N ASP U 93 44.54 26.61 21.12
CA ASP U 93 44.99 25.27 21.42
C ASP U 93 43.87 24.40 21.97
N THR U 94 43.04 24.92 22.86
CA THR U 94 41.91 24.16 23.40
C THR U 94 40.70 25.07 23.48
N VAL U 95 39.53 24.45 23.65
CA VAL U 95 38.29 25.17 23.89
C VAL U 95 37.61 24.53 25.10
N THR U 96 37.10 25.37 26.00
CA THR U 96 36.40 24.85 27.17
C THR U 96 35.06 25.54 27.32
N ILE U 97 34.11 24.80 27.87
CA ILE U 97 32.78 25.31 28.18
C ILE U 97 32.52 25.19 29.67
N LEU U 98 31.82 26.20 30.20
CA LEU U 98 31.48 26.28 31.61
C LEU U 98 30.01 26.62 31.74
N GLY U 99 29.30 25.87 32.58
CA GLY U 99 27.88 26.10 32.79
C GLY U 99 27.50 25.95 34.25
N THR U 100 26.28 26.38 34.55
CA THR U 100 25.72 26.24 35.88
C THR U 100 25.53 24.76 36.19
N ALA U 101 25.36 24.43 37.47
CA ALA U 101 25.13 23.04 37.87
C ALA U 101 23.68 22.64 37.64
N ALA U 102 23.19 22.93 36.44
CA ALA U 102 21.87 22.52 35.99
C ALA U 102 21.92 21.69 34.73
N ALA U 103 23.12 21.35 34.26
CA ALA U 103 23.32 20.47 33.10
C ALA U 103 22.62 21.02 31.87
N GLU U 104 23.04 22.21 31.46
CA GLU U 104 22.60 22.75 30.18
C GLU U 104 23.14 21.88 29.07
N THR U 105 22.43 21.87 27.94
CA THR U 105 22.90 21.09 26.80
C THR U 105 22.64 21.86 25.52
N GLY U 106 23.44 21.55 24.51
CA GLY U 106 23.35 22.26 23.24
C GLY U 106 24.23 21.63 22.19
N GLU U 107 24.50 22.39 21.14
CA GLU U 107 25.25 21.94 19.98
C GLU U 107 26.54 22.73 19.82
N PHE U 108 27.41 22.25 18.93
CA PHE U 108 28.67 22.92 18.65
C PHE U 108 29.16 22.49 17.28
N CYS U 109 29.26 23.44 16.35
CA CYS U 109 29.69 23.19 14.99
C CYS U 109 30.91 24.04 14.66
N MET U 110 31.86 23.47 13.93
CA MET U 110 33.07 24.20 13.61
C MET U 110 33.71 23.69 12.34
N THR U 111 34.09 24.62 11.45
CA THR U 111 34.88 24.31 10.26
C THR U 111 36.30 24.82 10.45
N ILE U 112 37.27 24.01 10.03
CA ILE U 112 38.67 24.21 10.37
C ILE U 112 39.48 24.28 9.08
N ARG U 113 40.32 25.29 8.95
CA ARG U 113 41.19 25.44 7.81
C ARG U 113 42.65 25.28 8.25
N TYR U 114 43.40 24.48 7.50
CA TYR U 114 44.84 24.45 7.74
C TYR U 114 45.56 24.26 6.42
N THR U 115 46.66 24.98 6.26
CA THR U 115 47.42 25.04 5.02
C THR U 115 48.60 24.08 5.02
N LEU U 116 48.37 22.81 5.35
CA LEU U 116 49.47 21.85 5.36
C LEU U 116 49.27 20.75 4.33
N SER U 117 48.18 20.01 4.42
CA SER U 117 47.94 18.90 3.52
C SER U 117 46.51 18.42 3.65
N THR V 6 57.11 24.85 -17.93
CA THR V 6 56.94 24.43 -19.32
C THR V 6 58.23 23.81 -19.86
N ASN V 7 59.06 23.30 -18.94
CA ASN V 7 60.31 22.64 -19.29
C ASN V 7 60.17 21.15 -19.00
N LEU V 8 60.54 20.32 -19.98
CA LEU V 8 60.38 18.88 -19.83
C LEU V 8 61.31 18.36 -18.74
N SER V 9 60.77 17.48 -17.90
CA SER V 9 61.53 16.90 -16.81
C SER V 9 61.06 15.47 -16.60
N CYS V 10 62.00 14.56 -16.42
CA CYS V 10 61.69 13.15 -16.28
C CYS V 10 61.75 12.82 -14.78
N CYS V 11 60.72 13.27 -14.06
CA CYS V 11 60.67 13.16 -12.61
C CYS V 11 59.51 12.25 -12.23
N ALA V 12 59.84 11.06 -11.70
CA ALA V 12 58.83 10.04 -11.44
C ALA V 12 58.01 10.38 -10.20
N ASN V 13 58.66 10.51 -9.05
CA ASN V 13 57.96 10.91 -7.84
C ASN V 13 57.59 12.37 -7.93
N GLY V 14 56.73 12.71 -8.88
CA GLY V 14 56.45 14.09 -9.19
C GLY V 14 55.28 14.67 -8.42
N GLN V 15 54.22 15.03 -9.12
CA GLN V 15 53.06 15.62 -8.47
C GLN V 15 52.44 14.64 -7.49
N LYS V 16 52.02 15.14 -6.34
CA LYS V 16 51.42 14.35 -5.29
C LYS V 16 50.03 14.89 -4.99
N THR V 17 49.07 13.99 -4.92
CA THR V 17 47.69 14.36 -4.62
C THR V 17 47.35 14.02 -3.17
N ILE V 18 46.35 14.72 -2.65
CA ILE V 18 45.89 14.54 -1.30
C ILE V 18 44.58 13.77 -1.33
N VAL V 19 44.47 12.74 -0.49
CA VAL V 19 43.29 11.90 -0.48
C VAL V 19 42.76 11.81 0.94
N GLN V 20 41.47 11.47 1.04
CA GLN V 20 40.74 11.45 2.30
C GLN V 20 39.95 10.17 2.44
N ASP V 21 39.95 9.62 3.65
CA ASP V 21 39.23 8.41 4.01
C ASP V 21 38.40 8.68 5.26
N LYS V 22 37.52 7.75 5.59
CA LYS V 22 36.64 7.92 6.74
C LYS V 22 36.39 6.58 7.41
N VAL V 23 36.30 6.56 8.73
CA VAL V 23 35.99 5.35 9.48
C VAL V 23 35.05 5.69 10.63
N CYS V 24 34.21 4.71 10.97
CA CYS V 24 33.19 4.84 12.01
C CYS V 24 33.18 3.51 12.76
N ILE V 25 33.21 3.55 14.09
CA ILE V 25 33.08 2.33 14.86
C ILE V 25 32.30 2.59 16.14
N ASP V 26 31.85 1.49 16.75
CA ASP V 26 31.26 1.49 18.08
C ASP V 26 32.19 0.73 19.01
N TRP V 27 32.43 1.28 20.19
CA TRP V 27 33.42 0.73 21.10
C TRP V 27 32.83 0.49 22.48
N THR V 28 33.41 -0.49 23.17
CA THR V 28 33.14 -0.80 24.56
C THR V 28 34.44 -0.77 25.32
N ALA V 29 34.48 -0.06 26.44
CA ALA V 29 35.72 0.21 27.16
C ALA V 29 35.79 -0.62 28.43
N ALA V 30 36.91 -1.32 28.62
CA ALA V 30 37.19 -2.02 29.85
C ALA V 30 38.06 -1.14 30.75
N ALA V 31 38.48 -1.69 31.88
CA ALA V 31 39.36 -0.94 32.79
C ALA V 31 40.83 -1.19 32.49
N THR V 32 41.20 -1.14 31.22
CA THR V 32 42.58 -1.18 30.76
C THR V 32 42.63 -0.42 29.45
N ALA V 33 43.82 0.04 29.10
CA ALA V 33 43.97 0.76 27.83
C ALA V 33 43.68 -0.19 26.68
N ALA V 34 42.81 0.23 25.77
CA ALA V 34 42.43 -0.58 24.61
C ALA V 34 42.74 0.16 23.34
N ILE V 35 43.38 -0.52 22.39
CA ILE V 35 43.71 0.09 21.12
C ILE V 35 42.45 0.24 20.28
N ILE V 36 42.20 1.46 19.81
CA ILE V 36 41.01 1.76 19.03
C ILE V 36 41.33 2.13 17.60
N TYR V 37 42.60 2.42 17.30
CA TYR V 37 43.02 2.82 15.97
C TYR V 37 44.54 2.70 15.87
N ALA V 38 45.03 2.31 14.70
CA ALA V 38 46.47 2.13 14.52
C ALA V 38 46.81 2.26 13.04
N ASP V 39 48.00 2.76 12.76
CA ASP V 39 48.45 2.93 11.39
C ASP V 39 49.96 2.75 11.33
N ASN V 40 50.50 2.91 10.13
CA ASN V 40 51.95 2.96 9.96
C ASN V 40 52.39 4.13 9.10
N ILE V 41 51.48 4.99 8.67
CA ILE V 41 51.85 6.20 7.96
C ILE V 41 51.92 7.34 8.96
N SER V 42 52.90 7.31 9.85
CA SER V 42 52.90 8.26 10.95
C SER V 42 53.39 9.63 10.57
N GLN V 43 54.20 9.75 9.53
CA GLN V 43 54.85 11.01 9.23
C GLN V 43 53.91 12.02 8.58
N ASP V 44 53.00 11.57 7.71
CA ASP V 44 52.09 12.47 7.03
C ASP V 44 50.66 11.95 7.23
N ILE V 45 50.01 12.39 8.29
CA ILE V 45 48.63 12.03 8.54
C ILE V 45 47.97 13.16 9.31
N TYR V 46 46.76 13.53 8.90
CA TYR V 46 45.98 14.54 9.56
C TYR V 46 44.59 13.96 9.76
N ALA V 47 44.11 13.97 11.00
CA ALA V 47 42.85 13.33 11.30
C ALA V 47 41.96 14.26 12.12
N SER V 48 40.69 14.33 11.74
CA SER V 48 39.68 15.09 12.46
C SER V 48 38.53 14.18 12.80
N GLY V 49 37.88 14.45 13.92
CA GLY V 49 36.73 13.64 14.30
C GLY V 49 36.19 13.97 15.67
N TYR V 50 35.38 13.06 16.20
CA TYR V 50 34.79 13.23 17.51
C TYR V 50 34.72 11.88 18.22
N LEU V 51 34.57 11.96 19.54
CA LEU V 51 34.30 10.81 20.39
C LEU V 51 33.07 11.12 21.21
N LYS V 52 32.12 10.19 21.22
CA LYS V 52 30.88 10.32 21.97
C LYS V 52 30.77 9.18 22.96
N VAL V 53 30.57 9.50 24.23
CA VAL V 53 30.39 8.51 25.27
C VAL V 53 28.90 8.36 25.50
N ASP V 54 28.35 7.20 25.15
CA ASP V 54 26.92 7.01 25.12
C ASP V 54 26.39 6.53 26.47
N THR V 55 26.86 5.37 26.94
CA THR V 55 26.35 4.82 28.18
C THR V 55 27.50 4.39 29.06
N GLY V 56 27.23 4.32 30.36
CA GLY V 56 28.17 3.92 31.38
C GLY V 56 28.26 4.97 32.44
N THR V 57 29.29 4.86 33.27
CA THR V 57 29.55 5.84 34.30
C THR V 57 31.04 6.18 34.30
N GLY V 58 31.36 7.34 34.84
CA GLY V 58 32.75 7.74 34.95
C GLY V 58 33.32 8.15 33.61
N PRO V 59 34.28 9.07 33.65
CA PRO V 59 34.83 9.61 32.40
C PRO V 59 35.63 8.57 31.64
N VAL V 60 35.72 8.79 30.33
CA VAL V 60 36.52 7.96 29.43
C VAL V 60 37.65 8.81 28.90
N THR V 61 38.86 8.27 28.92
CA THR V 61 40.06 8.99 28.53
C THR V 61 40.60 8.46 27.21
N ILE V 62 40.78 9.36 26.24
CA ILE V 62 41.32 9.02 24.93
C ILE V 62 42.71 9.63 24.83
N VAL V 63 43.67 8.83 24.35
CA VAL V 63 45.06 9.24 24.25
C VAL V 63 45.59 8.90 22.87
N PHE V 64 46.24 9.88 22.23
CA PHE V 64 46.93 9.69 20.96
C PHE V 64 48.41 9.51 21.22
N TYR V 65 49.01 8.48 20.64
CA TYR V 65 50.39 8.13 20.88
C TYR V 65 51.19 8.19 19.59
N SER V 66 52.35 8.82 19.66
CA SER V 66 53.31 8.86 18.56
C SER V 66 54.52 8.04 18.96
N GLY V 67 54.71 6.89 18.32
CA GLY V 67 55.82 6.03 18.67
C GLY V 67 55.41 4.89 19.57
N GLY V 68 54.27 4.28 19.28
CA GLY V 68 53.79 3.17 20.08
C GLY V 68 53.09 3.63 21.34
N VAL V 69 52.53 2.65 22.05
CA VAL V 69 51.81 2.96 23.28
C VAL V 69 52.76 3.51 24.33
N THR V 70 53.99 3.01 24.36
CA THR V 70 55.01 3.53 25.25
C THR V 70 55.81 4.60 24.51
N GLY V 71 55.08 5.56 23.96
CA GLY V 71 55.70 6.63 23.21
C GLY V 71 55.49 7.98 23.85
N THR V 72 54.90 8.91 23.13
CA THR V 72 54.67 10.26 23.64
C THR V 72 53.20 10.61 23.45
N ALA V 73 52.54 10.99 24.53
CA ALA V 73 51.13 11.34 24.46
C ALA V 73 50.96 12.71 23.83
N VAL V 74 50.86 12.76 22.50
CA VAL V 74 50.72 14.04 21.82
C VAL V 74 49.38 14.70 22.15
N GLU V 75 48.38 13.94 22.55
CA GLU V 75 47.06 14.50 22.88
C GLU V 75 46.34 13.58 23.85
N THR V 76 45.57 14.18 24.75
CA THR V 76 44.79 13.44 25.73
C THR V 76 43.54 14.22 26.07
N ILE V 77 42.39 13.56 26.00
CA ILE V 77 41.10 14.20 26.28
C ILE V 77 40.30 13.30 27.23
N VAL V 78 39.60 13.92 28.17
CA VAL V 78 38.74 13.22 29.13
C VAL V 78 37.30 13.65 28.89
N VAL V 79 36.42 12.69 28.62
CA VAL V 79 35.05 12.96 28.21
C VAL V 79 34.11 12.35 29.23
N ALA V 80 33.14 13.14 29.68
CA ALA V 80 32.13 12.66 30.61
C ALA V 80 31.02 11.92 29.86
N THR V 81 30.22 11.18 30.62
CA THR V 81 29.14 10.40 30.03
C THR V 81 28.00 11.30 29.59
N GLY V 82 27.48 11.05 28.40
CA GLY V 82 26.41 11.85 27.85
C GLY V 82 26.86 13.08 27.09
N SER V 83 28.15 13.26 26.87
CA SER V 83 28.69 14.39 26.14
C SER V 83 29.69 13.88 25.10
N SER V 84 30.24 14.81 24.33
CA SER V 84 31.13 14.47 23.23
C SER V 84 32.32 15.42 23.23
N ALA V 85 33.33 15.07 22.43
CA ALA V 85 34.48 15.95 22.26
C ALA V 85 35.13 15.70 20.91
N SER V 86 35.51 16.77 20.23
CA SER V 86 36.07 16.69 18.89
C SER V 86 37.56 17.03 18.90
N PHE V 87 38.22 16.78 17.78
CA PHE V 87 39.66 16.95 17.72
C PHE V 87 40.14 16.98 16.27
N THR V 88 41.36 17.49 16.09
CA THR V 88 42.17 17.27 14.89
C THR V 88 43.63 17.18 15.32
N VAL V 89 44.34 16.19 14.77
CA VAL V 89 45.67 15.82 15.24
C VAL V 89 46.52 15.39 14.04
N ARG V 90 47.83 15.61 14.13
CA ARG V 90 48.77 15.11 13.13
C ARG V 90 49.90 14.37 13.83
N ARG V 91 50.63 13.58 13.04
CA ARG V 91 51.72 12.74 13.53
C ARG V 91 51.37 12.00 14.82
N PHE V 92 50.49 11.01 14.67
CA PHE V 92 50.21 10.07 15.74
C PHE V 92 50.26 8.65 15.17
N ASP V 93 50.50 7.69 16.04
CA ASP V 93 50.70 6.31 15.63
C ASP V 93 49.58 5.39 16.09
N THR V 94 49.12 5.53 17.33
CA THR V 94 48.02 4.72 17.83
C THR V 94 47.07 5.61 18.63
N VAL V 95 45.88 5.09 18.89
CA VAL V 95 44.92 5.74 19.77
C VAL V 95 44.41 4.70 20.75
N THR V 96 44.33 5.07 22.02
CA THR V 96 43.83 4.16 23.05
C THR V 96 42.73 4.83 23.86
N ILE V 97 41.79 4.00 24.32
CA ILE V 97 40.72 4.45 25.20
C ILE V 97 40.79 3.70 26.53
N LEU V 98 40.48 4.42 27.59
CA LEU V 98 40.51 3.90 28.95
C LEU V 98 39.21 4.28 29.64
N GLY V 99 38.57 3.29 30.28
CA GLY V 99 37.33 3.54 30.99
C GLY V 99 37.28 2.78 32.30
N THR V 100 36.29 3.14 33.11
CA THR V 100 36.05 2.47 34.37
C THR V 100 35.61 1.03 34.10
N ALA V 101 35.68 0.18 35.12
CA ALA V 101 35.25 -1.20 34.97
C ALA V 101 33.75 -1.32 35.06
N ALA V 102 33.06 -0.49 34.28
CA ALA V 102 31.62 -0.53 34.15
C ALA V 102 31.18 -0.72 32.71
N ALA V 103 32.14 -0.92 31.80
CA ALA V 103 31.87 -1.20 30.39
C ALA V 103 31.03 -0.08 29.75
N GLU V 104 31.59 1.12 29.75
CA GLU V 104 30.99 2.21 29.00
C GLU V 104 31.06 1.88 27.51
N THR V 105 30.12 2.44 26.76
CA THR V 105 30.13 2.22 25.32
C THR V 105 29.74 3.51 24.60
N GLY V 106 30.20 3.60 23.36
CA GLY V 106 29.97 4.80 22.58
C GLY V 106 30.43 4.64 21.16
N GLU V 107 30.60 5.77 20.48
CA GLU V 107 30.94 5.81 19.05
C GLU V 107 32.29 6.47 18.85
N PHE V 108 32.80 6.36 17.62
CA PHE V 108 34.08 6.97 17.26
C PHE V 108 34.13 7.15 15.76
N CYS V 109 34.22 8.40 15.31
CA CYS V 109 34.24 8.75 13.90
C CYS V 109 35.51 9.55 13.59
N MET V 110 36.12 9.28 12.44
CA MET V 110 37.36 9.96 12.09
C MET V 110 37.55 10.02 10.59
N THR V 111 37.91 11.20 10.08
CA THR V 111 38.30 11.40 8.70
C THR V 111 39.80 11.62 8.63
N ILE V 112 40.45 11.00 7.66
CA ILE V 112 41.90 10.90 7.59
C ILE V 112 42.37 11.47 6.26
N ARG V 113 43.37 12.35 6.30
CA ARG V 113 43.96 12.91 5.10
C ARG V 113 45.40 12.45 4.97
N TYR V 114 45.77 11.99 3.79
CA TYR V 114 47.18 11.73 3.54
C TYR V 114 47.52 12.08 2.11
N THR V 115 48.67 12.70 1.92
CA THR V 115 49.12 13.23 0.65
C THR V 115 50.03 12.27 -0.10
N LEU V 116 49.62 11.03 -0.26
CA LEU V 116 50.45 10.07 -0.97
C LEU V 116 49.79 9.56 -2.24
N SER V 117 48.61 8.95 -2.14
CA SER V 117 47.94 8.39 -3.29
C SER V 117 46.51 8.04 -2.93
N THR W 6 47.00 23.50 -24.58
CA THR W 6 46.20 24.41 -25.39
C THR W 6 46.73 24.48 -26.82
N ASN W 7 47.42 23.42 -27.25
CA ASN W 7 47.96 23.32 -28.60
C ASN W 7 47.19 22.24 -29.35
N LEU W 8 46.73 22.58 -30.55
CA LEU W 8 45.92 21.64 -31.32
C LEU W 8 46.75 20.44 -31.72
N SER W 9 46.16 19.26 -31.59
CA SER W 9 46.82 18.01 -31.92
C SER W 9 45.79 17.04 -32.47
N CYS W 10 46.12 16.36 -33.55
CA CYS W 10 45.20 15.45 -34.22
C CYS W 10 45.59 14.04 -33.78
N CYS W 11 45.24 13.70 -32.54
CA CYS W 11 45.63 12.45 -31.91
C CYS W 11 44.37 11.64 -31.64
N ALA W 12 44.19 10.54 -32.36
CA ALA W 12 42.96 9.76 -32.28
C ALA W 12 42.90 8.94 -30.99
N ASN W 13 43.86 8.05 -30.79
CA ASN W 13 43.92 7.29 -29.55
C ASN W 13 44.35 8.19 -28.42
N GLY W 14 43.52 9.17 -28.10
CA GLY W 14 43.89 10.23 -27.18
C GLY W 14 43.53 9.93 -25.74
N GLN W 15 42.63 10.73 -25.18
CA GLN W 15 42.24 10.55 -23.79
C GLN W 15 41.56 9.19 -23.61
N LYS W 16 41.88 8.54 -22.50
CA LYS W 16 41.34 7.24 -22.17
C LYS W 16 40.61 7.32 -20.83
N THR W 17 39.42 6.76 -20.79
CA THR W 17 38.60 6.75 -19.59
C THR W 17 38.66 5.38 -18.94
N ILE W 18 38.39 5.36 -17.64
CA ILE W 18 38.39 4.14 -16.86
C ILE W 18 36.95 3.75 -16.57
N VAL W 19 36.61 2.49 -16.79
CA VAL W 19 35.24 2.02 -16.60
C VAL W 19 35.25 0.81 -15.69
N GLN W 20 34.09 0.56 -15.09
CA GLN W 20 33.93 -0.48 -14.08
C GLN W 20 32.69 -1.31 -14.38
N ASP W 21 32.82 -2.62 -14.17
CA ASP W 21 31.75 -3.59 -14.35
C ASP W 21 31.64 -4.44 -13.10
N LYS W 22 30.58 -5.24 -13.01
CA LYS W 22 30.35 -6.08 -11.84
C LYS W 22 29.68 -7.37 -12.26
N VAL W 23 30.05 -8.48 -11.61
CA VAL W 23 29.44 -9.78 -11.86
C VAL W 23 29.24 -10.52 -10.55
N CYS W 24 28.18 -11.33 -10.52
CA CYS W 24 27.80 -12.10 -9.34
C CYS W 24 27.37 -13.47 -9.85
N ILE W 25 27.85 -14.54 -9.24
CA ILE W 25 27.38 -15.87 -9.60
C ILE W 25 27.31 -16.77 -8.37
N ASP W 26 26.60 -17.88 -8.54
CA ASP W 26 26.58 -18.97 -7.56
C ASP W 26 27.23 -20.18 -8.20
N TRP W 27 28.10 -20.85 -7.45
CA TRP W 27 28.92 -21.93 -8.00
C TRP W 27 28.78 -23.19 -7.16
N THR W 28 28.95 -24.32 -7.84
CA THR W 28 29.05 -25.64 -7.24
C THR W 28 30.35 -26.28 -7.68
N ALA W 29 31.12 -26.80 -6.73
CA ALA W 29 32.47 -27.27 -6.98
C ALA W 29 32.53 -28.78 -6.99
N ALA W 30 33.12 -29.34 -8.04
CA ALA W 30 33.40 -30.77 -8.10
C ALA W 30 34.83 -31.03 -7.64
N ALA W 31 35.27 -32.29 -7.75
CA ALA W 31 36.64 -32.61 -7.38
C ALA W 31 37.58 -32.54 -8.57
N THR W 32 37.49 -31.47 -9.35
CA THR W 32 38.40 -31.14 -10.43
C THR W 32 38.40 -29.62 -10.56
N ALA W 33 39.46 -29.09 -11.15
CA ALA W 33 39.51 -27.65 -11.35
C ALA W 33 38.41 -27.22 -12.32
N ALA W 34 37.64 -26.23 -11.93
CA ALA W 34 36.54 -25.73 -12.74
C ALA W 34 36.75 -24.26 -13.03
N ILE W 35 36.59 -23.87 -14.29
CA ILE W 35 36.73 -22.48 -14.69
C ILE W 35 35.54 -21.68 -14.19
N ILE W 36 35.80 -20.60 -13.47
CA ILE W 36 34.75 -19.77 -12.91
C ILE W 36 34.73 -18.37 -13.52
N TYR W 37 35.78 -17.99 -14.23
CA TYR W 37 35.87 -16.67 -14.84
C TYR W 37 36.98 -16.69 -15.88
N ALA W 38 36.78 -15.95 -16.97
CA ALA W 38 37.77 -15.92 -18.05
C ALA W 38 37.61 -14.65 -18.84
N ASP W 39 38.72 -14.14 -19.37
CA ASP W 39 38.70 -12.92 -20.16
C ASP W 39 39.79 -13.01 -21.22
N ASN W 40 39.90 -11.93 -22.01
CA ASN W 40 41.01 -11.79 -22.94
C ASN W 40 41.68 -10.43 -22.84
N ILE W 41 41.25 -9.57 -21.92
CA ILE W 41 41.93 -8.30 -21.68
C ILE W 41 42.89 -8.49 -20.53
N SER W 42 43.96 -9.26 -20.74
CA SER W 42 44.80 -9.64 -19.63
C SER W 42 45.78 -8.55 -19.20
N GLN W 43 46.12 -7.64 -20.10
CA GLN W 43 47.19 -6.69 -19.81
C GLN W 43 46.75 -5.57 -18.89
N ASP W 44 45.50 -5.11 -19.01
CA ASP W 44 45.00 -4.01 -18.18
C ASP W 44 43.69 -4.44 -17.56
N ILE W 45 43.75 -5.06 -16.39
CA ILE W 45 42.55 -5.44 -15.67
C ILE W 45 42.87 -5.43 -14.19
N TYR W 46 41.96 -4.87 -13.40
CA TYR W 46 42.07 -4.82 -11.96
C TYR W 46 40.75 -5.29 -11.39
N ALA W 47 40.78 -6.30 -10.54
CA ALA W 47 39.55 -6.90 -10.04
C ALA W 47 39.59 -7.03 -8.53
N SER W 48 38.50 -6.64 -7.88
CA SER W 48 38.33 -6.80 -6.44
C SER W 48 37.06 -7.59 -6.18
N GLY W 49 37.05 -8.34 -5.08
CA GLY W 49 35.87 -9.09 -4.75
C GLY W 49 36.06 -10.02 -3.58
N TYR W 50 35.13 -10.96 -3.43
CA TYR W 50 35.18 -11.94 -2.36
C TYR W 50 34.69 -13.28 -2.87
N LEU W 51 35.04 -14.33 -2.13
CA LEU W 51 34.51 -15.67 -2.33
C LEU W 51 33.97 -16.16 -1.00
N LYS W 52 32.75 -16.67 -1.01
CA LYS W 52 32.08 -17.20 0.17
C LYS W 52 31.74 -18.66 -0.06
N VAL W 53 32.17 -19.51 0.86
CA VAL W 53 31.87 -20.94 0.80
C VAL W 53 30.69 -21.18 1.71
N ASP W 54 29.55 -21.53 1.12
CA ASP W 54 28.30 -21.60 1.87
C ASP W 54 28.08 -22.97 2.49
N THR W 55 28.02 -24.01 1.67
CA THR W 55 27.76 -25.35 2.19
C THR W 55 28.74 -26.34 1.60
N GLY W 56 28.91 -27.45 2.32
CA GLY W 56 29.79 -28.52 1.95
C GLY W 56 30.76 -28.81 3.07
N THR W 57 31.79 -29.57 2.74
CA THR W 57 32.85 -29.88 3.69
C THR W 57 34.19 -29.73 2.99
N GLY W 58 35.23 -29.50 3.80
CA GLY W 58 36.57 -29.40 3.27
C GLY W 58 36.79 -28.07 2.58
N PRO W 59 38.03 -27.60 2.59
CA PRO W 59 38.32 -26.28 2.05
C PRO W 59 38.16 -26.24 0.53
N VAL W 60 37.91 -25.05 0.03
CA VAL W 60 37.83 -24.78 -1.41
C VAL W 60 38.99 -23.88 -1.79
N THR W 61 39.67 -24.23 -2.88
CA THR W 61 40.87 -23.51 -3.31
C THR W 61 40.57 -22.74 -4.59
N ILE W 62 40.86 -21.43 -4.56
CA ILE W 62 40.67 -20.54 -5.70
C ILE W 62 42.05 -20.14 -6.20
N VAL W 63 42.24 -20.22 -7.52
CA VAL W 63 43.53 -19.93 -8.14
C VAL W 63 43.32 -18.98 -9.32
N PHE W 64 44.12 -17.92 -9.37
CA PHE W 64 44.14 -16.99 -10.49
C PHE W 64 45.31 -17.33 -11.39
N TYR W 65 45.06 -17.44 -12.69
CA TYR W 65 46.06 -17.86 -13.65
C TYR W 65 46.29 -16.77 -14.68
N SER W 66 47.56 -16.49 -14.96
CA SER W 66 47.97 -15.58 -16.02
C SER W 66 48.65 -16.40 -17.10
N GLY W 67 48.00 -16.52 -18.25
CA GLY W 67 48.55 -17.31 -19.33
C GLY W 67 47.95 -18.70 -19.40
N GLY W 68 46.63 -18.78 -19.24
CA GLY W 68 45.94 -20.05 -19.31
C GLY W 68 46.05 -20.82 -18.02
N VAL W 69 45.34 -21.95 -17.97
CA VAL W 69 45.34 -22.79 -16.77
C VAL W 69 46.72 -23.36 -16.53
N THR W 70 47.45 -23.69 -17.58
CA THR W 70 48.83 -24.14 -17.47
C THR W 70 49.77 -22.95 -17.60
N GLY W 71 49.49 -21.94 -16.77
CA GLY W 71 50.27 -20.72 -16.80
C GLY W 71 51.02 -20.49 -15.51
N THR W 72 50.78 -19.35 -14.87
CA THR W 72 51.45 -19.01 -13.63
C THR W 72 50.41 -18.63 -12.60
N ALA W 73 50.43 -19.30 -11.44
CA ALA W 73 49.48 -19.02 -10.39
C ALA W 73 49.84 -17.72 -9.69
N VAL W 74 49.34 -16.60 -10.19
CA VAL W 74 49.65 -15.31 -9.58
C VAL W 74 49.04 -15.18 -8.20
N GLU W 75 47.98 -15.93 -7.89
CA GLU W 75 47.34 -15.86 -6.59
C GLU W 75 46.62 -17.17 -6.29
N THR W 76 46.62 -17.56 -5.03
CA THR W 76 45.96 -18.78 -4.58
C THR W 76 45.47 -18.60 -3.16
N ILE W 77 44.19 -18.89 -2.92
CA ILE W 77 43.60 -18.74 -1.59
C ILE W 77 42.82 -20.01 -1.25
N VAL W 78 42.90 -20.43 0.01
CA VAL W 78 42.18 -21.60 0.50
C VAL W 78 41.18 -21.13 1.55
N VAL W 79 39.91 -21.44 1.35
CA VAL W 79 38.82 -20.93 2.17
C VAL W 79 38.10 -22.10 2.82
N ALA W 80 37.89 -22.00 4.13
CA ALA W 80 37.15 -23.02 4.86
C ALA W 80 35.65 -22.81 4.71
N THR W 81 34.88 -23.83 5.06
CA THR W 81 33.42 -23.77 4.94
C THR W 81 32.84 -22.89 6.02
N GLY W 82 31.89 -22.03 5.64
CA GLY W 82 31.28 -21.12 6.57
C GLY W 82 32.01 -19.80 6.74
N SER W 83 33.05 -19.54 5.97
CA SER W 83 33.81 -18.31 6.04
C SER W 83 34.00 -17.75 4.62
N SER W 84 34.66 -16.59 4.54
CA SER W 84 34.83 -15.89 3.28
C SER W 84 36.25 -15.38 3.16
N ALA W 85 36.60 -14.93 1.96
CA ALA W 85 37.92 -14.33 1.75
C ALA W 85 37.85 -13.36 0.59
N SER W 86 38.48 -12.20 0.73
CA SER W 86 38.42 -11.15 -0.27
C SER W 86 39.78 -10.99 -0.95
N PHE W 87 39.80 -10.21 -2.02
CA PHE W 87 41.02 -10.08 -2.83
C PHE W 87 40.93 -8.89 -3.76
N THR W 88 42.09 -8.48 -4.26
CA THR W 88 42.23 -7.62 -5.44
C THR W 88 43.48 -8.04 -6.20
N VAL W 89 43.36 -8.17 -7.51
CA VAL W 89 44.38 -8.78 -8.36
C VAL W 89 44.43 -8.06 -9.70
N ARG W 90 45.61 -8.02 -10.31
CA ARG W 90 45.77 -7.49 -11.66
C ARG W 90 46.51 -8.51 -12.52
N ARG W 91 46.42 -8.33 -13.83
CA ARG W 91 47.02 -9.22 -14.82
C ARG W 91 46.79 -10.69 -14.50
N PHE W 92 45.55 -11.12 -14.68
CA PHE W 92 45.19 -12.52 -14.63
C PHE W 92 44.32 -12.85 -15.84
N ASP W 93 44.31 -14.12 -16.20
CA ASP W 93 43.64 -14.55 -17.41
C ASP W 93 42.43 -15.44 -17.12
N THR W 94 42.55 -16.37 -16.17
CA THR W 94 41.43 -17.22 -15.80
C THR W 94 41.39 -17.37 -14.29
N VAL W 95 40.27 -17.85 -13.77
CA VAL W 95 40.12 -18.20 -12.37
C VAL W 95 39.53 -19.59 -12.29
N THR W 96 40.07 -20.43 -11.41
CA THR W 96 39.55 -21.77 -11.24
C THR W 96 39.30 -22.05 -9.76
N ILE W 97 38.29 -22.89 -9.51
CA ILE W 97 37.95 -23.33 -8.17
C ILE W 97 38.07 -24.85 -8.10
N LEU W 98 38.54 -25.33 -6.95
CA LEU W 98 38.75 -26.75 -6.70
C LEU W 98 38.15 -27.08 -5.34
N GLY W 99 37.36 -28.15 -5.29
CA GLY W 99 36.73 -28.58 -4.06
C GLY W 99 36.74 -30.09 -3.91
N THR W 100 36.40 -30.53 -2.72
CA THR W 100 36.29 -31.94 -2.43
C THR W 100 35.12 -32.53 -3.22
N ALA W 101 35.09 -33.85 -3.35
CA ALA W 101 33.99 -34.51 -4.05
C ALA W 101 32.76 -34.63 -3.16
N ALA W 102 32.38 -33.49 -2.57
CA ALA W 102 31.18 -33.39 -1.78
C ALA W 102 30.26 -32.29 -2.29
N ALA W 103 30.61 -31.67 -3.41
CA ALA W 103 29.79 -30.65 -4.08
C ALA W 103 29.48 -29.49 -3.13
N GLU W 104 30.54 -28.82 -2.69
CA GLU W 104 30.36 -27.58 -1.96
C GLU W 104 29.75 -26.53 -2.89
N THR W 105 29.05 -25.58 -2.30
CA THR W 105 28.48 -24.51 -3.10
C THR W 105 28.57 -23.19 -2.36
N GLY W 106 28.57 -22.13 -3.14
CA GLY W 106 28.75 -20.80 -2.58
C GLY W 106 28.55 -19.71 -3.62
N GLU W 107 29.03 -18.52 -3.30
CA GLU W 107 28.85 -17.34 -4.12
C GLU W 107 30.20 -16.81 -4.62
N PHE W 108 30.13 -15.87 -5.56
CA PHE W 108 31.33 -15.25 -6.10
C PHE W 108 30.97 -13.91 -6.70
N CYS W 109 31.52 -12.83 -6.15
CA CYS W 109 31.26 -11.47 -6.59
C CYS W 109 32.56 -10.80 -6.98
N MET W 110 32.53 -10.00 -8.05
CA MET W 110 33.75 -9.36 -8.52
C MET W 110 33.43 -8.08 -9.28
N THR W 111 34.14 -7.01 -8.97
CA THR W 111 34.09 -5.75 -9.71
C THR W 111 35.38 -5.59 -10.51
N ILE W 112 35.25 -5.16 -11.75
CA ILE W 112 36.33 -5.18 -12.73
C ILE W 112 36.55 -3.77 -13.27
N ARG W 113 37.80 -3.32 -13.27
CA ARG W 113 38.16 -2.03 -13.81
C ARG W 113 39.02 -2.21 -15.06
N TYR W 114 38.68 -1.49 -16.12
CA TYR W 114 39.58 -1.46 -17.26
C TYR W 114 39.55 -0.08 -17.89
N THR W 115 40.72 0.39 -18.28
CA THR W 115 40.93 1.75 -18.79
C THR W 115 40.91 1.80 -20.30
N LEU W 116 39.89 1.23 -20.94
CA LEU W 116 39.82 1.27 -22.39
C LEU W 116 38.61 2.05 -22.89
N SER W 117 37.41 1.64 -22.52
CA SER W 117 36.21 2.28 -23.00
C SER W 117 35.01 1.81 -22.19
#